data_9NO0
#
_entry.id   9NO0
#
_cell.length_a   1.00
_cell.length_b   1.00
_cell.length_c   1.00
_cell.angle_alpha   90.00
_cell.angle_beta   90.00
_cell.angle_gamma   90.00
#
_symmetry.space_group_name_H-M   'P 1'
#
loop_
_entity.id
_entity.type
_entity.pdbx_description
1 polymer 'Polyribonucleotide nucleotidyltransferase 1, mitochondrial'
2 polymer 'RNA analog'
3 non-polymer 'PHOSPHATE ION'
#
loop_
_entity_poly.entity_id
_entity_poly.type
_entity_poly.pdbx_seq_one_letter_code
_entity_poly.pdbx_strand_id
1 'polypeptide(L)'
;MAVAVDLGNRKLEISSGKLARFADGSAVVQSGDTAVMVTAVSKTKPSPSQFMPLVVDYRQKAAAAGRIPTNYLRREIGTS
DKEILTSRIIDRSIRPLFPAGYFYDTQVLCNLLAVDGVNEPDVLAINGASVALSLSDIPWNGPVGAVRIGIIDGEYVVNP
TRKEMSSSTLNLVVAGAPKSQIVMLEASAENILQQDFCHAIKVGVKYTQQIIQGIQQLVKETGVTKRTPQKLFTPSPEIV
KYTHKLAMERLYAVFTDYEHDKVSRDEAVNKIRLDTEEQLKEKFPEADPYEIIESFNVVAKEVFRSIVLNEYKRCDGRDL
TSLRNVSCEVDMFKTLHGSALFQRGQTQVLCTVTFDSLESGIKSDQVITAINGIKDKNFMLHYEFPPYATNEIGKVTGLN
RRELGHGALAEKALYPVIPRDFPFTIRVTSEVLESNGSSSMASACGGSLALMDSGVPISSAVAGVAIGLVTKTDPEKGEI
EDYRLLTDILGIEDYNGDMDFKIAGTNKGITALQADIKLPGIPIKIVMEAIQQASVAKKEILQIMNKTISKPRASRKENG
PVVETVQVPLSKRAKFVGPGGYNLKKLQAETGVTISQVDEETFSVFAPTPSAMHEARDFITEICKDDQEQQLEFGAVYTA
TITEIRDTGVMVKLYPNMTAVLLHNTQLDQRKIKHPTALGLEVGQEIQVKYFGRDPADGRMRLSRKVLQSPATTVVRTLN
DRSSIVMGEPISQSSSNSQSGSGSAWSHPQFEKGGGSGGGSGGSAWSHPQFEK
;
A,B,C
2 'polyribonucleotide' ACAUAA D
#
loop_
_chem_comp.id
_chem_comp.type
_chem_comp.name
_chem_comp.formula
A RNA linking ADENOSINE-5'-MONOPHOSPHATE 'C10 H14 N5 O7 P'
C RNA linking CYTIDINE-5'-MONOPHOSPHATE 'C9 H14 N3 O8 P'
PO4 non-polymer 'PHOSPHATE ION' 'O4 P -3'
U RNA linking URIDINE-5'-MONOPHOSPHATE 'C9 H13 N2 O9 P'
#
# COMPACT_ATOMS: atom_id res chain seq x y z
N ALA A 2 -5.16 -24.12 -33.90
CA ALA A 2 -4.58 -22.84 -34.27
C ALA A 2 -5.25 -22.28 -35.51
N VAL A 3 -5.51 -20.97 -35.50
CA VAL A 3 -6.16 -20.28 -36.60
C VAL A 3 -5.37 -19.02 -36.90
N ALA A 4 -5.12 -18.75 -38.17
CA ALA A 4 -4.47 -17.54 -38.61
C ALA A 4 -5.51 -16.64 -39.27
N VAL A 5 -5.51 -15.36 -38.90
CA VAL A 5 -6.39 -14.36 -39.46
C VAL A 5 -5.54 -13.33 -40.17
N ASP A 6 -5.85 -13.06 -41.42
CA ASP A 6 -5.11 -12.08 -42.21
C ASP A 6 -5.84 -10.75 -42.17
N LEU A 7 -5.14 -9.71 -41.73
CA LEU A 7 -5.68 -8.35 -41.66
C LEU A 7 -4.79 -7.47 -42.52
N GLY A 8 -5.08 -7.43 -43.81
CA GLY A 8 -4.20 -6.71 -44.72
C GLY A 8 -2.84 -7.35 -44.71
N ASN A 9 -1.83 -6.56 -44.36
CA ASN A 9 -0.46 -7.06 -44.26
C ASN A 9 -0.14 -7.63 -42.88
N ARG A 10 -1.06 -7.56 -41.93
CA ARG A 10 -0.85 -8.15 -40.62
C ARG A 10 -1.35 -9.58 -40.60
N LYS A 11 -0.76 -10.38 -39.72
CA LYS A 11 -1.17 -11.76 -39.51
C LYS A 11 -1.43 -11.96 -38.01
N LEU A 12 -2.56 -12.56 -37.69
CA LEU A 12 -2.96 -12.80 -36.31
C LEU A 12 -3.07 -14.30 -36.08
N GLU A 13 -2.24 -14.83 -35.20
CA GLU A 13 -2.23 -16.25 -34.90
C GLU A 13 -2.88 -16.50 -33.55
N ILE A 14 -3.90 -17.35 -33.53
CA ILE A 14 -4.64 -17.68 -32.33
C ILE A 14 -4.46 -19.16 -32.05
N SER A 15 -4.21 -19.50 -30.79
CA SER A 15 -4.01 -20.89 -30.41
C SER A 15 -4.48 -21.09 -28.99
N SER A 16 -4.70 -22.36 -28.64
CA SER A 16 -5.14 -22.71 -27.30
C SER A 16 -4.84 -24.18 -27.07
N GLY A 17 -4.89 -24.58 -25.80
CA GLY A 17 -4.71 -25.96 -25.43
C GLY A 17 -3.29 -26.35 -25.05
N LYS A 18 -2.36 -25.40 -24.99
CA LYS A 18 -0.99 -25.71 -24.64
C LYS A 18 -0.58 -25.19 -23.26
N LEU A 19 -0.85 -23.92 -22.97
CA LEU A 19 -0.46 -23.31 -21.72
C LEU A 19 -1.67 -23.09 -20.83
N ALA A 20 -1.44 -23.19 -19.52
CA ALA A 20 -2.42 -22.86 -18.50
C ALA A 20 -3.73 -23.61 -18.72
N ARG A 21 -3.63 -24.93 -18.75
CA ARG A 21 -4.77 -25.77 -19.07
C ARG A 21 -5.74 -25.93 -17.93
N PHE A 22 -5.41 -25.44 -16.73
CA PHE A 22 -6.35 -25.53 -15.62
C PHE A 22 -7.38 -24.43 -15.64
N ALA A 23 -7.10 -23.30 -16.28
CA ALA A 23 -8.06 -22.21 -16.29
C ALA A 23 -9.28 -22.58 -17.12
N ASP A 24 -10.40 -21.92 -16.80
CA ASP A 24 -11.64 -22.17 -17.53
C ASP A 24 -11.47 -21.89 -19.02
N GLY A 25 -10.81 -20.79 -19.35
CA GLY A 25 -10.45 -20.50 -20.73
C GLY A 25 -9.06 -19.95 -20.79
N SER A 26 -8.39 -20.22 -21.90
CA SER A 26 -7.03 -19.75 -22.10
C SER A 26 -6.76 -19.63 -23.58
N ALA A 27 -5.98 -18.64 -23.96
CA ALA A 27 -5.65 -18.45 -25.36
C ALA A 27 -4.32 -17.74 -25.47
N VAL A 28 -3.61 -18.01 -26.55
CA VAL A 28 -2.41 -17.29 -26.91
C VAL A 28 -2.69 -16.58 -28.23
N VAL A 29 -2.46 -15.27 -28.26
CA VAL A 29 -2.63 -14.50 -29.46
C VAL A 29 -1.27 -13.93 -29.82
N GLN A 30 -0.81 -14.24 -31.02
CA GLN A 30 0.51 -13.85 -31.46
C GLN A 30 0.40 -13.03 -32.73
N SER A 31 1.15 -11.94 -32.78
CA SER A 31 1.30 -11.14 -34.00
C SER A 31 2.76 -10.80 -34.15
N GLY A 32 3.38 -11.27 -35.22
CA GLY A 32 4.82 -11.13 -35.34
C GLY A 32 5.48 -11.98 -34.27
N ASP A 33 6.34 -11.36 -33.47
CA ASP A 33 6.99 -12.03 -32.36
C ASP A 33 6.41 -11.61 -31.01
N THR A 34 5.31 -10.88 -31.00
CA THR A 34 4.63 -10.53 -29.77
C THR A 34 3.57 -11.58 -29.48
N ALA A 35 3.62 -12.17 -28.30
CA ALA A 35 2.64 -13.16 -27.89
C ALA A 35 2.04 -12.76 -26.56
N VAL A 36 0.74 -12.93 -26.43
CA VAL A 36 0.01 -12.60 -25.22
C VAL A 36 -0.84 -13.79 -24.84
N MET A 37 -0.75 -14.22 -23.60
CA MET A 37 -1.61 -15.27 -23.07
C MET A 37 -2.69 -14.63 -22.21
N VAL A 38 -3.93 -15.03 -22.43
CA VAL A 38 -5.06 -14.50 -21.68
C VAL A 38 -5.85 -15.66 -21.11
N THR A 39 -6.18 -15.57 -19.83
CA THR A 39 -6.95 -16.60 -19.16
C THR A 39 -8.21 -16.00 -18.56
N ALA A 40 -9.24 -16.82 -18.47
CA ALA A 40 -10.52 -16.42 -17.87
C ALA A 40 -10.91 -17.45 -16.83
N VAL A 41 -11.24 -16.96 -15.63
CA VAL A 41 -11.68 -17.79 -14.52
C VAL A 41 -13.00 -17.23 -14.02
N SER A 42 -13.96 -18.10 -13.77
CA SER A 42 -15.28 -17.67 -13.30
C SER A 42 -15.79 -18.68 -12.29
N LYS A 43 -16.08 -18.23 -11.08
CA LYS A 43 -16.54 -19.11 -10.04
C LYS A 43 -17.92 -19.65 -10.34
N THR A 44 -18.21 -20.83 -9.81
CA THR A 44 -19.53 -21.43 -9.95
C THR A 44 -20.49 -21.07 -8.83
N LYS A 45 -19.97 -20.66 -7.68
CA LYS A 45 -20.84 -20.21 -6.60
C LYS A 45 -21.25 -18.75 -6.83
N PRO A 46 -22.53 -18.42 -6.71
CA PRO A 46 -22.94 -17.03 -6.92
C PRO A 46 -22.25 -16.08 -5.96
N SER A 47 -21.89 -14.91 -6.48
CA SER A 47 -21.21 -13.91 -5.66
C SER A 47 -22.18 -13.28 -4.67
N PRO A 48 -21.73 -12.98 -3.45
CA PRO A 48 -22.60 -12.27 -2.51
C PRO A 48 -22.95 -10.87 -2.98
N SER A 49 -22.13 -10.29 -3.84
CA SER A 49 -22.44 -8.98 -4.42
C SER A 49 -23.69 -9.07 -5.29
N GLN A 50 -24.41 -7.95 -5.36
CA GLN A 50 -25.64 -7.87 -6.14
C GLN A 50 -25.40 -7.44 -7.58
N PHE A 51 -24.17 -7.52 -8.06
CA PHE A 51 -23.87 -7.20 -9.45
C PHE A 51 -22.92 -8.28 -9.97
N MET A 52 -22.44 -8.12 -11.20
CA MET A 52 -21.47 -9.03 -11.75
C MET A 52 -20.08 -8.53 -11.40
N PRO A 53 -19.32 -9.22 -10.58
CA PRO A 53 -17.96 -8.80 -10.28
C PRO A 53 -17.02 -9.28 -11.36
N LEU A 54 -16.56 -8.35 -12.19
CA LEU A 54 -15.66 -8.66 -13.29
C LEU A 54 -14.42 -7.79 -13.14
N VAL A 55 -13.26 -8.43 -13.09
CA VAL A 55 -11.98 -7.73 -12.99
C VAL A 55 -11.14 -8.14 -14.18
N VAL A 56 -10.51 -7.16 -14.83
CA VAL A 56 -9.54 -7.40 -15.88
C VAL A 56 -8.22 -6.83 -15.41
N ASP A 57 -7.18 -7.65 -15.44
CA ASP A 57 -5.84 -7.23 -15.03
C ASP A 57 -4.88 -7.49 -16.16
N TYR A 58 -4.29 -6.43 -16.68
CA TYR A 58 -3.31 -6.50 -17.75
C TYR A 58 -1.95 -6.09 -17.18
N ARG A 59 -1.01 -7.02 -17.16
CA ARG A 59 0.30 -6.80 -16.56
C ARG A 59 1.35 -6.68 -17.64
N GLN A 60 2.14 -5.61 -17.57
CA GLN A 60 3.17 -5.37 -18.58
C GLN A 60 4.26 -6.42 -18.53
N LYS A 61 4.77 -6.73 -17.34
CA LYS A 61 5.77 -7.78 -17.15
C LYS A 61 6.97 -7.55 -18.07
N ALA A 62 7.70 -6.49 -17.76
CA ALA A 62 8.74 -6.01 -18.67
C ALA A 62 9.93 -6.96 -18.80
N ALA A 63 9.91 -8.13 -18.18
CA ALA A 63 10.85 -9.18 -18.56
C ALA A 63 10.63 -9.63 -20.00
N ALA A 64 9.38 -9.53 -20.48
CA ALA A 64 9.10 -9.82 -21.88
C ALA A 64 9.76 -8.82 -22.82
N ALA A 65 10.18 -7.66 -22.31
CA ALA A 65 10.94 -6.69 -23.10
C ALA A 65 12.40 -6.58 -22.67
N GLY A 66 12.79 -7.20 -21.57
CA GLY A 66 14.16 -7.09 -21.08
C GLY A 66 14.43 -5.89 -20.19
N ARG A 67 13.39 -5.28 -19.59
CA ARG A 67 13.58 -4.02 -18.88
C ARG A 67 12.71 -3.93 -17.63
N ILE A 68 12.51 -5.03 -16.92
CA ILE A 68 11.63 -5.02 -15.74
C ILE A 68 12.31 -4.55 -14.45
N PRO A 69 13.50 -5.03 -14.07
CA PRO A 69 13.96 -4.81 -12.69
C PRO A 69 14.68 -3.49 -12.50
N THR A 70 13.96 -2.39 -12.26
CA THR A 70 14.58 -1.08 -12.27
C THR A 70 14.81 -0.48 -10.89
N ASN A 71 14.08 -0.92 -9.86
CA ASN A 71 14.15 -0.33 -8.53
C ASN A 71 15.19 -1.07 -7.69
N TYR A 72 15.21 -0.83 -6.38
CA TYR A 72 16.14 -1.51 -5.50
C TYR A 72 15.71 -2.95 -5.23
N LEU A 73 14.41 -3.25 -5.30
CA LEU A 73 13.94 -4.61 -5.17
C LEU A 73 14.06 -5.42 -6.45
N ARG A 74 14.38 -4.76 -7.57
CA ARG A 74 14.51 -5.42 -8.87
C ARG A 74 13.22 -6.10 -9.30
N ARG A 75 12.09 -5.52 -8.91
CA ARG A 75 10.79 -6.10 -9.16
C ARG A 75 9.76 -4.98 -9.23
N GLU A 76 8.74 -5.17 -10.06
CA GLU A 76 7.73 -4.14 -10.23
C GLU A 76 6.99 -3.88 -8.93
N ILE A 77 6.71 -2.61 -8.67
CA ILE A 77 5.91 -2.18 -7.52
C ILE A 77 4.73 -1.39 -8.06
N GLY A 78 3.51 -1.87 -7.79
CA GLY A 78 2.32 -1.21 -8.27
C GLY A 78 2.09 -1.44 -9.74
N THR A 79 1.01 -0.82 -10.23
CA THR A 79 0.62 -0.92 -11.63
C THR A 79 0.70 0.45 -12.28
N SER A 80 1.31 0.50 -13.46
CA SER A 80 1.51 1.77 -14.13
C SER A 80 0.19 2.30 -14.71
N ASP A 81 0.26 3.53 -15.22
CA ASP A 81 -0.92 4.12 -15.86
C ASP A 81 -1.33 3.34 -17.09
N LYS A 82 -0.35 2.95 -17.91
CA LYS A 82 -0.66 2.25 -19.15
C LYS A 82 -1.35 0.92 -18.88
N GLU A 83 -0.91 0.20 -17.85
CA GLU A 83 -1.55 -1.07 -17.52
C GLU A 83 -3.00 -0.86 -17.10
N ILE A 84 -3.26 0.18 -16.31
CA ILE A 84 -4.61 0.45 -15.87
C ILE A 84 -5.51 0.82 -17.04
N LEU A 85 -5.00 1.65 -17.95
CA LEU A 85 -5.80 2.07 -19.10
C LEU A 85 -6.11 0.91 -20.01
N THR A 86 -5.13 0.03 -20.24
CA THR A 86 -5.37 -1.14 -21.08
C THR A 86 -6.39 -2.07 -20.43
N SER A 87 -6.32 -2.20 -19.11
CA SER A 87 -7.28 -3.05 -18.41
C SER A 87 -8.70 -2.52 -18.56
N ARG A 88 -8.86 -1.20 -18.65
CA ARG A 88 -10.19 -0.63 -18.80
C ARG A 88 -10.72 -0.84 -20.21
N ILE A 89 -9.86 -0.71 -21.21
CA ILE A 89 -10.30 -0.93 -22.59
C ILE A 89 -10.75 -2.37 -22.78
N ILE A 90 -9.99 -3.33 -22.24
CA ILE A 90 -10.41 -4.73 -22.32
C ILE A 90 -11.71 -4.93 -21.57
N ASP A 91 -11.85 -4.32 -20.41
CA ASP A 91 -13.08 -4.46 -19.64
C ASP A 91 -14.28 -3.93 -20.41
N ARG A 92 -14.13 -2.78 -21.06
CA ARG A 92 -15.25 -2.22 -21.82
C ARG A 92 -15.60 -3.06 -23.03
N SER A 93 -14.63 -3.81 -23.57
CA SER A 93 -14.87 -4.61 -24.75
C SER A 93 -15.63 -5.89 -24.45
N ILE A 94 -15.49 -6.45 -23.25
CA ILE A 94 -16.07 -7.74 -22.95
C ILE A 94 -17.24 -7.65 -21.97
N ARG A 95 -17.30 -6.61 -21.14
CA ARG A 95 -18.40 -6.51 -20.19
C ARG A 95 -19.79 -6.50 -20.82
N PRO A 96 -20.06 -5.79 -21.92
CA PRO A 96 -21.42 -5.78 -22.45
C PRO A 96 -21.94 -7.13 -22.90
N LEU A 97 -21.07 -8.06 -23.25
CA LEU A 97 -21.50 -9.33 -23.81
C LEU A 97 -21.81 -10.39 -22.76
N PHE A 98 -21.62 -10.12 -21.48
CA PHE A 98 -22.02 -11.08 -20.48
C PHE A 98 -23.54 -11.07 -20.34
N PRO A 99 -24.16 -12.22 -20.11
CA PRO A 99 -25.61 -12.24 -19.93
C PRO A 99 -26.03 -11.52 -18.67
N ALA A 100 -27.26 -11.02 -18.67
CA ALA A 100 -27.79 -10.31 -17.52
C ALA A 100 -28.03 -11.27 -16.36
N GLY A 101 -27.73 -10.81 -15.15
CA GLY A 101 -27.91 -11.62 -13.98
C GLY A 101 -26.78 -12.60 -13.72
N TYR A 102 -25.67 -12.48 -14.43
CA TYR A 102 -24.53 -13.38 -14.25
C TYR A 102 -23.67 -12.85 -13.11
N PHE A 103 -24.14 -13.11 -11.89
CA PHE A 103 -23.49 -12.58 -10.69
C PHE A 103 -22.48 -13.60 -10.17
N TYR A 104 -21.40 -13.74 -10.92
CA TYR A 104 -20.35 -14.69 -10.58
C TYR A 104 -19.00 -14.01 -10.70
N ASP A 105 -18.16 -14.20 -9.69
CA ASP A 105 -16.85 -13.59 -9.72
C ASP A 105 -16.07 -14.08 -10.92
N THR A 106 -15.56 -13.13 -11.71
CA THR A 106 -14.90 -13.45 -12.96
C THR A 106 -13.65 -12.61 -13.08
N GLN A 107 -12.55 -13.22 -13.46
CA GLN A 107 -11.29 -12.53 -13.61
C GLN A 107 -10.66 -12.89 -14.93
N VAL A 108 -10.23 -11.89 -15.68
CA VAL A 108 -9.51 -12.07 -16.93
C VAL A 108 -8.11 -11.51 -16.72
N LEU A 109 -7.10 -12.34 -16.92
CA LEU A 109 -5.72 -11.96 -16.68
C LEU A 109 -4.94 -12.10 -17.97
N CYS A 110 -4.11 -11.11 -18.26
CA CYS A 110 -3.31 -11.08 -19.47
C CYS A 110 -1.85 -11.18 -19.08
N ASN A 111 -1.15 -12.17 -19.65
CA ASN A 111 0.26 -12.41 -19.39
C ASN A 111 1.03 -12.18 -20.70
N LEU A 112 1.97 -11.26 -20.67
CA LEU A 112 2.74 -10.91 -21.87
C LEU A 112 3.90 -11.88 -21.99
N LEU A 113 3.73 -12.93 -22.81
CA LEU A 113 4.78 -13.93 -22.96
C LEU A 113 6.02 -13.33 -23.61
N ALA A 114 5.83 -12.50 -24.64
CA ALA A 114 6.96 -11.88 -25.32
C ALA A 114 6.46 -10.65 -26.05
N VAL A 115 7.30 -9.63 -26.11
CA VAL A 115 7.01 -8.43 -26.89
C VAL A 115 8.23 -8.12 -27.73
N ASP A 116 8.03 -7.88 -29.02
CA ASP A 116 9.14 -7.64 -29.91
C ASP A 116 9.46 -6.17 -30.10
N GLY A 117 8.73 -5.27 -29.45
CA GLY A 117 8.96 -3.86 -29.65
C GLY A 117 8.47 -3.32 -30.97
N VAL A 118 7.70 -4.10 -31.71
CA VAL A 118 7.15 -3.71 -33.00
C VAL A 118 5.64 -3.78 -33.01
N ASN A 119 5.08 -4.93 -32.65
CA ASN A 119 3.64 -5.11 -32.60
C ASN A 119 3.17 -4.86 -31.17
N GLU A 120 2.15 -4.04 -31.04
CA GLU A 120 1.67 -3.66 -29.71
C GLU A 120 0.83 -4.77 -29.10
N PRO A 121 1.10 -5.15 -27.85
CA PRO A 121 0.35 -6.24 -27.23
C PRO A 121 -1.03 -5.86 -26.71
N ASP A 122 -1.36 -4.58 -26.59
CA ASP A 122 -2.64 -4.21 -25.98
C ASP A 122 -3.81 -4.63 -26.84
N VAL A 123 -3.68 -4.50 -28.17
CA VAL A 123 -4.75 -4.95 -29.06
C VAL A 123 -4.86 -6.46 -29.03
N LEU A 124 -3.71 -7.16 -29.02
CA LEU A 124 -3.74 -8.61 -28.93
C LEU A 124 -4.42 -9.09 -27.67
N ALA A 125 -4.30 -8.34 -26.58
CA ALA A 125 -4.90 -8.75 -25.32
C ALA A 125 -6.43 -8.71 -25.40
N ILE A 126 -6.99 -7.74 -26.12
CA ILE A 126 -8.45 -7.70 -26.27
C ILE A 126 -8.93 -8.91 -27.02
N ASN A 127 -8.26 -9.25 -28.13
CA ASN A 127 -8.62 -10.43 -28.88
C ASN A 127 -8.39 -11.69 -28.07
N GLY A 128 -7.31 -11.71 -27.28
CA GLY A 128 -7.06 -12.85 -26.43
C GLY A 128 -8.16 -13.07 -25.41
N ALA A 129 -8.69 -11.99 -24.83
CA ALA A 129 -9.79 -12.12 -23.90
C ALA A 129 -11.01 -12.68 -24.59
N SER A 130 -11.27 -12.24 -25.82
CA SER A 130 -12.41 -12.77 -26.56
C SER A 130 -12.25 -14.25 -26.87
N VAL A 131 -11.05 -14.68 -27.26
CA VAL A 131 -10.84 -16.09 -27.54
C VAL A 131 -10.93 -16.92 -26.27
N ALA A 132 -10.32 -16.44 -25.19
CA ALA A 132 -10.35 -17.18 -23.94
C ALA A 132 -11.76 -17.37 -23.43
N LEU A 133 -12.59 -16.33 -23.53
CA LEU A 133 -13.99 -16.47 -23.12
C LEU A 133 -14.76 -17.31 -24.12
N SER A 134 -14.43 -17.22 -25.41
CA SER A 134 -15.13 -18.00 -26.42
C SER A 134 -14.92 -19.49 -26.21
N LEU A 135 -13.70 -19.90 -25.90
CA LEU A 135 -13.39 -21.30 -25.72
C LEU A 135 -13.76 -21.82 -24.34
N SER A 136 -13.97 -20.94 -23.37
CA SER A 136 -14.27 -21.39 -22.02
C SER A 136 -15.72 -21.84 -21.94
N ASP A 137 -16.09 -22.35 -20.78
CA ASP A 137 -17.48 -22.69 -20.49
C ASP A 137 -18.22 -21.52 -19.85
N ILE A 138 -17.60 -20.36 -19.77
CA ILE A 138 -18.25 -19.18 -19.20
C ILE A 138 -19.33 -18.67 -20.15
N PRO A 139 -20.56 -18.49 -19.70
CA PRO A 139 -21.59 -17.94 -20.57
C PRO A 139 -21.22 -16.55 -21.05
N TRP A 140 -21.02 -16.42 -22.36
CA TRP A 140 -20.57 -15.16 -22.94
C TRP A 140 -21.04 -15.12 -24.37
N ASN A 141 -21.57 -13.96 -24.77
CA ASN A 141 -22.11 -13.84 -26.11
C ASN A 141 -20.96 -13.81 -27.12
N GLY A 142 -21.32 -13.66 -28.38
CA GLY A 142 -20.44 -13.97 -29.49
C GLY A 142 -19.06 -13.35 -29.39
N PRO A 143 -18.13 -13.87 -30.17
CA PRO A 143 -16.77 -13.37 -30.11
C PRO A 143 -16.69 -11.90 -30.45
N VAL A 144 -15.70 -11.23 -29.90
CA VAL A 144 -15.41 -9.84 -30.17
C VAL A 144 -14.07 -9.79 -30.91
N GLY A 145 -14.01 -9.01 -31.96
CA GLY A 145 -12.76 -8.71 -32.64
C GLY A 145 -12.38 -7.27 -32.37
N ALA A 146 -11.09 -7.02 -32.24
CA ALA A 146 -10.63 -5.67 -31.95
C ALA A 146 -9.40 -5.36 -32.78
N VAL A 147 -9.37 -4.17 -33.36
CA VAL A 147 -8.21 -3.70 -34.10
C VAL A 147 -7.91 -2.28 -33.66
N ARG A 148 -6.73 -1.83 -34.02
CA ARG A 148 -6.37 -0.42 -33.94
C ARG A 148 -6.26 0.11 -35.36
N ILE A 149 -6.83 1.28 -35.60
CA ILE A 149 -6.74 1.95 -36.90
C ILE A 149 -5.93 3.22 -36.74
N GLY A 150 -4.93 3.40 -37.58
CA GLY A 150 -4.17 4.63 -37.64
C GLY A 150 -4.33 5.28 -39.00
N ILE A 151 -3.86 6.51 -39.10
CA ILE A 151 -3.83 7.24 -40.37
C ILE A 151 -2.41 7.72 -40.57
N ILE A 152 -1.72 7.13 -41.55
CA ILE A 152 -0.34 7.49 -41.84
C ILE A 152 -0.29 7.98 -43.28
N ASP A 153 0.07 9.25 -43.45
CA ASP A 153 0.14 9.89 -44.76
C ASP A 153 -1.19 9.75 -45.50
N GLY A 154 -2.29 9.91 -44.77
CA GLY A 154 -3.59 9.84 -45.38
C GLY A 154 -4.08 8.45 -45.71
N GLU A 155 -3.41 7.42 -45.22
CA GLU A 155 -3.79 6.04 -45.48
C GLU A 155 -4.20 5.36 -44.19
N TYR A 156 -5.24 4.55 -44.26
CA TYR A 156 -5.76 3.83 -43.10
C TYR A 156 -4.99 2.54 -42.91
N VAL A 157 -4.40 2.37 -41.74
CA VAL A 157 -3.52 1.25 -41.41
C VAL A 157 -4.16 0.47 -40.27
N VAL A 158 -4.24 -0.84 -40.43
CA VAL A 158 -4.79 -1.70 -39.40
C VAL A 158 -3.65 -2.23 -38.53
N ASN A 159 -3.83 -2.19 -37.23
CA ASN A 159 -2.83 -2.59 -36.25
C ASN A 159 -1.45 -2.02 -36.58
N PRO A 160 -1.29 -0.70 -36.60
CA PRO A 160 0.00 -0.13 -36.96
C PRO A 160 1.07 -0.51 -35.95
N THR A 161 2.29 -0.65 -36.44
CA THR A 161 3.42 -0.93 -35.57
C THR A 161 3.77 0.30 -34.75
N ARG A 162 4.65 0.11 -33.77
CA ARG A 162 5.07 1.22 -32.91
C ARG A 162 5.66 2.35 -33.73
N LYS A 163 6.41 2.02 -34.78
CA LYS A 163 6.99 3.06 -35.62
C LYS A 163 5.91 3.85 -36.34
N GLU A 164 4.87 3.18 -36.82
CA GLU A 164 3.80 3.87 -37.53
C GLU A 164 2.89 4.64 -36.58
N MET A 165 2.70 4.14 -35.36
CA MET A 165 1.83 4.85 -34.42
C MET A 165 2.42 6.20 -34.06
N SER A 166 3.74 6.35 -34.17
CA SER A 166 4.39 7.62 -33.87
C SER A 166 4.28 8.63 -35.00
N SER A 167 3.84 8.20 -36.19
CA SER A 167 3.61 9.10 -37.31
C SER A 167 2.14 9.20 -37.66
N SER A 168 1.26 8.77 -36.78
CA SER A 168 -0.16 8.65 -37.08
C SER A 168 -0.92 9.81 -36.49
N THR A 169 -1.84 10.37 -37.26
CA THR A 169 -2.74 11.40 -36.76
C THR A 169 -3.95 10.83 -36.06
N LEU A 170 -4.08 9.52 -35.99
CA LEU A 170 -5.24 8.90 -35.37
C LEU A 170 -4.81 7.65 -34.64
N ASN A 171 -5.32 7.47 -33.43
CA ASN A 171 -5.11 6.27 -32.64
C ASN A 171 -6.49 5.81 -32.20
N LEU A 172 -7.14 5.02 -33.02
CA LEU A 172 -8.50 4.57 -32.78
C LEU A 172 -8.50 3.06 -32.54
N VAL A 173 -9.16 2.63 -31.49
CA VAL A 173 -9.30 1.21 -31.19
C VAL A 173 -10.78 0.86 -31.28
N VAL A 174 -11.10 -0.10 -32.12
CA VAL A 174 -12.48 -0.51 -32.37
C VAL A 174 -12.64 -1.95 -31.91
N ALA A 175 -13.67 -2.21 -31.13
CA ALA A 175 -14.06 -3.57 -30.79
C ALA A 175 -15.43 -3.82 -31.38
N GLY A 176 -15.53 -4.83 -32.25
CA GLY A 176 -16.78 -5.15 -32.91
C GLY A 176 -17.30 -6.50 -32.47
N ALA A 177 -18.60 -6.63 -32.48
CA ALA A 177 -19.34 -7.85 -32.23
C ALA A 177 -19.86 -8.41 -33.55
N PRO A 178 -20.45 -9.61 -33.55
CA PRO A 178 -21.01 -10.13 -34.80
C PRO A 178 -22.10 -9.21 -35.36
N LYS A 179 -22.22 -9.25 -36.68
CA LYS A 179 -23.17 -8.42 -37.45
C LYS A 179 -22.77 -6.96 -37.44
N SER A 180 -21.47 -6.69 -37.42
CA SER A 180 -20.94 -5.34 -37.56
C SER A 180 -21.42 -4.39 -36.47
N GLN A 181 -21.72 -4.92 -35.29
CA GLN A 181 -22.03 -4.06 -34.17
C GLN A 181 -20.75 -3.53 -33.56
N ILE A 182 -20.85 -2.39 -32.89
CA ILE A 182 -19.72 -1.78 -32.19
C ILE A 182 -19.97 -1.89 -30.71
N VAL A 183 -19.00 -2.42 -29.97
CA VAL A 183 -19.12 -2.53 -28.53
C VAL A 183 -18.18 -1.59 -27.80
N MET A 184 -17.07 -1.16 -28.40
CA MET A 184 -16.15 -0.26 -27.71
C MET A 184 -15.47 0.61 -28.75
N LEU A 185 -15.40 1.90 -28.46
CA LEU A 185 -14.64 2.85 -29.26
C LEU A 185 -13.76 3.65 -28.33
N GLU A 186 -12.53 3.90 -28.77
CA GLU A 186 -11.57 4.59 -27.91
C GLU A 186 -10.55 5.22 -28.83
N ALA A 187 -10.59 6.54 -28.95
CA ALA A 187 -9.74 7.22 -29.92
C ALA A 187 -9.08 8.43 -29.31
N SER A 188 -7.90 8.74 -29.84
CA SER A 188 -7.30 10.06 -29.70
C SER A 188 -6.85 10.45 -31.10
N ALA A 189 -7.12 11.69 -31.48
CA ALA A 189 -6.82 12.15 -32.83
C ALA A 189 -6.16 13.51 -32.77
N GLU A 190 -5.36 13.81 -33.78
CA GLU A 190 -4.68 15.10 -33.85
C GLU A 190 -5.55 16.13 -34.57
N ASN A 191 -6.74 16.35 -33.99
CA ASN A 191 -7.67 17.37 -34.47
C ASN A 191 -8.04 17.13 -35.93
N ILE A 192 -8.50 15.92 -36.22
CA ILE A 192 -8.74 15.50 -37.59
C ILE A 192 -10.20 15.77 -37.95
N LEU A 193 -10.47 15.81 -39.25
CA LEU A 193 -11.80 16.10 -39.73
C LEU A 193 -12.77 14.99 -39.37
N GLN A 194 -14.04 15.37 -39.21
CA GLN A 194 -15.06 14.42 -38.80
C GLN A 194 -15.24 13.31 -39.83
N GLN A 195 -15.19 13.66 -41.12
CA GLN A 195 -15.38 12.65 -42.16
C GLN A 195 -14.25 11.63 -42.15
N ASP A 196 -13.01 12.08 -41.97
CA ASP A 196 -11.90 11.14 -41.86
C ASP A 196 -12.07 10.23 -40.65
N PHE A 197 -12.50 10.81 -39.53
CA PHE A 197 -12.72 10.02 -38.34
C PHE A 197 -13.80 8.98 -38.53
N CYS A 198 -14.85 9.34 -39.27
CA CYS A 198 -15.96 8.41 -39.48
C CYS A 198 -15.55 7.27 -40.40
N HIS A 199 -14.72 7.55 -41.40
CA HIS A 199 -14.28 6.50 -42.31
C HIS A 199 -13.38 5.49 -41.62
N ALA A 200 -12.56 5.94 -40.67
CA ALA A 200 -11.72 5.02 -39.94
C ALA A 200 -12.55 4.05 -39.10
N ILE A 201 -13.70 4.49 -38.61
CA ILE A 201 -14.55 3.60 -37.82
C ILE A 201 -15.09 2.47 -38.67
N LYS A 202 -15.55 2.77 -39.88
CA LYS A 202 -16.13 1.70 -40.70
C LYS A 202 -15.06 0.77 -41.24
N VAL A 203 -13.87 1.29 -41.53
CA VAL A 203 -12.76 0.41 -41.89
C VAL A 203 -12.42 -0.51 -40.74
N GLY A 204 -12.41 0.03 -39.52
CA GLY A 204 -12.11 -0.79 -38.36
C GLY A 204 -13.15 -1.87 -38.12
N VAL A 205 -14.43 -1.54 -38.27
CA VAL A 205 -15.47 -2.52 -38.01
C VAL A 205 -15.40 -3.65 -39.03
N LYS A 206 -15.04 -3.33 -40.26
CA LYS A 206 -14.89 -4.36 -41.28
C LYS A 206 -13.82 -5.38 -40.89
N TYR A 207 -12.71 -4.89 -40.34
CA TYR A 207 -11.64 -5.80 -39.94
C TYR A 207 -12.04 -6.68 -38.77
N THR A 208 -12.80 -6.13 -37.82
CA THR A 208 -13.17 -6.92 -36.65
C THR A 208 -14.04 -8.09 -37.03
N GLN A 209 -14.78 -7.98 -38.14
CA GLN A 209 -15.57 -9.10 -38.60
C GLN A 209 -14.70 -10.24 -39.09
N GLN A 210 -13.54 -9.94 -39.66
CA GLN A 210 -12.61 -10.97 -40.08
C GLN A 210 -12.06 -11.74 -38.89
N ILE A 211 -11.73 -11.04 -37.81
CA ILE A 211 -11.28 -11.70 -36.59
C ILE A 211 -12.39 -12.57 -36.01
N ILE A 212 -13.62 -12.07 -36.03
CA ILE A 212 -14.73 -12.84 -35.49
C ILE A 212 -14.94 -14.11 -36.28
N GLN A 213 -14.76 -14.05 -37.60
CA GLN A 213 -14.86 -15.25 -38.41
C GLN A 213 -13.80 -16.28 -38.03
N GLY A 214 -12.56 -15.83 -37.82
CA GLY A 214 -11.51 -16.73 -37.43
C GLY A 214 -11.74 -17.36 -36.07
N ILE A 215 -12.22 -16.56 -35.11
CA ILE A 215 -12.49 -17.10 -33.79
C ILE A 215 -13.63 -18.09 -33.83
N GLN A 216 -14.63 -17.85 -34.68
CA GLN A 216 -15.73 -18.79 -34.80
C GLN A 216 -15.27 -20.12 -35.37
N GLN A 217 -14.29 -20.09 -36.29
CA GLN A 217 -13.73 -21.33 -36.80
C GLN A 217 -13.00 -22.10 -35.70
N LEU A 218 -12.21 -21.39 -34.89
CA LEU A 218 -11.49 -22.04 -33.79
C LEU A 218 -12.45 -22.61 -32.77
N VAL A 219 -13.54 -21.89 -32.47
CA VAL A 219 -14.53 -22.39 -31.52
C VAL A 219 -15.19 -23.64 -32.06
N LYS A 220 -15.49 -23.66 -33.36
CA LYS A 220 -16.12 -24.84 -33.94
C LYS A 220 -15.19 -26.04 -33.92
N GLU A 221 -13.91 -25.82 -34.23
CA GLU A 221 -12.97 -26.92 -34.31
C GLU A 221 -12.81 -27.62 -32.97
N THR A 222 -12.55 -26.86 -31.91
CA THR A 222 -12.46 -27.40 -30.57
C THR A 222 -13.81 -27.21 -29.90
N GLY A 223 -14.52 -28.31 -29.69
CA GLY A 223 -15.87 -28.25 -29.16
C GLY A 223 -15.95 -27.52 -27.84
N VAL A 224 -16.91 -26.60 -27.73
CA VAL A 224 -17.07 -25.78 -26.54
C VAL A 224 -18.49 -26.02 -26.03
N THR A 225 -18.59 -26.40 -24.75
CA THR A 225 -19.88 -26.57 -24.09
C THR A 225 -19.96 -25.59 -22.94
N LYS A 226 -20.87 -24.63 -23.04
CA LYS A 226 -21.01 -23.65 -21.97
C LYS A 226 -21.65 -24.28 -20.75
N ARG A 227 -21.23 -23.82 -19.59
CA ARG A 227 -21.82 -24.26 -18.34
C ARG A 227 -23.24 -23.74 -18.21
N THR A 228 -24.01 -24.39 -17.35
CA THR A 228 -25.32 -23.88 -16.98
C THR A 228 -25.22 -23.27 -15.60
N PRO A 229 -25.30 -21.95 -15.46
CA PRO A 229 -25.13 -21.34 -14.13
C PRO A 229 -26.22 -21.79 -13.19
N GLN A 230 -25.91 -21.74 -11.89
CA GLN A 230 -26.89 -22.11 -10.88
C GLN A 230 -28.20 -21.37 -11.11
N LYS A 231 -28.12 -20.07 -11.30
CA LYS A 231 -29.27 -19.28 -11.68
C LYS A 231 -28.79 -17.93 -12.19
N LEU A 232 -29.59 -17.31 -13.05
CA LEU A 232 -29.33 -15.97 -13.52
C LEU A 232 -30.23 -15.02 -12.73
N PHE A 233 -29.62 -14.03 -12.09
CA PHE A 233 -30.31 -13.17 -11.14
C PHE A 233 -30.99 -12.03 -11.89
N THR A 234 -32.15 -12.36 -12.43
CA THR A 234 -33.03 -11.39 -13.05
C THR A 234 -34.40 -11.47 -12.40
N PRO A 235 -35.07 -10.35 -12.17
CA PRO A 235 -36.36 -10.38 -11.48
C PRO A 235 -37.39 -11.16 -12.29
N SER A 236 -38.27 -11.84 -11.57
CA SER A 236 -39.29 -12.64 -12.21
C SER A 236 -40.24 -11.74 -13.01
N PRO A 237 -40.71 -12.20 -14.16
CA PRO A 237 -41.56 -11.33 -15.01
C PRO A 237 -42.84 -10.86 -14.32
N GLU A 238 -43.47 -11.72 -13.53
CA GLU A 238 -44.73 -11.32 -12.91
C GLU A 238 -44.51 -10.37 -11.74
N ILE A 239 -43.33 -10.42 -11.11
CA ILE A 239 -43.02 -9.44 -10.07
C ILE A 239 -42.78 -8.07 -10.69
N VAL A 240 -42.08 -8.04 -11.83
CA VAL A 240 -41.78 -6.77 -12.49
C VAL A 240 -43.07 -6.08 -12.93
N LYS A 241 -43.99 -6.85 -13.53
CA LYS A 241 -45.21 -6.24 -14.04
C LYS A 241 -46.13 -5.81 -12.90
N TYR A 242 -46.05 -6.46 -11.74
CA TYR A 242 -46.81 -5.97 -10.59
C TYR A 242 -46.21 -4.70 -10.04
N THR A 243 -44.88 -4.58 -10.06
CA THR A 243 -44.24 -3.32 -9.69
C THR A 243 -44.68 -2.21 -10.62
N HIS A 244 -44.86 -2.53 -11.90
CA HIS A 244 -45.33 -1.54 -12.85
C HIS A 244 -46.71 -1.04 -12.48
N LYS A 245 -47.59 -1.94 -12.03
CA LYS A 245 -48.92 -1.53 -11.62
C LYS A 245 -48.85 -0.59 -10.43
N LEU A 246 -47.94 -0.82 -9.50
CA LEU A 246 -47.89 -0.03 -8.29
C LEU A 246 -47.31 1.36 -8.52
N ALA A 247 -46.25 1.46 -9.31
CA ALA A 247 -45.42 2.66 -9.29
C ALA A 247 -45.29 3.35 -10.64
N MET A 248 -46.04 2.95 -11.66
CA MET A 248 -45.89 3.58 -12.95
C MET A 248 -46.29 5.04 -12.91
N GLU A 249 -47.46 5.34 -12.35
CA GLU A 249 -47.98 6.71 -12.40
C GLU A 249 -47.14 7.65 -11.56
N ARG A 250 -46.74 7.23 -10.37
CA ARG A 250 -45.92 8.08 -9.52
C ARG A 250 -44.56 8.34 -10.16
N LEU A 251 -43.95 7.31 -10.72
CA LEU A 251 -42.68 7.51 -11.41
C LEU A 251 -42.86 8.42 -12.62
N TYR A 252 -43.96 8.26 -13.34
CA TYR A 252 -44.22 9.11 -14.49
C TYR A 252 -44.36 10.57 -14.08
N ALA A 253 -45.04 10.81 -12.96
CA ALA A 253 -45.20 12.18 -12.48
C ALA A 253 -43.86 12.79 -12.08
N VAL A 254 -43.02 12.01 -11.41
CA VAL A 254 -41.70 12.51 -11.01
C VAL A 254 -40.87 12.87 -12.23
N PHE A 255 -40.89 12.00 -13.24
CA PHE A 255 -40.03 12.21 -14.40
C PHE A 255 -40.55 13.28 -15.34
N THR A 256 -41.82 13.67 -15.23
CA THR A 256 -42.34 14.79 -16.01
C THR A 256 -42.38 16.09 -15.23
N ASP A 257 -41.88 16.09 -14.00
CA ASP A 257 -41.76 17.30 -13.20
C ASP A 257 -40.43 17.97 -13.53
N TYR A 258 -40.49 19.08 -14.25
CA TYR A 258 -39.28 19.72 -14.74
C TYR A 258 -38.61 20.62 -13.71
N GLU A 259 -39.20 20.79 -12.53
CA GLU A 259 -38.61 21.63 -11.50
C GLU A 259 -37.61 20.90 -10.64
N HIS A 260 -37.48 19.58 -10.80
CA HIS A 260 -36.56 18.82 -9.98
C HIS A 260 -35.11 19.16 -10.32
N ASP A 261 -34.27 19.13 -9.30
CA ASP A 261 -32.83 19.09 -9.49
C ASP A 261 -32.37 17.67 -9.22
N LYS A 262 -31.06 17.45 -9.20
CA LYS A 262 -30.55 16.09 -9.02
C LYS A 262 -31.03 15.50 -7.72
N VAL A 263 -30.88 16.24 -6.62
CA VAL A 263 -31.15 15.69 -5.30
C VAL A 263 -32.64 15.47 -5.10
N SER A 264 -33.45 16.46 -5.47
CA SER A 264 -34.89 16.34 -5.25
C SER A 264 -35.49 15.22 -6.10
N ARG A 265 -35.03 15.07 -7.34
CA ARG A 265 -35.53 13.98 -8.18
C ARG A 265 -35.16 12.62 -7.59
N ASP A 266 -33.93 12.47 -7.10
CA ASP A 266 -33.53 11.22 -6.49
C ASP A 266 -34.32 10.94 -5.23
N GLU A 267 -34.60 11.98 -4.44
CA GLU A 267 -35.38 11.79 -3.23
C GLU A 267 -36.83 11.42 -3.56
N ALA A 268 -37.39 12.01 -4.61
CA ALA A 268 -38.76 11.69 -4.99
C ALA A 268 -38.87 10.25 -5.47
N VAL A 269 -37.92 9.80 -6.29
CA VAL A 269 -37.91 8.41 -6.72
C VAL A 269 -37.70 7.48 -5.54
N ASN A 270 -36.78 7.84 -4.65
CA ASN A 270 -36.52 7.02 -3.47
C ASN A 270 -37.74 6.94 -2.58
N LYS A 271 -38.55 8.01 -2.52
CA LYS A 271 -39.75 7.96 -1.73
C LYS A 271 -40.73 6.93 -2.27
N ILE A 272 -40.86 6.85 -3.59
CA ILE A 272 -41.71 5.84 -4.20
C ILE A 272 -41.13 4.46 -3.97
N ARG A 273 -39.80 4.34 -4.03
CA ARG A 273 -39.17 3.04 -3.85
C ARG A 273 -39.47 2.47 -2.46
N LEU A 274 -39.39 3.30 -1.42
CA LEU A 274 -39.64 2.80 -0.08
C LEU A 274 -41.07 2.31 0.08
N ASP A 275 -42.03 3.05 -0.45
CA ASP A 275 -43.42 2.62 -0.34
C ASP A 275 -43.67 1.38 -1.19
N THR A 276 -43.16 1.36 -2.42
CA THR A 276 -43.39 0.22 -3.29
C THR A 276 -42.75 -1.05 -2.74
N GLU A 277 -41.53 -0.94 -2.20
CA GLU A 277 -40.79 -2.13 -1.80
C GLU A 277 -41.50 -2.86 -0.67
N GLU A 278 -42.06 -2.13 0.29
CA GLU A 278 -42.77 -2.80 1.37
C GLU A 278 -44.04 -3.47 0.86
N GLN A 279 -44.68 -2.92 -0.16
CA GLN A 279 -45.84 -3.58 -0.74
C GLN A 279 -45.43 -4.84 -1.49
N LEU A 280 -44.29 -4.79 -2.18
CA LEU A 280 -43.81 -5.98 -2.89
C LEU A 280 -43.48 -7.11 -1.93
N LYS A 281 -42.88 -6.77 -0.78
CA LYS A 281 -42.55 -7.80 0.20
C LYS A 281 -43.80 -8.51 0.68
N GLU A 282 -44.87 -7.76 0.91
CA GLU A 282 -46.12 -8.38 1.34
C GLU A 282 -46.68 -9.30 0.26
N LYS A 283 -46.65 -8.85 -1.00
CA LYS A 283 -47.25 -9.63 -2.08
C LYS A 283 -46.42 -10.88 -2.37
N PHE A 284 -45.11 -10.78 -2.30
CA PHE A 284 -44.21 -11.90 -2.58
C PHE A 284 -43.25 -12.05 -1.40
N PRO A 285 -43.71 -12.61 -0.29
CA PRO A 285 -42.80 -12.78 0.86
C PRO A 285 -41.66 -13.73 0.60
N GLU A 286 -41.80 -14.63 -0.38
CA GLU A 286 -40.77 -15.61 -0.67
C GLU A 286 -39.71 -15.10 -1.63
N ALA A 287 -39.92 -13.93 -2.23
CA ALA A 287 -38.98 -13.42 -3.21
C ALA A 287 -37.66 -13.03 -2.54
N ASP A 288 -36.59 -13.10 -3.33
CA ASP A 288 -35.29 -12.65 -2.86
C ASP A 288 -35.35 -11.17 -2.53
N PRO A 289 -34.73 -10.73 -1.44
CA PRO A 289 -34.67 -9.28 -1.18
C PRO A 289 -34.05 -8.49 -2.32
N TYR A 290 -33.03 -9.04 -2.99
CA TYR A 290 -32.49 -8.34 -4.14
C TYR A 290 -33.46 -8.34 -5.32
N GLU A 291 -34.23 -9.43 -5.47
CA GLU A 291 -35.23 -9.47 -6.52
C GLU A 291 -36.26 -8.36 -6.37
N ILE A 292 -36.60 -8.00 -5.13
CA ILE A 292 -37.48 -6.86 -4.91
C ILE A 292 -36.81 -5.56 -5.32
N ILE A 293 -35.54 -5.39 -4.97
CA ILE A 293 -34.84 -4.15 -5.28
C ILE A 293 -34.68 -3.99 -6.79
N GLU A 294 -34.31 -5.07 -7.48
CA GLU A 294 -34.05 -4.95 -8.91
C GLU A 294 -35.32 -4.77 -9.72
N SER A 295 -36.44 -5.33 -9.25
CA SER A 295 -37.68 -5.18 -9.99
C SER A 295 -38.13 -3.72 -10.01
N PHE A 296 -37.90 -2.98 -8.92
CA PHE A 296 -38.20 -1.56 -8.95
C PHE A 296 -37.26 -0.82 -9.90
N ASN A 297 -35.99 -1.19 -9.92
CA ASN A 297 -35.04 -0.51 -10.80
C ASN A 297 -35.39 -0.75 -12.26
N VAL A 298 -35.88 -1.95 -12.57
CA VAL A 298 -36.30 -2.25 -13.93
C VAL A 298 -37.49 -1.38 -14.32
N VAL A 299 -38.47 -1.26 -13.44
CA VAL A 299 -39.66 -0.49 -13.75
C VAL A 299 -39.32 0.99 -13.87
N ALA A 300 -38.49 1.50 -12.96
CA ALA A 300 -38.10 2.90 -13.02
C ALA A 300 -37.35 3.20 -14.31
N LYS A 301 -36.46 2.29 -14.72
CA LYS A 301 -35.73 2.47 -15.96
C LYS A 301 -36.66 2.42 -17.17
N GLU A 302 -37.63 1.51 -17.15
CA GLU A 302 -38.55 1.40 -18.27
C GLU A 302 -39.43 2.62 -18.40
N VAL A 303 -39.96 3.12 -17.28
CA VAL A 303 -40.78 4.33 -17.32
C VAL A 303 -39.95 5.51 -17.80
N PHE A 304 -38.72 5.63 -17.30
CA PHE A 304 -37.87 6.76 -17.65
C PHE A 304 -37.59 6.79 -19.14
N ARG A 305 -37.28 5.65 -19.73
CA ARG A 305 -36.94 5.61 -21.15
C ARG A 305 -38.18 5.82 -22.02
N SER A 306 -39.32 5.31 -21.58
CA SER A 306 -40.55 5.44 -22.37
C SER A 306 -40.95 6.89 -22.57
N ILE A 307 -40.70 7.74 -21.58
CA ILE A 307 -41.03 9.15 -21.73
C ILE A 307 -40.18 9.79 -22.83
N VAL A 308 -38.89 9.49 -22.85
CA VAL A 308 -38.01 10.04 -23.89
C VAL A 308 -38.41 9.52 -25.26
N LEU A 309 -38.75 8.23 -25.35
CA LEU A 309 -39.09 7.66 -26.65
C LEU A 309 -40.43 8.20 -27.15
N ASN A 310 -41.45 8.19 -26.30
CA ASN A 310 -42.79 8.55 -26.75
C ASN A 310 -42.95 10.05 -26.95
N GLU A 311 -42.43 10.86 -26.02
CA GLU A 311 -42.69 12.28 -26.01
C GLU A 311 -41.53 13.15 -26.45
N TYR A 312 -40.37 12.57 -26.70
CA TYR A 312 -39.19 13.32 -27.16
C TYR A 312 -38.80 14.42 -26.17
N LYS A 313 -39.17 14.28 -24.90
CA LYS A 313 -38.84 15.24 -23.87
C LYS A 313 -38.07 14.56 -22.75
N ARG A 314 -37.15 15.30 -22.16
CA ARG A 314 -36.29 14.75 -21.13
C ARG A 314 -36.79 15.14 -19.74
N CYS A 315 -36.22 14.47 -18.73
CA CYS A 315 -36.73 14.59 -17.37
C CYS A 315 -36.60 15.99 -16.81
N ASP A 316 -35.70 16.81 -17.36
CA ASP A 316 -35.52 18.18 -16.93
C ASP A 316 -36.14 19.19 -17.88
N GLY A 317 -36.95 18.73 -18.84
CA GLY A 317 -37.64 19.61 -19.75
C GLY A 317 -36.93 19.91 -21.05
N ARG A 318 -35.68 19.50 -21.20
CA ARG A 318 -34.94 19.76 -22.43
C ARG A 318 -35.47 18.88 -23.56
N ASP A 319 -35.21 19.31 -24.79
CA ASP A 319 -35.42 18.44 -25.93
C ASP A 319 -34.14 17.66 -26.18
N LEU A 320 -34.10 16.89 -27.27
CA LEU A 320 -33.03 15.92 -27.46
C LEU A 320 -31.68 16.58 -27.70
N THR A 321 -31.65 17.77 -28.28
CA THR A 321 -30.40 18.39 -28.69
C THR A 321 -29.98 19.56 -27.82
N SER A 322 -30.64 19.77 -26.68
CA SER A 322 -30.40 20.97 -25.88
C SER A 322 -29.30 20.74 -24.85
N LEU A 323 -28.45 21.75 -24.69
CA LEU A 323 -27.44 21.71 -23.65
C LEU A 323 -28.03 22.18 -22.32
N ARG A 324 -27.32 21.84 -21.24
CA ARG A 324 -27.59 22.45 -19.96
C ARG A 324 -27.00 23.86 -19.93
N ASN A 325 -27.33 24.61 -18.90
CA ASN A 325 -26.75 25.94 -18.74
C ASN A 325 -25.25 25.82 -18.53
N VAL A 326 -24.49 26.61 -19.28
CA VAL A 326 -23.04 26.59 -19.21
C VAL A 326 -22.57 27.93 -18.71
N SER A 327 -21.78 27.92 -17.64
CA SER A 327 -21.22 29.12 -17.05
C SER A 327 -19.74 28.90 -16.81
N CYS A 328 -18.93 29.88 -17.20
CA CYS A 328 -17.49 29.78 -17.11
C CYS A 328 -16.95 31.00 -16.39
N GLU A 329 -15.76 30.87 -15.84
CA GLU A 329 -15.13 32.00 -15.18
C GLU A 329 -13.66 31.65 -14.95
N VAL A 330 -12.77 32.61 -15.19
CA VAL A 330 -11.34 32.39 -15.07
C VAL A 330 -10.80 33.33 -14.00
N ASP A 331 -9.50 33.16 -13.71
CA ASP A 331 -8.79 34.01 -12.76
C ASP A 331 -9.42 33.93 -11.36
N MET A 332 -9.58 32.69 -10.89
CA MET A 332 -10.16 32.43 -9.58
C MET A 332 -9.34 33.06 -8.46
N PHE A 333 -8.04 32.78 -8.43
CA PHE A 333 -7.18 33.15 -7.32
C PHE A 333 -5.88 33.73 -7.85
N LYS A 334 -5.30 34.62 -7.06
CA LYS A 334 -4.16 35.40 -7.53
C LYS A 334 -2.90 34.56 -7.67
N THR A 335 -2.65 33.64 -6.74
CA THR A 335 -1.39 32.92 -6.75
C THR A 335 -1.32 31.81 -7.77
N LEU A 336 -2.45 31.29 -8.23
CA LEU A 336 -2.44 30.22 -9.23
C LEU A 336 -1.90 30.74 -10.55
N HIS A 337 -1.10 29.90 -11.23
CA HIS A 337 -0.59 30.28 -12.53
C HIS A 337 -1.71 30.43 -13.55
N GLY A 338 -2.72 29.57 -13.46
CA GLY A 338 -3.94 29.76 -14.22
C GLY A 338 -5.04 28.95 -13.59
N SER A 339 -6.27 29.41 -13.74
CA SER A 339 -7.38 28.72 -13.10
C SER A 339 -8.67 29.06 -13.82
N ALA A 340 -9.66 28.19 -13.64
CA ALA A 340 -10.96 28.39 -14.24
C ALA A 340 -11.97 27.57 -13.46
N LEU A 341 -13.21 28.02 -13.48
CA LEU A 341 -14.32 27.32 -12.87
C LEU A 341 -15.39 27.14 -13.93
N PHE A 342 -15.57 25.91 -14.39
CA PHE A 342 -16.52 25.59 -15.44
C PHE A 342 -17.72 24.90 -14.84
N GLN A 343 -18.91 25.45 -15.11
CA GLN A 343 -20.15 24.89 -14.63
C GLN A 343 -20.99 24.46 -15.83
N ARG A 344 -21.51 23.24 -15.77
CA ARG A 344 -22.36 22.70 -16.83
C ARG A 344 -23.54 22.05 -16.13
N GLY A 345 -24.66 22.76 -16.06
CA GLY A 345 -25.76 22.27 -15.25
C GLY A 345 -25.37 22.29 -13.79
N GLN A 346 -25.57 21.16 -13.12
CA GLN A 346 -25.14 20.99 -11.74
C GLN A 346 -23.78 20.32 -11.64
N THR A 347 -23.01 20.28 -12.71
CA THR A 347 -21.66 19.75 -12.70
C THR A 347 -20.69 20.93 -12.65
N GLN A 348 -19.84 20.94 -11.64
CA GLN A 348 -18.91 22.03 -11.42
C GLN A 348 -17.49 21.48 -11.33
N VAL A 349 -16.59 22.06 -12.09
CA VAL A 349 -15.22 21.57 -12.17
C VAL A 349 -14.28 22.74 -12.00
N LEU A 350 -13.29 22.59 -11.13
CA LEU A 350 -12.28 23.60 -10.90
C LEU A 350 -10.96 23.12 -11.50
N CYS A 351 -10.40 23.91 -12.39
CA CYS A 351 -9.20 23.53 -13.11
C CYS A 351 -8.08 24.50 -12.78
N THR A 352 -6.91 23.96 -12.51
CA THR A 352 -5.73 24.73 -12.14
C THR A 352 -4.59 24.36 -13.08
N VAL A 353 -3.76 25.33 -13.41
CA VAL A 353 -2.58 25.11 -14.23
C VAL A 353 -1.36 25.46 -13.41
N THR A 354 -0.40 24.54 -13.34
CA THR A 354 0.83 24.74 -12.60
C THR A 354 1.99 24.51 -13.53
N PHE A 355 2.86 25.51 -13.65
CA PHE A 355 4.10 25.36 -14.40
C PHE A 355 5.16 24.79 -13.48
N ASP A 356 5.87 23.77 -13.95
CA ASP A 356 6.90 23.10 -13.20
C ASP A 356 8.17 23.08 -14.02
N SER A 357 9.26 22.66 -13.40
CA SER A 357 10.51 22.56 -14.14
C SER A 357 10.44 21.43 -15.16
N LEU A 358 11.19 21.57 -16.24
CA LEU A 358 11.27 20.49 -17.21
C LEU A 358 11.82 19.22 -16.58
N GLU A 359 12.73 19.36 -15.62
CA GLU A 359 13.35 18.20 -15.00
C GLU A 359 12.40 17.41 -14.11
N SER A 360 11.26 17.97 -13.74
CA SER A 360 10.31 17.25 -12.90
C SER A 360 9.40 16.34 -13.71
N GLY A 361 9.53 16.35 -15.03
CA GLY A 361 8.69 15.53 -15.89
C GLY A 361 9.30 14.22 -16.33
N ILE A 362 10.41 13.78 -15.72
CA ILE A 362 11.06 12.55 -16.17
C ILE A 362 10.96 11.45 -15.11
N LYS A 363 9.89 11.46 -14.33
CA LYS A 363 9.65 10.37 -13.38
C LYS A 363 9.35 9.10 -14.15
N SER A 364 10.27 8.14 -14.13
CA SER A 364 10.16 6.92 -14.91
C SER A 364 10.66 5.75 -14.08
N ASP A 365 10.90 4.63 -14.75
CA ASP A 365 11.34 3.42 -14.06
C ASP A 365 12.70 3.62 -13.38
N GLN A 366 13.65 4.20 -14.11
CA GLN A 366 14.99 4.36 -13.56
C GLN A 366 15.02 5.34 -12.39
N VAL A 367 14.19 6.37 -12.43
CA VAL A 367 14.25 7.42 -11.42
C VAL A 367 13.51 7.06 -10.14
N ILE A 368 12.51 6.17 -10.21
CA ILE A 368 11.65 5.89 -9.07
C ILE A 368 11.04 4.50 -9.26
N THR A 369 10.59 3.91 -8.15
CA THR A 369 10.13 2.53 -8.17
C THR A 369 8.78 2.39 -8.89
N ALA A 370 7.88 3.35 -8.72
CA ALA A 370 6.49 3.19 -9.15
C ALA A 370 6.17 3.88 -10.48
N ILE A 371 6.48 5.16 -10.60
CA ILE A 371 6.12 5.92 -11.79
C ILE A 371 6.97 5.47 -12.97
N ASN A 372 6.37 5.54 -14.16
CA ASN A 372 7.04 5.09 -15.38
C ASN A 372 6.54 5.91 -16.56
N GLY A 373 7.46 6.27 -17.45
CA GLY A 373 7.11 6.97 -18.66
C GLY A 373 7.38 8.46 -18.57
N ILE A 374 7.46 9.09 -19.74
CA ILE A 374 7.61 10.53 -19.86
C ILE A 374 6.61 11.02 -20.90
N LYS A 375 5.91 12.10 -20.59
CA LYS A 375 4.93 12.65 -21.52
C LYS A 375 5.61 13.32 -22.70
N ASP A 376 5.07 13.09 -23.90
CA ASP A 376 5.71 13.54 -25.13
C ASP A 376 5.89 15.06 -25.14
N LYS A 377 4.80 15.79 -25.23
CA LYS A 377 4.80 17.16 -24.78
C LYS A 377 4.78 17.08 -23.27
N ASN A 378 5.53 17.97 -22.62
CA ASN A 378 5.64 17.87 -21.17
C ASN A 378 4.35 18.34 -20.54
N PHE A 379 3.30 17.54 -20.66
CA PHE A 379 1.96 17.97 -20.33
C PHE A 379 1.24 16.78 -19.74
N MET A 380 0.64 16.99 -18.57
CA MET A 380 -0.15 15.95 -17.95
C MET A 380 -1.36 16.60 -17.30
N LEU A 381 -2.44 15.84 -17.23
CA LEU A 381 -3.66 16.27 -16.55
C LEU A 381 -3.95 15.29 -15.43
N HIS A 382 -4.15 15.81 -14.23
CA HIS A 382 -4.53 15.02 -13.08
C HIS A 382 -5.97 15.33 -12.73
N TYR A 383 -6.77 14.29 -12.60
CA TYR A 383 -8.21 14.41 -12.40
C TYR A 383 -8.57 13.82 -11.05
N GLU A 384 -9.33 14.56 -10.25
CA GLU A 384 -9.77 14.11 -8.95
C GLU A 384 -11.28 14.17 -8.86
N PHE A 385 -11.85 13.17 -8.21
CA PHE A 385 -13.30 13.07 -8.01
C PHE A 385 -13.55 12.89 -6.52
N PRO A 386 -13.53 13.97 -5.74
CA PRO A 386 -13.63 13.83 -4.29
C PRO A 386 -14.97 13.28 -3.88
N PRO A 387 -15.06 12.62 -2.73
CA PRO A 387 -16.33 12.04 -2.30
C PRO A 387 -17.43 13.06 -2.09
N TYR A 388 -17.07 14.30 -1.74
CA TYR A 388 -18.10 15.30 -1.50
C TYR A 388 -18.73 15.82 -2.78
N ALA A 389 -18.15 15.53 -3.95
CA ALA A 389 -18.77 15.95 -5.20
C ALA A 389 -20.14 15.31 -5.38
N THR A 390 -20.42 14.23 -4.67
CA THR A 390 -21.72 13.59 -4.70
C THR A 390 -22.33 13.48 -3.30
N ASN A 391 -21.84 14.27 -2.34
CA ASN A 391 -22.29 14.22 -0.96
C ASN A 391 -22.15 12.81 -0.38
N GLU A 392 -21.00 12.22 -0.61
CA GLU A 392 -20.71 10.87 -0.16
C GLU A 392 -19.44 10.86 0.68
N ILE A 393 -19.23 9.74 1.37
CA ILE A 393 -18.05 9.52 2.17
C ILE A 393 -17.24 8.42 1.51
N GLY A 394 -15.95 8.67 1.31
CA GLY A 394 -15.12 7.64 0.70
C GLY A 394 -13.66 7.87 1.02
N LYS A 395 -12.88 6.83 0.76
CA LYS A 395 -11.44 6.92 0.93
C LYS A 395 -10.85 7.92 -0.05
N VAL A 396 -9.85 8.66 0.41
CA VAL A 396 -9.21 9.68 -0.41
C VAL A 396 -7.73 9.38 -0.61
N THR A 397 -7.29 8.16 -0.28
CA THR A 397 -5.92 7.74 -0.49
C THR A 397 -5.82 7.04 -1.82
N GLY A 398 -4.92 7.52 -2.67
CA GLY A 398 -4.76 6.96 -4.00
C GLY A 398 -5.83 7.45 -4.94
N LEU A 399 -5.82 6.88 -6.14
CA LEU A 399 -6.78 7.23 -7.17
C LEU A 399 -7.50 5.97 -7.65
N ASN A 400 -8.80 6.11 -7.85
CA ASN A 400 -9.58 5.05 -8.45
C ASN A 400 -9.07 4.76 -9.86
N ARG A 401 -9.43 3.60 -10.38
CA ARG A 401 -9.19 3.35 -11.79
C ARG A 401 -10.02 4.30 -12.65
N ARG A 402 -11.22 4.66 -12.18
CA ARG A 402 -12.05 5.60 -12.91
C ARG A 402 -11.40 6.97 -12.98
N GLU A 403 -10.80 7.43 -11.88
CA GLU A 403 -10.14 8.72 -11.90
C GLU A 403 -8.97 8.73 -12.88
N LEU A 404 -8.22 7.65 -12.95
CA LEU A 404 -7.13 7.57 -13.90
C LEU A 404 -7.64 7.59 -15.33
N GLY A 405 -8.71 6.85 -15.60
CA GLY A 405 -9.25 6.82 -16.95
C GLY A 405 -9.79 8.17 -17.39
N HIS A 406 -10.57 8.82 -16.52
CA HIS A 406 -11.10 10.13 -16.84
C HIS A 406 -9.99 11.15 -17.05
N GLY A 407 -8.96 11.11 -16.21
CA GLY A 407 -7.84 12.00 -16.39
C GLY A 407 -7.14 11.77 -17.72
N ALA A 408 -7.01 10.53 -18.13
CA ALA A 408 -6.38 10.24 -19.41
C ALA A 408 -7.23 10.73 -20.57
N LEU A 409 -8.55 10.62 -20.45
CA LEU A 409 -9.44 11.08 -21.51
C LEU A 409 -9.34 12.58 -21.71
N ALA A 410 -9.42 13.35 -20.62
CA ALA A 410 -9.31 14.79 -20.73
C ALA A 410 -7.91 15.22 -21.13
N GLU A 411 -6.89 14.43 -20.76
CA GLU A 411 -5.53 14.78 -21.13
C GLU A 411 -5.34 14.69 -22.64
N LYS A 412 -5.83 13.63 -23.26
CA LYS A 412 -5.65 13.49 -24.70
C LYS A 412 -6.65 14.31 -25.49
N ALA A 413 -7.72 14.78 -24.86
CA ALA A 413 -8.59 15.76 -25.51
C ALA A 413 -7.86 17.09 -25.67
N LEU A 414 -7.06 17.48 -24.68
CA LEU A 414 -6.33 18.73 -24.75
C LEU A 414 -4.97 18.60 -25.41
N TYR A 415 -4.43 17.38 -25.47
CA TYR A 415 -3.07 17.20 -25.95
C TYR A 415 -2.81 17.77 -27.34
N PRO A 416 -3.67 17.60 -28.35
CA PRO A 416 -3.34 18.10 -29.68
C PRO A 416 -3.11 19.60 -29.76
N VAL A 417 -3.75 20.40 -28.90
CA VAL A 417 -3.59 21.84 -28.99
C VAL A 417 -2.49 22.40 -28.11
N ILE A 418 -1.88 21.57 -27.26
CA ILE A 418 -0.76 22.02 -26.43
C ILE A 418 0.43 22.35 -27.32
N PRO A 419 1.08 23.49 -27.14
CA PRO A 419 2.22 23.84 -27.98
C PRO A 419 3.43 22.95 -27.69
N ARG A 420 4.31 22.88 -28.68
CA ARG A 420 5.57 22.18 -28.53
C ARG A 420 6.63 23.11 -27.97
N ASP A 421 7.59 22.52 -27.27
CA ASP A 421 8.77 23.24 -26.79
C ASP A 421 8.40 24.40 -25.87
N PHE A 422 7.38 24.20 -25.05
CA PHE A 422 7.11 25.14 -23.97
C PHE A 422 8.23 25.05 -22.94
N PRO A 423 8.65 26.19 -22.37
CA PRO A 423 9.78 26.14 -21.43
C PRO A 423 9.53 25.36 -20.17
N PHE A 424 8.28 25.14 -19.76
CA PHE A 424 7.98 24.50 -18.50
C PHE A 424 7.12 23.27 -18.69
N THR A 425 7.13 22.41 -17.69
CA THR A 425 6.18 21.32 -17.63
C THR A 425 4.81 21.87 -17.29
N ILE A 426 3.79 21.48 -18.03
CA ILE A 426 2.44 21.95 -17.83
C ILE A 426 1.66 20.88 -17.10
N ARG A 427 1.22 21.17 -15.89
CA ARG A 427 0.38 20.26 -15.12
C ARG A 427 -0.98 20.90 -14.96
N VAL A 428 -2.01 20.23 -15.43
CA VAL A 428 -3.38 20.67 -15.25
C VAL A 428 -4.01 19.79 -14.20
N THR A 429 -4.60 20.39 -13.19
CA THR A 429 -5.34 19.67 -12.17
C THR A 429 -6.80 20.02 -12.33
N SER A 430 -7.64 19.01 -12.48
CA SER A 430 -9.07 19.19 -12.60
C SER A 430 -9.74 18.52 -11.41
N GLU A 431 -10.50 19.28 -10.64
CA GLU A 431 -11.19 18.77 -9.47
C GLU A 431 -12.68 18.91 -9.65
N VAL A 432 -13.40 17.82 -9.46
CA VAL A 432 -14.85 17.81 -9.58
C VAL A 432 -15.44 18.22 -8.25
N LEU A 433 -15.95 19.45 -8.17
CA LEU A 433 -16.55 19.92 -6.93
C LEU A 433 -17.99 19.45 -6.80
N GLU A 434 -18.75 19.46 -7.89
CA GLU A 434 -20.08 18.88 -7.94
C GLU A 434 -20.19 18.08 -9.23
N SER A 435 -20.95 16.98 -9.21
CA SER A 435 -21.07 16.15 -10.39
C SER A 435 -22.50 15.72 -10.61
N ASN A 436 -23.01 15.98 -11.81
CA ASN A 436 -24.28 15.43 -12.25
C ASN A 436 -24.19 15.04 -13.71
N GLY A 437 -23.01 14.69 -14.16
CA GLY A 437 -22.87 14.46 -15.58
C GLY A 437 -21.41 14.31 -15.95
N SER A 438 -21.09 14.72 -17.16
CA SER A 438 -19.76 14.46 -17.69
C SER A 438 -18.78 15.46 -17.09
N SER A 439 -18.22 15.10 -15.95
CA SER A 439 -17.15 15.89 -15.37
C SER A 439 -15.85 15.72 -16.13
N SER A 440 -15.63 14.58 -16.78
CA SER A 440 -14.45 14.43 -17.61
C SER A 440 -14.49 15.35 -18.81
N MET A 441 -15.65 15.49 -19.45
CA MET A 441 -15.75 16.42 -20.57
C MET A 441 -15.68 17.86 -20.08
N ALA A 442 -16.22 18.15 -18.91
CA ALA A 442 -16.05 19.47 -18.32
C ALA A 442 -14.60 19.73 -17.93
N SER A 443 -13.84 18.68 -17.62
CA SER A 443 -12.43 18.85 -17.35
C SER A 443 -11.69 19.31 -18.60
N ALA A 444 -12.14 18.88 -19.78
CA ALA A 444 -11.51 19.34 -21.00
C ALA A 444 -11.85 20.80 -21.28
N CYS A 445 -13.11 21.18 -21.13
CA CYS A 445 -13.50 22.57 -21.33
C CYS A 445 -12.83 23.47 -20.30
N GLY A 446 -12.93 23.10 -19.03
CA GLY A 446 -12.26 23.87 -18.00
C GLY A 446 -10.76 23.87 -18.15
N GLY A 447 -10.20 22.78 -18.68
CA GLY A 447 -8.77 22.74 -18.91
C GLY A 447 -8.31 23.76 -19.92
N SER A 448 -9.07 23.94 -21.02
CA SER A 448 -8.67 24.91 -22.02
C SER A 448 -8.83 26.34 -21.51
N LEU A 449 -9.89 26.61 -20.75
CA LEU A 449 -10.05 27.93 -20.15
C LEU A 449 -8.88 28.26 -19.24
N ALA A 450 -8.52 27.33 -18.36
CA ALA A 450 -7.41 27.56 -17.45
C ALA A 450 -6.09 27.64 -18.20
N LEU A 451 -5.96 26.92 -19.32
CA LEU A 451 -4.73 26.99 -20.09
C LEU A 451 -4.59 28.33 -20.79
N MET A 452 -5.68 28.86 -21.33
CA MET A 452 -5.64 30.20 -21.90
C MET A 452 -5.43 31.26 -20.83
N ASP A 453 -6.07 31.09 -19.67
CA ASP A 453 -5.90 32.03 -18.57
C ASP A 453 -4.46 32.05 -18.07
N SER A 454 -3.79 30.91 -18.09
CA SER A 454 -2.41 30.84 -17.64
C SER A 454 -1.43 31.41 -18.64
N GLY A 455 -1.84 31.64 -19.88
CA GLY A 455 -0.94 32.17 -20.87
C GLY A 455 -0.25 31.15 -21.75
N VAL A 456 -0.65 29.88 -21.67
CA VAL A 456 -0.13 28.86 -22.57
C VAL A 456 -0.73 29.11 -23.95
N PRO A 457 0.06 29.28 -24.99
CA PRO A 457 -0.51 29.55 -26.32
C PRO A 457 -1.02 28.29 -27.02
N ILE A 458 -2.18 27.81 -26.57
CA ILE A 458 -2.79 26.66 -27.22
C ILE A 458 -3.36 27.08 -28.57
N SER A 459 -3.31 26.16 -29.52
CA SER A 459 -3.72 26.48 -30.89
C SER A 459 -5.19 26.83 -30.98
N SER A 460 -6.04 26.15 -30.20
CA SER A 460 -7.45 26.43 -30.25
C SER A 460 -8.12 25.93 -28.98
N ALA A 461 -9.31 26.45 -28.72
CA ALA A 461 -10.08 26.03 -27.56
C ALA A 461 -10.67 24.64 -27.78
N VAL A 462 -10.81 23.89 -26.70
CA VAL A 462 -11.27 22.51 -26.75
C VAL A 462 -12.50 22.39 -25.86
N ALA A 463 -13.55 21.77 -26.39
CA ALA A 463 -14.75 21.49 -25.63
C ALA A 463 -15.14 20.04 -25.83
N GLY A 464 -15.73 19.44 -24.79
CA GLY A 464 -16.21 18.09 -24.88
C GLY A 464 -17.67 18.03 -24.45
N VAL A 465 -18.32 16.95 -24.85
CA VAL A 465 -19.71 16.71 -24.52
C VAL A 465 -19.95 15.21 -24.51
N ALA A 466 -21.00 14.79 -23.81
CA ALA A 466 -21.39 13.40 -23.75
C ALA A 466 -22.75 13.24 -24.41
N ILE A 467 -22.90 12.22 -25.24
CA ILE A 467 -24.15 11.92 -25.93
C ILE A 467 -24.69 10.63 -25.36
N GLY A 468 -25.95 10.65 -24.95
CA GLY A 468 -26.62 9.45 -24.48
C GLY A 468 -27.42 8.80 -25.57
N LEU A 469 -28.06 7.69 -25.22
CA LEU A 469 -28.82 6.93 -26.19
C LEU A 469 -29.90 6.15 -25.47
N VAL A 470 -31.12 6.22 -25.98
CA VAL A 470 -32.23 5.43 -25.49
C VAL A 470 -32.82 4.67 -26.66
N THR A 471 -32.91 3.35 -26.55
CA THR A 471 -33.35 2.52 -27.65
C THR A 471 -34.58 1.74 -27.25
N LYS A 472 -35.32 1.31 -28.27
CA LYS A 472 -36.44 0.39 -28.11
C LYS A 472 -36.14 -0.82 -28.98
N THR A 473 -35.71 -1.91 -28.36
CA THR A 473 -35.31 -3.10 -29.09
C THR A 473 -36.43 -4.13 -29.09
N ASP A 474 -36.35 -5.05 -30.04
CA ASP A 474 -37.28 -6.16 -30.09
C ASP A 474 -37.06 -7.06 -28.88
N PRO A 475 -38.10 -7.39 -28.13
CA PRO A 475 -37.93 -8.26 -26.96
C PRO A 475 -37.43 -9.65 -27.32
N GLU A 476 -37.60 -10.08 -28.56
CA GLU A 476 -37.12 -11.39 -29.01
C GLU A 476 -35.91 -11.26 -29.93
N LYS A 477 -36.06 -10.53 -31.05
CA LYS A 477 -34.97 -10.44 -32.02
C LYS A 477 -33.80 -9.65 -31.46
N GLY A 478 -34.07 -8.61 -30.68
CA GLY A 478 -33.03 -7.77 -30.16
C GLY A 478 -32.58 -6.66 -31.09
N GLU A 479 -33.20 -6.52 -32.26
CA GLU A 479 -32.85 -5.45 -33.16
C GLU A 479 -33.37 -4.11 -32.65
N ILE A 480 -32.67 -3.05 -32.99
CA ILE A 480 -33.04 -1.71 -32.56
C ILE A 480 -34.12 -1.17 -33.50
N GLU A 481 -35.31 -0.92 -32.95
CA GLU A 481 -36.42 -0.43 -33.75
C GLU A 481 -36.52 1.09 -33.73
N ASP A 482 -36.19 1.73 -32.61
CA ASP A 482 -36.25 3.17 -32.51
C ASP A 482 -35.24 3.61 -31.46
N TYR A 483 -34.68 4.80 -31.66
CA TYR A 483 -33.70 5.30 -30.70
C TYR A 483 -33.73 6.81 -30.66
N ARG A 484 -33.20 7.36 -29.57
CA ARG A 484 -33.06 8.80 -29.39
C ARG A 484 -31.65 9.09 -28.92
N LEU A 485 -31.00 10.05 -29.56
CA LEU A 485 -29.72 10.55 -29.11
C LEU A 485 -29.93 11.80 -28.28
N LEU A 486 -29.32 11.82 -27.10
CA LEU A 486 -29.49 12.91 -26.14
C LEU A 486 -28.19 13.69 -26.00
N THR A 487 -28.27 15.00 -26.08
CA THR A 487 -27.11 15.85 -25.96
C THR A 487 -26.91 16.25 -24.50
N ASP A 488 -25.68 16.07 -24.00
CA ASP A 488 -25.28 16.56 -22.68
C ASP A 488 -26.14 15.93 -21.57
N ILE A 489 -25.99 14.62 -21.43
CA ILE A 489 -26.88 13.87 -20.57
C ILE A 489 -26.61 14.16 -19.10
N LEU A 490 -27.62 13.92 -18.28
CA LEU A 490 -27.48 13.96 -16.84
C LEU A 490 -26.98 12.60 -16.34
N GLY A 491 -26.72 12.53 -15.04
CA GLY A 491 -26.31 11.26 -14.46
C GLY A 491 -27.38 10.21 -14.56
N ILE A 492 -28.64 10.61 -14.40
CA ILE A 492 -29.73 9.65 -14.48
C ILE A 492 -29.93 9.17 -15.92
N GLU A 493 -29.63 10.02 -16.90
CA GLU A 493 -29.76 9.60 -18.29
C GLU A 493 -28.64 8.67 -18.70
N ASP A 494 -27.46 8.81 -18.07
CA ASP A 494 -26.40 7.85 -18.28
C ASP A 494 -26.70 6.53 -17.55
N TYR A 495 -27.21 6.63 -16.33
CA TYR A 495 -27.52 5.44 -15.54
C TYR A 495 -28.61 4.62 -16.20
N ASN A 496 -29.63 5.28 -16.73
CA ASN A 496 -30.75 4.60 -17.39
C ASN A 496 -30.59 4.49 -18.89
N GLY A 497 -29.48 4.98 -19.44
CA GLY A 497 -29.29 5.01 -20.88
C GLY A 497 -28.60 3.77 -21.41
N ASP A 498 -28.19 3.86 -22.67
CA ASP A 498 -27.54 2.76 -23.36
C ASP A 498 -26.09 3.01 -23.68
N MET A 499 -25.62 4.25 -23.61
CA MET A 499 -24.20 4.51 -23.80
C MET A 499 -23.87 5.85 -23.17
N ASP A 500 -22.57 6.10 -23.03
CA ASP A 500 -22.02 7.35 -22.54
C ASP A 500 -20.96 7.75 -23.56
N PHE A 501 -21.38 8.45 -24.59
CA PHE A 501 -20.56 8.74 -25.77
C PHE A 501 -19.84 10.07 -25.56
N LYS A 502 -18.65 10.02 -25.01
CA LYS A 502 -17.89 11.22 -24.71
C LYS A 502 -16.97 11.54 -25.87
N ILE A 503 -17.10 12.74 -26.42
CA ILE A 503 -16.25 13.17 -27.53
C ILE A 503 -15.90 14.63 -27.33
N ALA A 504 -14.64 14.96 -27.58
CA ALA A 504 -14.15 16.31 -27.42
C ALA A 504 -13.45 16.74 -28.70
N GLY A 505 -13.31 18.04 -28.86
CA GLY A 505 -12.53 18.52 -29.99
C GLY A 505 -12.60 20.03 -30.09
N THR A 506 -11.85 20.53 -31.05
CA THR A 506 -11.84 21.91 -31.50
C THR A 506 -13.09 22.17 -32.33
N ASN A 507 -13.34 23.45 -32.65
CA ASN A 507 -14.45 23.77 -33.54
C ASN A 507 -14.27 23.19 -34.93
N LYS A 508 -13.06 22.76 -35.30
CA LYS A 508 -12.80 22.25 -36.64
C LYS A 508 -12.32 20.80 -36.65
N GLY A 509 -12.43 20.05 -35.57
CA GLY A 509 -11.95 18.69 -35.60
C GLY A 509 -12.26 17.96 -34.31
N ILE A 510 -11.82 16.70 -34.28
CA ILE A 510 -12.04 15.82 -33.15
C ILE A 510 -10.69 15.46 -32.56
N THR A 511 -10.58 15.53 -31.23
CA THR A 511 -9.34 15.19 -30.55
C THR A 511 -9.44 13.96 -29.67
N ALA A 512 -10.61 13.63 -29.14
CA ALA A 512 -10.71 12.46 -28.31
C ALA A 512 -12.12 11.91 -28.37
N LEU A 513 -12.23 10.61 -28.12
CA LEU A 513 -13.51 9.93 -28.12
C LEU A 513 -13.43 8.72 -27.21
N GLN A 514 -14.48 8.49 -26.44
CA GLN A 514 -14.59 7.27 -25.64
C GLN A 514 -16.06 6.91 -25.57
N ALA A 515 -16.42 5.80 -26.20
CA ALA A 515 -17.80 5.33 -26.21
C ALA A 515 -17.94 4.18 -25.22
N ASP A 516 -18.73 4.39 -24.18
CA ASP A 516 -19.01 3.37 -23.17
C ASP A 516 -20.39 2.81 -23.45
N ILE A 517 -20.45 1.77 -24.26
CA ILE A 517 -21.71 1.20 -24.70
C ILE A 517 -22.13 0.11 -23.73
N LYS A 518 -23.37 0.19 -23.26
CA LYS A 518 -23.91 -0.82 -22.36
C LYS A 518 -24.69 -1.90 -23.08
N LEU A 519 -25.19 -1.63 -24.28
CA LEU A 519 -25.86 -2.65 -25.06
C LEU A 519 -24.82 -3.64 -25.59
N PRO A 520 -25.25 -4.84 -25.97
CA PRO A 520 -24.33 -5.77 -26.62
C PRO A 520 -24.06 -5.41 -28.07
N GLY A 521 -23.59 -4.18 -28.28
CA GLY A 521 -23.33 -3.70 -29.63
C GLY A 521 -24.39 -2.76 -30.15
N ILE A 522 -23.98 -1.74 -30.88
CA ILE A 522 -24.91 -0.82 -31.53
C ILE A 522 -24.50 -0.68 -32.99
N PRO A 523 -25.43 -0.36 -33.89
CA PRO A 523 -25.07 -0.22 -35.30
C PRO A 523 -24.16 0.97 -35.53
N ILE A 524 -23.41 0.91 -36.64
CA ILE A 524 -22.50 1.99 -36.97
C ILE A 524 -23.27 3.27 -37.30
N LYS A 525 -24.51 3.16 -37.80
CA LYS A 525 -25.27 4.35 -38.15
C LYS A 525 -25.53 5.21 -36.93
N ILE A 526 -25.86 4.59 -35.80
CA ILE A 526 -26.08 5.34 -34.57
C ILE A 526 -24.81 6.06 -34.16
N VAL A 527 -23.66 5.41 -34.29
CA VAL A 527 -22.40 6.03 -33.91
C VAL A 527 -22.12 7.24 -34.80
N MET A 528 -22.39 7.13 -36.10
CA MET A 528 -22.17 8.25 -36.99
C MET A 528 -23.05 9.44 -36.61
N GLU A 529 -24.31 9.18 -36.27
CA GLU A 529 -25.21 10.27 -35.93
C GLU A 529 -24.84 10.91 -34.60
N ALA A 530 -24.37 10.12 -33.65
CA ALA A 530 -23.94 10.68 -32.37
C ALA A 530 -22.75 11.61 -32.56
N ILE A 531 -21.83 11.26 -33.46
CA ILE A 531 -20.69 12.13 -33.72
C ILE A 531 -21.16 13.44 -34.34
N GLN A 532 -22.12 13.37 -35.26
CA GLN A 532 -22.62 14.59 -35.87
C GLN A 532 -23.37 15.45 -34.85
N GLN A 533 -24.20 14.83 -34.02
CA GLN A 533 -24.94 15.58 -33.03
C GLN A 533 -24.00 16.25 -32.04
N ALA A 534 -22.95 15.55 -31.63
CA ALA A 534 -21.99 16.14 -30.73
C ALA A 534 -21.23 17.28 -31.37
N SER A 535 -21.11 17.29 -32.70
CA SER A 535 -20.45 18.39 -33.37
C SER A 535 -21.25 19.68 -33.21
N VAL A 536 -22.57 19.60 -33.30
CA VAL A 536 -23.42 20.78 -33.10
C VAL A 536 -23.31 21.28 -31.67
N ALA A 537 -23.37 20.36 -30.70
CA ALA A 537 -23.27 20.77 -29.31
C ALA A 537 -21.93 21.41 -29.01
N LYS A 538 -20.85 20.87 -29.59
CA LYS A 538 -19.53 21.39 -29.29
C LYS A 538 -19.37 22.82 -29.77
N LYS A 539 -19.99 23.17 -30.90
CA LYS A 539 -19.92 24.54 -31.39
C LYS A 539 -20.61 25.51 -30.43
N GLU A 540 -21.77 25.12 -29.90
CA GLU A 540 -22.46 25.99 -28.96
C GLU A 540 -21.64 26.21 -27.71
N ILE A 541 -21.04 25.15 -27.17
CA ILE A 541 -20.23 25.28 -25.97
C ILE A 541 -19.03 26.18 -26.22
N LEU A 542 -18.39 26.04 -27.37
CA LEU A 542 -17.24 26.87 -27.67
C LEU A 542 -17.61 28.34 -27.82
N GLN A 543 -18.85 28.63 -28.23
CA GLN A 543 -19.28 30.02 -28.28
C GLN A 543 -19.43 30.62 -26.89
N ILE A 544 -19.97 29.86 -25.96
CA ILE A 544 -20.08 30.33 -24.58
C ILE A 544 -18.71 30.51 -23.97
N MET A 545 -17.81 29.54 -24.18
CA MET A 545 -16.48 29.65 -23.61
C MET A 545 -15.73 30.85 -24.16
N ASN A 546 -15.92 31.15 -25.44
CA ASN A 546 -15.17 32.24 -26.05
C ASN A 546 -15.55 33.58 -25.46
N LYS A 547 -16.76 33.72 -24.94
CA LYS A 547 -17.16 34.96 -24.29
C LYS A 547 -16.34 35.20 -23.03
N THR A 548 -16.08 34.14 -22.25
CA THR A 548 -15.25 34.29 -21.06
C THR A 548 -13.81 34.62 -21.43
N ILE A 549 -13.23 33.85 -22.33
CA ILE A 549 -11.89 34.12 -22.83
C ILE A 549 -11.77 33.45 -24.18
N SER A 550 -11.24 34.16 -25.17
CA SER A 550 -11.17 33.64 -26.53
C SER A 550 -9.76 33.40 -27.01
N LYS A 551 -8.78 34.10 -26.47
CA LYS A 551 -7.39 33.89 -26.84
C LYS A 551 -6.56 33.81 -25.57
N PRO A 552 -5.43 33.11 -25.62
CA PRO A 552 -4.57 33.05 -24.44
C PRO A 552 -4.05 34.42 -24.08
N ARG A 553 -3.83 34.63 -22.79
CA ARG A 553 -3.28 35.89 -22.33
C ARG A 553 -1.91 36.13 -22.93
N ALA A 554 -1.61 37.41 -23.18
CA ALA A 554 -0.40 37.75 -23.92
C ALA A 554 0.87 37.30 -23.23
N SER A 555 0.82 37.05 -21.92
CA SER A 555 1.99 36.61 -21.20
C SER A 555 1.54 35.83 -19.97
N ARG A 556 2.47 35.10 -19.39
CA ARG A 556 2.18 34.40 -18.15
C ARG A 556 2.00 35.39 -17.02
N LYS A 557 1.41 34.93 -15.92
CA LYS A 557 1.12 35.81 -14.81
C LYS A 557 2.42 36.32 -14.19
N GLU A 558 2.33 37.51 -13.60
CA GLU A 558 3.51 38.18 -13.06
C GLU A 558 4.18 37.36 -11.98
N ASN A 559 3.41 36.61 -11.19
CA ASN A 559 3.95 35.75 -10.15
C ASN A 559 4.24 34.34 -10.64
N GLY A 560 4.53 34.19 -11.93
CA GLY A 560 4.81 32.89 -12.48
C GLY A 560 6.25 32.50 -12.30
N PRO A 561 6.58 31.30 -12.74
CA PRO A 561 7.95 30.79 -12.58
C PRO A 561 8.94 31.53 -13.45
N VAL A 562 10.20 31.52 -13.01
CA VAL A 562 11.30 32.09 -13.76
C VAL A 562 12.43 31.08 -13.82
N VAL A 563 13.17 31.11 -14.91
CA VAL A 563 14.34 30.27 -15.10
C VAL A 563 15.48 31.16 -15.52
N GLU A 564 16.55 31.19 -14.73
CA GLU A 564 17.76 31.85 -15.17
C GLU A 564 18.95 31.24 -14.45
N THR A 565 20.12 31.48 -15.01
CA THR A 565 21.35 30.81 -14.61
C THR A 565 22.15 31.67 -13.66
N VAL A 566 22.94 31.01 -12.82
CA VAL A 566 23.85 31.66 -11.89
C VAL A 566 25.23 31.05 -12.09
N GLN A 567 26.23 31.91 -12.20
CA GLN A 567 27.61 31.48 -12.36
C GLN A 567 28.24 31.27 -10.99
N VAL A 568 28.89 30.12 -10.81
CA VAL A 568 29.66 29.88 -9.59
C VAL A 568 31.10 29.59 -10.01
N PRO A 569 32.09 30.07 -9.26
CA PRO A 569 33.48 29.80 -9.62
C PRO A 569 33.84 28.35 -9.34
N LEU A 570 34.91 27.90 -9.99
CA LEU A 570 35.40 26.53 -9.76
C LEU A 570 35.82 26.33 -8.32
N SER A 571 36.52 27.32 -7.75
CA SER A 571 36.93 27.23 -6.36
C SER A 571 35.73 27.16 -5.42
N LYS A 572 34.61 27.73 -5.82
CA LYS A 572 33.41 27.72 -5.00
C LYS A 572 32.48 26.55 -5.33
N ARG A 573 32.84 25.71 -6.29
CA ARG A 573 31.96 24.62 -6.68
C ARG A 573 31.72 23.67 -5.53
N ALA A 574 32.77 23.29 -4.81
CA ALA A 574 32.63 22.35 -3.71
C ALA A 574 31.80 22.95 -2.58
N LYS A 575 32.02 24.21 -2.25
CA LYS A 575 31.23 24.87 -1.21
C LYS A 575 29.77 24.97 -1.63
N PHE A 576 29.54 25.44 -2.86
CA PHE A 576 28.16 25.63 -3.32
C PHE A 576 27.42 24.30 -3.41
N VAL A 577 28.03 23.31 -4.07
CA VAL A 577 27.35 22.04 -4.27
C VAL A 577 27.25 21.26 -2.96
N GLY A 578 28.32 21.25 -2.18
CA GLY A 578 28.36 20.51 -0.95
C GLY A 578 28.84 19.09 -1.16
N PRO A 579 29.04 18.36 -0.06
CA PRO A 579 29.51 16.98 -0.17
C PRO A 579 28.48 16.05 -0.77
N GLY A 580 28.75 15.55 -1.98
CA GLY A 580 27.79 14.72 -2.68
C GLY A 580 26.52 15.46 -3.04
N GLY A 581 26.62 16.75 -3.34
CA GLY A 581 25.44 17.53 -3.67
C GLY A 581 24.51 17.77 -2.52
N TYR A 582 25.03 17.75 -1.29
CA TYR A 582 24.15 17.92 -0.13
C TYR A 582 23.58 19.32 -0.05
N ASN A 583 24.40 20.33 -0.32
CA ASN A 583 23.95 21.71 -0.20
C ASN A 583 22.85 22.01 -1.22
N LEU A 584 23.04 21.57 -2.46
CA LEU A 584 22.01 21.79 -3.47
C LEU A 584 20.72 21.09 -3.11
N LYS A 585 20.81 19.85 -2.63
CA LYS A 585 19.60 19.11 -2.29
C LYS A 585 18.90 19.69 -1.07
N LYS A 586 19.61 20.47 -0.26
CA LYS A 586 19.01 21.09 0.91
C LYS A 586 18.36 22.42 0.58
N LEU A 587 19.06 23.26 -0.17
CA LEU A 587 18.48 24.53 -0.61
C LEU A 587 17.24 24.27 -1.46
N GLN A 588 17.33 23.31 -2.36
CA GLN A 588 16.20 22.94 -3.20
C GLN A 588 15.06 22.31 -2.39
N ALA A 589 15.34 21.76 -1.22
CA ALA A 589 14.28 21.16 -0.41
C ALA A 589 13.59 22.16 0.51
N GLU A 590 14.28 23.24 0.90
CA GLU A 590 13.70 24.20 1.82
C GLU A 590 13.21 25.46 1.14
N THR A 591 13.57 25.70 -0.12
CA THR A 591 13.12 26.86 -0.85
C THR A 591 12.15 26.53 -1.98
N GLY A 592 12.15 25.29 -2.45
CA GLY A 592 11.28 24.89 -3.53
C GLY A 592 11.86 25.06 -4.92
N VAL A 593 13.03 25.68 -5.03
CA VAL A 593 13.66 25.88 -6.34
C VAL A 593 14.30 24.58 -6.78
N THR A 594 14.72 24.52 -8.05
CA THR A 594 15.40 23.36 -8.60
C THR A 594 16.66 23.85 -9.30
N ILE A 595 17.82 23.40 -8.83
CA ILE A 595 19.10 23.80 -9.40
C ILE A 595 19.65 22.63 -10.20
N SER A 596 19.98 22.87 -11.45
CA SER A 596 20.55 21.84 -12.32
C SER A 596 21.85 22.37 -12.90
N GLN A 597 22.90 21.56 -12.83
CA GLN A 597 24.16 21.98 -13.41
C GLN A 597 24.06 21.95 -14.93
N VAL A 598 24.51 23.01 -15.57
CA VAL A 598 24.48 23.14 -17.02
C VAL A 598 25.86 22.99 -17.62
N ASP A 599 26.87 23.62 -17.02
CA ASP A 599 28.23 23.57 -17.50
C ASP A 599 29.15 23.35 -16.31
N GLU A 600 30.45 23.51 -16.55
CA GLU A 600 31.40 23.54 -15.45
C GLU A 600 31.14 24.73 -14.54
N GLU A 601 30.63 25.83 -15.09
CA GLU A 601 30.52 27.07 -14.38
C GLU A 601 29.08 27.50 -14.14
N THR A 602 28.12 26.86 -14.78
CA THR A 602 26.76 27.36 -14.87
C THR A 602 25.80 26.46 -14.12
N PHE A 603 24.85 27.06 -13.42
CA PHE A 603 23.77 26.35 -12.76
C PHE A 603 22.45 27.02 -13.14
N SER A 604 21.56 26.25 -13.74
CA SER A 604 20.24 26.78 -14.10
C SER A 604 19.31 26.61 -12.91
N VAL A 605 18.69 27.70 -12.49
CA VAL A 605 17.80 27.72 -11.35
C VAL A 605 16.37 27.92 -11.85
N PHE A 606 15.48 27.04 -11.43
CA PHE A 606 14.06 27.19 -11.69
C PHE A 606 13.37 27.52 -10.38
N ALA A 607 12.61 28.60 -10.37
CA ALA A 607 11.87 28.97 -9.17
C ALA A 607 10.38 29.08 -9.50
N PRO A 608 9.51 28.40 -8.77
CA PRO A 608 8.08 28.47 -9.07
C PRO A 608 7.49 29.87 -8.96
N THR A 609 8.02 30.72 -8.09
CA THR A 609 7.55 32.09 -7.93
C THR A 609 8.75 33.02 -7.88
N PRO A 610 8.57 34.30 -8.21
CA PRO A 610 9.67 35.26 -8.05
C PRO A 610 10.15 35.39 -6.62
N SER A 611 9.26 35.22 -5.64
CA SER A 611 9.69 35.26 -4.24
C SER A 611 10.59 34.08 -3.92
N ALA A 612 10.30 32.90 -4.49
CA ALA A 612 11.13 31.73 -4.23
C ALA A 612 12.55 31.94 -4.73
N MET A 613 12.70 32.58 -5.89
CA MET A 613 14.04 32.87 -6.37
C MET A 613 14.70 33.98 -5.57
N HIS A 614 13.92 34.87 -4.97
CA HIS A 614 14.54 35.84 -4.08
C HIS A 614 15.18 35.15 -2.89
N GLU A 615 14.49 34.15 -2.30
CA GLU A 615 15.08 33.40 -1.21
C GLU A 615 16.31 32.63 -1.66
N ALA A 616 16.21 31.96 -2.81
CA ALA A 616 17.33 31.17 -3.30
C ALA A 616 18.52 32.05 -3.64
N ARG A 617 18.26 33.22 -4.22
CA ARG A 617 19.35 34.11 -4.61
C ARG A 617 20.14 34.58 -3.39
N ASP A 618 19.45 34.82 -2.28
CA ASP A 618 20.13 35.20 -1.05
C ASP A 618 21.04 34.08 -0.57
N PHE A 619 20.54 32.84 -0.59
CA PHE A 619 21.34 31.71 -0.12
C PHE A 619 22.58 31.53 -0.98
N ILE A 620 22.42 31.65 -2.30
CA ILE A 620 23.55 31.47 -3.19
C ILE A 620 24.59 32.57 -2.98
N THR A 621 24.13 33.79 -2.68
CA THR A 621 25.05 34.89 -2.45
C THR A 621 25.92 34.66 -1.22
N GLU A 622 25.29 34.32 -0.09
CA GLU A 622 26.06 34.11 1.13
C GLU A 622 26.95 32.87 1.01
N ILE A 623 26.46 31.81 0.36
CA ILE A 623 27.28 30.62 0.17
C ILE A 623 28.50 30.95 -0.69
N CYS A 624 28.32 31.74 -1.74
CA CYS A 624 29.44 32.15 -2.57
C CYS A 624 30.43 33.03 -1.80
N LYS A 625 30.01 33.65 -0.71
CA LYS A 625 30.90 34.50 0.08
C LYS A 625 31.93 33.69 0.85
N ALA B 2 18.15 -16.32 34.30
CA ALA B 2 19.05 -16.26 33.16
C ALA B 2 19.89 -17.51 33.05
N VAL B 3 19.73 -18.24 31.95
CA VAL B 3 20.46 -19.48 31.69
C VAL B 3 21.42 -19.24 30.55
N ALA B 4 22.63 -19.77 30.69
CA ALA B 4 23.62 -19.74 29.62
C ALA B 4 23.80 -21.15 29.07
N VAL B 5 23.78 -21.26 27.74
CA VAL B 5 23.99 -22.52 27.05
C VAL B 5 25.28 -22.40 26.25
N ASP B 6 26.16 -23.38 26.38
CA ASP B 6 27.43 -23.38 25.70
C ASP B 6 27.37 -24.25 24.46
N LEU B 7 27.72 -23.69 23.31
CA LEU B 7 27.71 -24.40 22.03
C LEU B 7 29.10 -24.28 21.44
N GLY B 8 29.98 -25.20 21.80
CA GLY B 8 31.35 -25.08 21.35
C GLY B 8 31.96 -23.80 21.88
N ASN B 9 32.51 -23.00 20.99
CA ASN B 9 33.12 -21.73 21.37
C ASN B 9 32.12 -20.59 21.44
N ARG B 10 30.88 -20.82 21.08
CA ARG B 10 29.83 -19.81 21.16
C ARG B 10 29.05 -19.98 22.44
N LYS B 11 28.47 -18.88 22.91
CA LYS B 11 27.71 -18.86 24.16
C LYS B 11 26.35 -18.22 23.90
N LEU B 12 25.30 -18.82 24.42
CA LEU B 12 23.94 -18.33 24.29
C LEU B 12 23.43 -17.93 25.67
N GLU B 13 22.90 -16.72 25.78
CA GLU B 13 22.35 -16.23 27.04
C GLU B 13 20.86 -16.00 26.88
N ILE B 14 20.08 -16.62 27.75
CA ILE B 14 18.62 -16.54 27.73
C ILE B 14 18.16 -15.83 28.98
N SER B 15 17.25 -14.88 28.83
CA SER B 15 16.75 -14.09 29.93
C SER B 15 15.25 -13.91 29.79
N SER B 16 14.60 -13.57 30.88
CA SER B 16 13.19 -13.20 30.84
C SER B 16 12.81 -12.51 32.13
N GLY B 17 11.72 -11.75 32.06
CA GLY B 17 11.16 -11.09 33.22
C GLY B 17 11.52 -9.63 33.38
N LYS B 18 12.28 -9.06 32.45
CA LYS B 18 12.67 -7.65 32.55
C LYS B 18 11.89 -6.76 31.61
N LEU B 19 11.79 -7.13 30.33
CA LEU B 19 11.17 -6.28 29.31
C LEU B 19 9.83 -6.85 28.91
N ALA B 20 8.89 -5.96 28.59
CA ALA B 20 7.61 -6.31 27.99
C ALA B 20 6.87 -7.36 28.82
N ARG B 21 6.62 -7.01 30.08
CA ARG B 21 5.99 -7.95 31.00
C ARG B 21 4.51 -8.14 30.74
N PHE B 22 3.89 -7.31 29.93
CA PHE B 22 2.47 -7.46 29.68
C PHE B 22 2.17 -8.59 28.70
N ALA B 23 3.12 -8.92 27.82
CA ALA B 23 2.91 -9.97 26.84
C ALA B 23 2.76 -11.33 27.52
N ASP B 24 2.05 -12.23 26.86
CA ASP B 24 1.85 -13.57 27.41
C ASP B 24 3.18 -14.25 27.65
N GLY B 25 4.09 -14.15 26.69
CA GLY B 25 5.44 -14.61 26.90
C GLY B 25 6.41 -13.61 26.30
N SER B 26 7.62 -13.60 26.83
CA SER B 26 8.64 -12.68 26.36
C SER B 26 9.99 -13.22 26.77
N ALA B 27 10.99 -12.97 25.95
CA ALA B 27 12.33 -13.45 26.24
C ALA B 27 13.34 -12.57 25.52
N VAL B 28 14.57 -12.62 26.01
CA VAL B 28 15.70 -11.96 25.37
C VAL B 28 16.78 -13.01 25.19
N VAL B 29 17.22 -13.19 23.96
CA VAL B 29 18.28 -14.13 23.62
C VAL B 29 19.48 -13.32 23.15
N GLN B 30 20.62 -13.54 23.78
CA GLN B 30 21.81 -12.76 23.51
C GLN B 30 22.96 -13.69 23.14
N SER B 31 23.70 -13.31 22.10
CA SER B 31 24.91 -14.01 21.70
C SER B 31 25.95 -12.97 21.36
N GLY B 32 27.04 -12.94 22.10
CA GLY B 32 28.00 -11.88 21.94
C GLY B 32 27.36 -10.56 22.35
N ASP B 33 27.32 -9.62 21.42
CA ASP B 33 26.65 -8.35 21.67
C ASP B 33 25.39 -8.18 20.82
N THR B 34 24.84 -9.27 20.32
CA THR B 34 23.58 -9.24 19.58
C THR B 34 22.48 -9.73 20.50
N ALA B 35 21.45 -8.92 20.67
CA ALA B 35 20.34 -9.26 21.54
C ALA B 35 19.04 -9.13 20.78
N VAL B 36 18.20 -10.13 20.90
CA VAL B 36 16.90 -10.17 20.23
C VAL B 36 15.85 -10.43 21.30
N MET B 37 14.81 -9.62 21.31
CA MET B 37 13.69 -9.83 22.21
C MET B 37 12.52 -10.35 21.40
N VAL B 38 11.90 -11.42 21.88
CA VAL B 38 10.78 -12.05 21.20
C VAL B 38 9.62 -12.13 22.18
N THR B 39 8.45 -11.68 21.75
CA THR B 39 7.24 -11.76 22.56
C THR B 39 6.22 -12.61 21.84
N ALA B 40 5.35 -13.25 22.63
CA ALA B 40 4.27 -14.07 22.11
C ALA B 40 2.97 -13.63 22.75
N VAL B 41 1.95 -13.40 21.92
CA VAL B 41 0.63 -13.02 22.38
C VAL B 41 -0.37 -13.97 21.75
N SER B 42 -1.29 -14.49 22.55
CA SER B 42 -2.34 -15.36 22.02
C SER B 42 -3.66 -14.99 22.68
N LYS B 43 -4.66 -14.69 21.86
CA LYS B 43 -5.97 -14.33 22.39
C LYS B 43 -6.63 -15.52 23.04
N THR B 44 -7.41 -15.26 24.08
CA THR B 44 -8.17 -16.32 24.73
C THR B 44 -9.51 -16.57 24.06
N LYS B 45 -9.92 -15.72 23.16
CA LYS B 45 -11.18 -15.93 22.45
C LYS B 45 -10.91 -16.63 21.13
N PRO B 46 -11.62 -17.71 20.83
CA PRO B 46 -11.38 -18.43 19.58
C PRO B 46 -11.64 -17.55 18.37
N SER B 47 -10.80 -17.69 17.37
CA SER B 47 -10.95 -16.89 16.17
C SER B 47 -12.09 -17.41 15.30
N PRO B 48 -12.77 -16.53 14.58
CA PRO B 48 -13.83 -17.00 13.67
C PRO B 48 -13.33 -17.91 12.56
N SER B 49 -12.10 -17.69 12.09
CA SER B 49 -11.55 -18.54 11.04
C SER B 49 -11.32 -19.95 11.57
N GLN B 50 -11.49 -20.93 10.69
CA GLN B 50 -11.46 -22.33 11.09
C GLN B 50 -10.08 -22.95 10.93
N PHE B 51 -9.07 -22.28 11.47
CA PHE B 51 -7.71 -22.81 11.49
C PHE B 51 -6.95 -22.05 12.55
N MET B 52 -5.65 -22.33 12.66
CA MET B 52 -4.81 -21.60 13.60
C MET B 52 -4.23 -20.37 12.92
N PRO B 53 -4.68 -19.18 13.25
CA PRO B 53 -4.07 -17.97 12.68
C PRO B 53 -2.80 -17.65 13.45
N LEU B 54 -1.66 -17.90 12.83
CA LEU B 54 -0.37 -17.68 13.46
C LEU B 54 0.43 -16.75 12.56
N VAL B 55 0.83 -15.61 13.08
CA VAL B 55 1.63 -14.65 12.36
C VAL B 55 2.95 -14.49 13.08
N VAL B 56 4.04 -14.65 12.36
CA VAL B 56 5.37 -14.38 12.86
C VAL B 56 5.90 -13.18 12.10
N ASP B 57 6.37 -12.18 12.83
CA ASP B 57 6.90 -10.97 12.23
C ASP B 57 8.28 -10.72 12.80
N TYR B 58 9.29 -10.83 11.95
CA TYR B 58 10.66 -10.52 12.30
C TYR B 58 11.01 -9.18 11.66
N ARG B 59 11.36 -8.21 12.49
CA ARG B 59 11.60 -6.85 12.02
C ARG B 59 13.01 -6.43 12.37
N GLN B 60 13.75 -5.98 11.38
CA GLN B 60 15.03 -5.33 11.63
C GLN B 60 14.76 -3.88 11.96
N LYS B 61 15.14 -3.46 13.16
CA LYS B 61 14.87 -2.08 13.56
C LYS B 61 15.58 -1.10 12.64
N ALA B 62 16.82 -1.39 12.28
CA ALA B 62 17.58 -0.49 11.43
C ALA B 62 18.78 -1.24 10.87
N ALA B 63 18.80 -1.44 9.56
CA ALA B 63 20.03 -1.83 8.88
C ALA B 63 20.87 -0.57 8.69
N ALA B 64 22.08 -0.57 9.24
CA ALA B 64 22.86 0.65 9.44
C ALA B 64 22.02 1.62 10.27
N ALA B 65 21.31 2.53 9.61
CA ALA B 65 20.22 3.27 10.22
C ALA B 65 19.04 3.16 9.26
N GLY B 66 18.28 2.07 9.40
CA GLY B 66 17.18 1.81 8.49
C GLY B 66 16.12 2.90 8.51
N ARG B 67 15.89 3.51 9.66
CA ARG B 67 15.00 4.66 9.80
C ARG B 67 13.59 4.21 9.38
N ILE B 68 12.87 5.03 8.61
CA ILE B 68 11.45 4.82 8.36
C ILE B 68 11.16 5.06 6.89
N PRO B 69 10.24 4.29 6.33
CA PRO B 69 9.70 4.64 5.00
C PRO B 69 8.97 5.96 5.03
N THR B 70 8.95 6.64 3.88
CA THR B 70 8.52 8.03 3.82
C THR B 70 7.03 8.21 4.17
N ASN B 71 6.19 7.22 3.87
CA ASN B 71 4.75 7.38 4.05
C ASN B 71 4.13 6.05 4.46
N TYR B 72 2.82 6.07 4.69
CA TYR B 72 2.12 4.91 5.24
C TYR B 72 2.09 3.74 4.25
N LEU B 73 1.67 3.98 3.01
CA LEU B 73 1.58 2.91 2.03
C LEU B 73 2.96 2.33 1.71
N ARG B 74 3.97 3.20 1.58
CA ARG B 74 5.33 2.75 1.38
C ARG B 74 5.85 1.96 2.58
N ARG B 75 5.37 2.27 3.78
CA ARG B 75 5.75 1.49 4.95
C ARG B 75 5.26 0.05 4.83
N GLU B 76 4.06 -0.14 4.30
CA GLU B 76 3.57 -1.48 4.02
C GLU B 76 4.44 -2.22 3.02
N ILE B 77 5.19 -1.48 2.19
CA ILE B 77 6.16 -2.07 1.28
C ILE B 77 7.56 -2.16 1.90
N GLY B 78 7.79 -1.49 3.03
CA GLY B 78 9.10 -1.38 3.64
C GLY B 78 9.65 -2.63 4.29
N THR B 79 8.89 -3.73 4.31
CA THR B 79 9.41 -4.98 4.86
C THR B 79 10.35 -5.63 3.84
N SER B 80 11.62 -5.82 4.23
CA SER B 80 12.62 -6.31 3.31
C SER B 80 12.44 -7.81 3.06
N ASP B 81 13.11 -8.29 2.01
CA ASP B 81 13.01 -9.70 1.67
C ASP B 81 13.64 -10.59 2.72
N LYS B 82 14.77 -10.16 3.29
CA LYS B 82 15.42 -10.95 4.33
C LYS B 82 14.52 -11.07 5.56
N GLU B 83 13.79 -10.01 5.89
CA GLU B 83 12.86 -10.07 7.02
C GLU B 83 11.76 -11.09 6.76
N ILE B 84 11.23 -11.13 5.54
CA ILE B 84 10.15 -12.07 5.24
C ILE B 84 10.65 -13.50 5.32
N LEU B 85 11.83 -13.77 4.77
CA LEU B 85 12.37 -15.11 4.79
C LEU B 85 12.67 -15.57 6.22
N THR B 86 13.19 -14.66 7.05
CA THR B 86 13.42 -15.01 8.44
C THR B 86 12.11 -15.29 9.17
N SER B 87 11.07 -14.51 8.88
CA SER B 87 9.78 -14.77 9.49
C SER B 87 9.26 -16.14 9.11
N ARG B 88 9.53 -16.59 7.89
CA ARG B 88 9.04 -17.89 7.44
C ARG B 88 9.78 -19.03 8.13
N ILE B 89 11.09 -18.89 8.31
CA ILE B 89 11.85 -19.93 9.00
C ILE B 89 11.39 -20.07 10.45
N ILE B 90 11.17 -18.95 11.12
CA ILE B 90 10.66 -18.99 12.49
C ILE B 90 9.28 -19.61 12.52
N ASP B 91 8.44 -19.27 11.56
CA ASP B 91 7.09 -19.84 11.51
C ASP B 91 7.14 -21.35 11.37
N ARG B 92 7.99 -21.85 10.48
CA ARG B 92 8.08 -23.30 10.27
C ARG B 92 8.67 -24.03 11.46
N SER B 93 9.46 -23.34 12.28
CA SER B 93 10.05 -23.98 13.45
C SER B 93 9.06 -24.18 14.58
N ILE B 94 8.09 -23.27 14.74
CA ILE B 94 7.19 -23.33 15.88
C ILE B 94 5.81 -23.83 15.51
N ARG B 95 5.37 -23.67 14.26
CA ARG B 95 4.03 -24.08 13.89
C ARG B 95 3.72 -25.55 14.15
N PRO B 96 4.59 -26.51 13.87
CA PRO B 96 4.23 -27.91 14.10
C PRO B 96 3.96 -28.27 15.55
N LEU B 97 4.50 -27.50 16.51
CA LEU B 97 4.39 -27.88 17.90
C LEU B 97 3.13 -27.37 18.58
N PHE B 98 2.33 -26.56 17.92
CA PHE B 98 1.07 -26.13 18.50
C PHE B 98 0.11 -27.31 18.52
N PRO B 99 -0.75 -27.39 19.52
CA PRO B 99 -1.73 -28.48 19.59
C PRO B 99 -2.70 -28.42 18.43
N ALA B 100 -3.31 -29.57 18.14
CA ALA B 100 -4.36 -29.62 17.13
C ALA B 100 -5.63 -28.98 17.66
N GLY B 101 -6.29 -28.22 16.80
CA GLY B 101 -7.50 -27.54 17.19
C GLY B 101 -7.29 -26.26 17.96
N TYR B 102 -6.09 -25.72 17.99
CA TYR B 102 -5.79 -24.49 18.73
C TYR B 102 -6.09 -23.30 17.82
N PHE B 103 -7.38 -22.99 17.69
CA PHE B 103 -7.82 -21.95 16.75
C PHE B 103 -7.91 -20.61 17.48
N TYR B 104 -6.74 -20.07 17.81
CA TYR B 104 -6.65 -18.82 18.53
C TYR B 104 -5.62 -17.93 17.85
N ASP B 105 -6.00 -16.68 17.63
CA ASP B 105 -5.09 -15.74 16.99
C ASP B 105 -3.81 -15.61 17.81
N THR B 106 -2.68 -15.81 17.16
CA THR B 106 -1.40 -15.84 17.84
C THR B 106 -0.40 -15.06 17.02
N GLN B 107 0.33 -14.15 17.67
CA GLN B 107 1.32 -13.34 17.01
C GLN B 107 2.63 -13.47 17.75
N VAL B 108 3.70 -13.69 17.00
CA VAL B 108 5.05 -13.75 17.54
C VAL B 108 5.84 -12.64 16.89
N LEU B 109 6.41 -11.76 17.70
CA LEU B 109 7.11 -10.58 17.22
C LEU B 109 8.53 -10.60 17.72
N CYS B 110 9.48 -10.33 16.82
CA CYS B 110 10.89 -10.32 17.15
C CYS B 110 11.43 -8.93 16.95
N ASN B 111 12.04 -8.36 17.98
CA ASN B 111 12.56 -7.00 17.98
C ASN B 111 14.05 -7.08 18.19
N LEU B 112 14.81 -6.55 17.24
CA LEU B 112 16.27 -6.59 17.30
C LEU B 112 16.77 -5.46 18.20
N LEU B 113 17.00 -5.79 19.47
CA LEU B 113 17.47 -4.77 20.41
C LEU B 113 18.83 -4.24 20.01
N ALA B 114 19.75 -5.12 19.63
CA ALA B 114 21.10 -4.72 19.31
C ALA B 114 21.72 -5.76 18.39
N VAL B 115 22.50 -5.30 17.43
CA VAL B 115 23.17 -6.17 16.48
C VAL B 115 24.62 -5.74 16.41
N ASP B 116 25.53 -6.66 16.70
CA ASP B 116 26.94 -6.31 16.73
C ASP B 116 27.62 -6.48 15.38
N GLY B 117 26.92 -6.98 14.38
CA GLY B 117 27.54 -7.19 13.08
C GLY B 117 28.47 -8.37 13.01
N VAL B 118 28.48 -9.22 14.04
CA VAL B 118 29.30 -10.42 14.06
C VAL B 118 28.39 -11.62 14.19
N ASN B 119 27.62 -11.68 15.26
CA ASN B 119 26.68 -12.77 15.49
C ASN B 119 25.36 -12.47 14.79
N GLU B 120 24.73 -13.51 14.28
CA GLU B 120 23.57 -13.27 13.46
C GLU B 120 22.28 -13.36 14.26
N PRO B 121 21.36 -12.44 14.03
CA PRO B 121 20.13 -12.40 14.84
C PRO B 121 19.09 -13.43 14.46
N ASP B 122 19.15 -14.01 13.26
CA ASP B 122 18.05 -14.86 12.82
C ASP B 122 17.92 -16.12 13.67
N VAL B 123 19.04 -16.78 13.99
CA VAL B 123 18.97 -18.00 14.78
C VAL B 123 18.57 -17.68 16.21
N LEU B 124 19.09 -16.57 16.76
CA LEU B 124 18.65 -16.15 18.08
C LEU B 124 17.16 -15.89 18.12
N ALA B 125 16.60 -15.38 17.03
CA ALA B 125 15.17 -15.14 16.99
C ALA B 125 14.38 -16.45 17.05
N ILE B 126 14.86 -17.49 16.38
CA ILE B 126 14.19 -18.79 16.45
C ILE B 126 14.19 -19.32 17.87
N ASN B 127 15.35 -19.25 18.52
CA ASN B 127 15.43 -19.69 19.91
C ASN B 127 14.62 -18.79 20.81
N GLY B 128 14.60 -17.49 20.52
CA GLY B 128 13.77 -16.57 21.30
C GLY B 128 12.30 -16.91 21.23
N ALA B 129 11.82 -17.26 20.05
CA ALA B 129 10.42 -17.66 19.92
C ALA B 129 10.16 -18.92 20.73
N SER B 130 11.12 -19.83 20.74
CA SER B 130 10.96 -21.06 21.54
C SER B 130 10.88 -20.72 23.02
N VAL B 131 11.76 -19.85 23.51
CA VAL B 131 11.76 -19.51 24.92
C VAL B 131 10.50 -18.75 25.29
N ALA B 132 10.12 -17.78 24.46
CA ALA B 132 8.93 -16.97 24.75
C ALA B 132 7.69 -17.83 24.84
N LEU B 133 7.53 -18.79 23.92
CA LEU B 133 6.40 -19.69 23.99
C LEU B 133 6.52 -20.64 25.18
N SER B 134 7.73 -21.07 25.49
CA SER B 134 7.94 -21.99 26.61
C SER B 134 7.57 -21.35 27.94
N LEU B 135 7.96 -20.10 28.14
CA LEU B 135 7.64 -19.41 29.39
C LEU B 135 6.22 -18.90 29.45
N SER B 136 5.55 -18.76 28.31
CA SER B 136 4.21 -18.21 28.29
C SER B 136 3.21 -19.25 28.78
N ASP B 137 1.97 -18.82 28.90
CA ASP B 137 0.89 -19.72 29.23
C ASP B 137 0.23 -20.31 27.98
N ILE B 138 0.77 -20.03 26.80
CA ILE B 138 0.26 -20.57 25.55
C ILE B 138 0.61 -22.04 25.43
N PRO B 139 -0.36 -22.94 25.25
CA PRO B 139 -0.04 -24.36 25.07
C PRO B 139 0.80 -24.57 23.82
N TRP B 140 1.99 -25.13 24.03
CA TRP B 140 2.97 -25.31 22.97
C TRP B 140 3.84 -26.49 23.36
N ASN B 141 3.97 -27.46 22.48
CA ASN B 141 4.51 -28.77 22.84
C ASN B 141 6.02 -28.76 22.73
N GLY B 142 6.69 -28.55 23.86
CA GLY B 142 8.11 -28.79 23.97
C GLY B 142 8.92 -27.70 23.32
N PRO B 143 10.05 -27.36 23.92
CA PRO B 143 10.90 -26.33 23.33
C PRO B 143 11.64 -26.85 22.12
N VAL B 144 12.00 -25.94 21.24
CA VAL B 144 12.86 -26.29 20.12
C VAL B 144 14.15 -25.49 20.29
N GLY B 145 15.22 -26.03 19.74
CA GLY B 145 16.49 -25.34 19.67
C GLY B 145 16.90 -25.25 18.22
N ALA B 146 17.57 -24.17 17.88
CA ALA B 146 17.95 -23.92 16.50
C ALA B 146 19.39 -23.49 16.44
N VAL B 147 20.15 -24.07 15.51
CA VAL B 147 21.51 -23.67 15.26
C VAL B 147 21.71 -23.53 13.76
N ARG B 148 22.77 -22.84 13.39
CA ARG B 148 23.26 -22.81 12.04
C ARG B 148 24.56 -23.60 11.99
N ILE B 149 24.73 -24.40 10.94
CA ILE B 149 25.95 -25.16 10.73
C ILE B 149 26.58 -24.69 9.44
N GLY B 150 27.87 -24.39 9.49
CA GLY B 150 28.65 -24.08 8.31
C GLY B 150 29.78 -25.07 8.17
N ILE B 151 30.39 -25.08 6.99
CA ILE B 151 31.57 -25.86 6.74
C ILE B 151 32.64 -24.89 6.26
N ILE B 152 33.60 -24.60 7.13
CA ILE B 152 34.73 -23.75 6.80
C ILE B 152 35.96 -24.62 6.75
N ASP B 153 36.66 -24.57 5.61
CA ASP B 153 37.82 -25.43 5.27
C ASP B 153 37.69 -26.82 5.88
N GLY B 154 36.54 -27.45 5.69
CA GLY B 154 36.32 -28.82 6.09
C GLY B 154 35.90 -29.05 7.52
N GLU B 155 35.64 -28.00 8.29
CA GLU B 155 35.28 -28.11 9.69
C GLU B 155 33.84 -27.68 9.88
N TYR B 156 33.09 -28.43 10.68
CA TYR B 156 31.71 -28.08 10.99
C TYR B 156 31.68 -27.05 12.11
N VAL B 157 31.07 -25.90 11.84
CA VAL B 157 31.06 -24.76 12.74
C VAL B 157 29.61 -24.48 13.13
N VAL B 158 29.37 -24.35 14.42
CA VAL B 158 28.02 -24.06 14.91
C VAL B 158 27.89 -22.55 15.10
N ASN B 159 26.80 -21.99 14.60
CA ASN B 159 26.52 -20.56 14.63
C ASN B 159 27.71 -19.73 14.14
N PRO B 160 28.13 -19.91 12.90
CA PRO B 160 29.27 -19.15 12.40
C PRO B 160 28.97 -17.66 12.38
N THR B 161 30.01 -16.87 12.57
CA THR B 161 29.88 -15.43 12.49
C THR B 161 29.69 -14.99 11.05
N ARG B 162 29.44 -13.70 10.85
CA ARG B 162 29.26 -13.18 9.50
C ARG B 162 30.51 -13.38 8.67
N LYS B 163 31.69 -13.22 9.27
CA LYS B 163 32.92 -13.46 8.54
C LYS B 163 33.05 -14.92 8.13
N GLU B 164 32.72 -15.83 9.04
CA GLU B 164 32.83 -17.25 8.73
C GLU B 164 31.87 -17.67 7.63
N MET B 165 30.63 -17.18 7.68
CA MET B 165 29.65 -17.57 6.68
C MET B 165 30.04 -17.12 5.28
N SER B 166 30.77 -16.02 5.18
CA SER B 166 31.21 -15.57 3.86
C SER B 166 32.21 -16.53 3.23
N SER B 167 32.80 -17.43 4.00
CA SER B 167 33.73 -18.42 3.49
C SER B 167 33.20 -19.85 3.61
N SER B 168 31.93 -20.01 3.94
CA SER B 168 31.37 -21.32 4.15
C SER B 168 30.86 -21.90 2.84
N THR B 169 30.88 -23.23 2.75
CA THR B 169 30.25 -23.95 1.65
C THR B 169 28.88 -24.47 2.03
N LEU B 170 28.39 -24.16 3.22
CA LEU B 170 27.10 -24.66 3.66
C LEU B 170 26.47 -23.64 4.58
N ASN B 171 25.18 -23.40 4.39
CA ASN B 171 24.38 -22.53 5.23
C ASN B 171 23.15 -23.35 5.61
N LEU B 172 23.27 -24.14 6.67
CA LEU B 172 22.22 -25.03 7.10
C LEU B 172 21.69 -24.62 8.46
N VAL B 173 20.37 -24.42 8.55
CA VAL B 173 19.72 -24.08 9.80
C VAL B 173 18.87 -25.28 10.22
N VAL B 174 19.06 -25.74 11.45
CA VAL B 174 18.37 -26.90 11.99
C VAL B 174 17.57 -26.48 13.20
N ALA B 175 16.31 -26.87 13.25
CA ALA B 175 15.49 -26.71 14.44
C ALA B 175 15.12 -28.10 14.95
N GLY B 176 15.46 -28.37 16.20
CA GLY B 176 15.24 -29.69 16.78
C GLY B 176 14.28 -29.62 17.95
N ALA B 177 13.43 -30.62 18.05
CA ALA B 177 12.56 -30.82 19.19
C ALA B 177 13.21 -31.77 20.18
N PRO B 178 12.62 -31.99 21.34
CA PRO B 178 13.21 -32.94 22.29
C PRO B 178 13.33 -34.34 21.69
N LYS B 179 14.17 -35.14 22.35
CA LYS B 179 14.59 -36.48 21.92
C LYS B 179 14.95 -36.52 20.44
N SER B 180 15.76 -35.54 20.04
CA SER B 180 16.48 -35.55 18.76
C SER B 180 15.55 -35.61 17.55
N GLN B 181 14.37 -35.03 17.65
CA GLN B 181 13.50 -34.91 16.49
C GLN B 181 13.87 -33.66 15.71
N ILE B 182 13.53 -33.66 14.43
CA ILE B 182 13.83 -32.55 13.53
C ILE B 182 12.51 -31.90 13.12
N VAL B 183 12.42 -30.59 13.32
CA VAL B 183 11.22 -29.84 13.01
C VAL B 183 11.38 -29.03 11.73
N MET B 184 12.51 -28.39 11.55
CA MET B 184 12.74 -27.53 10.40
C MET B 184 14.14 -27.77 9.87
N LEU B 185 14.25 -27.80 8.54
CA LEU B 185 15.53 -27.85 7.87
C LEU B 185 15.51 -26.85 6.74
N GLU B 186 16.56 -26.05 6.63
CA GLU B 186 16.65 -25.04 5.59
C GLU B 186 18.12 -24.89 5.27
N ALA B 187 18.51 -25.24 4.06
CA ALA B 187 19.92 -25.30 3.72
C ALA B 187 20.19 -24.64 2.38
N SER B 188 21.42 -24.18 2.23
CA SER B 188 21.92 -23.63 0.99
C SER B 188 23.39 -24.04 0.91
N ALA B 189 23.71 -24.94 -0.01
CA ALA B 189 25.04 -25.50 -0.08
C ALA B 189 25.69 -25.15 -1.41
N GLU B 190 27.02 -25.15 -1.42
CA GLU B 190 27.78 -24.89 -2.63
C GLU B 190 28.11 -26.19 -3.36
N ASN B 191 27.05 -26.91 -3.73
CA ASN B 191 27.15 -28.15 -4.50
C ASN B 191 28.02 -29.18 -3.79
N ILE B 192 27.73 -29.40 -2.52
CA ILE B 192 28.57 -30.25 -1.68
C ILE B 192 28.06 -31.68 -1.72
N LEU B 193 28.91 -32.60 -1.30
CA LEU B 193 28.58 -34.02 -1.37
C LEU B 193 27.49 -34.37 -0.38
N GLN B 194 26.77 -35.45 -0.70
CA GLN B 194 25.64 -35.86 0.12
C GLN B 194 26.08 -36.28 1.52
N GLN B 195 27.20 -37.00 1.63
CA GLN B 195 27.65 -37.45 2.94
C GLN B 195 28.08 -36.28 3.82
N ASP B 196 28.76 -35.29 3.22
CA ASP B 196 29.12 -34.10 3.98
C ASP B 196 27.88 -33.36 4.45
N PHE B 197 26.87 -33.27 3.59
CA PHE B 197 25.63 -32.65 3.96
C PHE B 197 24.95 -33.40 5.10
N CYS B 198 24.98 -34.74 5.04
CA CYS B 198 24.28 -35.54 6.03
C CYS B 198 24.95 -35.46 7.39
N HIS B 199 26.28 -35.34 7.42
CA HIS B 199 26.97 -35.21 8.70
C HIS B 199 26.66 -33.89 9.38
N ALA B 200 26.52 -32.81 8.61
CA ALA B 200 26.19 -31.52 9.19
C ALA B 200 24.82 -31.53 9.84
N ILE B 201 23.87 -32.27 9.28
CA ILE B 201 22.57 -32.39 9.93
C ILE B 201 22.71 -33.10 11.28
N LYS B 202 23.51 -34.16 11.34
CA LYS B 202 23.70 -34.87 12.60
C LYS B 202 24.36 -34.00 13.64
N VAL B 203 25.37 -33.23 13.24
CA VAL B 203 26.03 -32.32 14.16
C VAL B 203 25.04 -31.27 14.66
N GLY B 204 24.21 -30.74 13.77
CA GLY B 204 23.27 -29.71 14.16
C GLY B 204 22.23 -30.19 15.15
N VAL B 205 21.72 -31.41 14.95
CA VAL B 205 20.70 -31.92 15.86
C VAL B 205 21.27 -32.10 17.26
N LYS B 206 22.54 -32.48 17.35
CA LYS B 206 23.17 -32.63 18.65
C LYS B 206 23.22 -31.31 19.40
N TYR B 207 23.55 -30.22 18.71
CA TYR B 207 23.62 -28.93 19.36
C TYR B 207 22.25 -28.44 19.80
N THR B 208 21.22 -28.70 19.00
CA THR B 208 19.89 -28.25 19.38
C THR B 208 19.40 -28.92 20.65
N GLN B 209 19.93 -30.10 20.95
CA GLN B 209 19.53 -30.78 22.19
C GLN B 209 20.09 -30.06 23.40
N GLN B 210 21.28 -29.48 23.29
CA GLN B 210 21.84 -28.69 24.38
C GLN B 210 21.01 -27.44 24.65
N ILE B 211 20.57 -26.76 23.60
CA ILE B 211 19.73 -25.58 23.78
C ILE B 211 18.43 -25.95 24.44
N ILE B 212 17.82 -27.06 24.02
CA ILE B 212 16.59 -27.51 24.66
C ILE B 212 16.82 -27.79 26.14
N GLN B 213 17.98 -28.35 26.48
CA GLN B 213 18.28 -28.63 27.88
C GLN B 213 18.34 -27.34 28.69
N GLY B 214 18.96 -26.30 28.16
CA GLY B 214 18.99 -25.04 28.87
C GLY B 214 17.62 -24.40 29.01
N ILE B 215 16.82 -24.46 27.95
CA ILE B 215 15.49 -23.86 28.00
C ILE B 215 14.62 -24.59 29.02
N GLN B 216 14.76 -25.91 29.12
CA GLN B 216 13.95 -26.65 30.09
C GLN B 216 14.32 -26.27 31.51
N GLN B 217 15.59 -25.99 31.77
CA GLN B 217 16.00 -25.55 33.09
C GLN B 217 15.43 -24.19 33.43
N LEU B 218 15.48 -23.25 32.47
CA LEU B 218 14.89 -21.94 32.70
C LEU B 218 13.39 -22.05 32.94
N VAL B 219 12.72 -22.94 32.22
CA VAL B 219 11.28 -23.11 32.40
C VAL B 219 10.97 -23.63 33.80
N LYS B 220 11.74 -24.61 34.26
CA LYS B 220 11.50 -25.18 35.58
C LYS B 220 11.81 -24.18 36.67
N GLU B 221 12.87 -23.40 36.52
CA GLU B 221 13.26 -22.43 37.53
C GLU B 221 12.29 -21.25 37.57
N THR B 222 11.62 -20.96 36.45
CA THR B 222 10.70 -19.84 36.42
C THR B 222 9.34 -20.22 36.98
N GLY B 223 8.88 -21.43 36.70
CA GLY B 223 7.59 -21.87 37.21
C GLY B 223 6.42 -21.58 36.28
N VAL B 224 6.50 -22.07 35.05
CA VAL B 224 5.49 -21.80 34.04
C VAL B 224 4.24 -22.61 34.31
N THR B 225 3.08 -22.00 34.07
CA THR B 225 1.79 -22.68 34.12
C THR B 225 1.02 -22.36 32.85
N LYS B 226 0.52 -23.38 32.18
CA LYS B 226 -0.18 -23.20 30.91
C LYS B 226 -1.64 -22.92 31.13
N ARG B 227 -2.21 -22.11 30.23
CA ARG B 227 -3.63 -21.83 30.25
C ARG B 227 -4.42 -23.06 29.81
N THR B 228 -5.70 -23.04 30.14
CA THR B 228 -6.62 -24.05 29.65
C THR B 228 -7.50 -23.43 28.59
N PRO B 229 -7.29 -23.73 27.30
CA PRO B 229 -8.12 -23.13 26.27
C PRO B 229 -9.57 -23.51 26.47
N GLN B 230 -10.48 -22.58 26.17
CA GLN B 230 -11.88 -22.87 26.41
C GLN B 230 -12.40 -24.00 25.52
N LYS B 231 -11.70 -24.28 24.42
CA LYS B 231 -12.07 -25.41 23.57
C LYS B 231 -10.93 -25.68 22.60
N LEU B 232 -10.63 -26.96 22.40
CA LEU B 232 -9.76 -27.39 21.32
C LEU B 232 -10.64 -27.94 20.22
N PHE B 233 -10.55 -27.35 19.02
CA PHE B 233 -11.47 -27.65 17.93
C PHE B 233 -10.95 -28.85 17.14
N THR B 234 -11.30 -30.03 17.63
CA THR B 234 -11.04 -31.28 16.94
C THR B 234 -12.31 -32.10 16.94
N PRO B 235 -12.56 -32.87 15.88
CA PRO B 235 -13.80 -33.65 15.81
C PRO B 235 -13.86 -34.68 16.91
N SER B 236 -15.06 -34.87 17.45
CA SER B 236 -15.25 -35.88 18.49
C SER B 236 -15.07 -37.27 17.90
N PRO B 237 -14.58 -38.23 18.69
CA PRO B 237 -14.30 -39.56 18.14
C PRO B 237 -15.51 -40.23 17.53
N GLU B 238 -16.69 -40.07 18.13
CA GLU B 238 -17.84 -40.83 17.68
C GLU B 238 -18.46 -40.26 16.41
N ILE B 239 -18.13 -39.02 16.06
CA ILE B 239 -18.58 -38.50 14.77
C ILE B 239 -17.61 -38.86 13.66
N VAL B 240 -16.31 -39.01 13.98
CA VAL B 240 -15.37 -39.49 12.98
C VAL B 240 -15.62 -40.95 12.65
N LYS B 241 -15.94 -41.75 13.68
CA LYS B 241 -16.24 -43.15 13.45
C LYS B 241 -17.46 -43.33 12.56
N TYR B 242 -18.50 -42.53 12.77
CA TYR B 242 -19.68 -42.62 11.92
C TYR B 242 -19.36 -42.16 10.51
N THR B 243 -18.53 -41.12 10.36
CA THR B 243 -18.14 -40.69 9.03
C THR B 243 -17.36 -41.77 8.31
N HIS B 244 -16.50 -42.49 9.04
CA HIS B 244 -15.75 -43.58 8.44
C HIS B 244 -16.68 -44.64 7.89
N LYS B 245 -17.72 -44.98 8.65
CA LYS B 245 -18.68 -45.96 8.17
C LYS B 245 -19.38 -45.49 6.91
N LEU B 246 -19.66 -44.20 6.82
CA LEU B 246 -20.43 -43.70 5.68
C LEU B 246 -19.60 -43.64 4.41
N ALA B 247 -18.35 -43.19 4.50
CA ALA B 247 -17.62 -42.80 3.31
C ALA B 247 -16.32 -43.57 3.10
N MET B 248 -16.08 -44.66 3.85
CA MET B 248 -14.83 -45.38 3.67
C MET B 248 -14.73 -46.00 2.29
N GLU B 249 -15.76 -46.71 1.86
CA GLU B 249 -15.66 -47.45 0.60
C GLU B 249 -15.63 -46.51 -0.59
N ARG B 250 -16.47 -45.48 -0.59
CA ARG B 250 -16.49 -44.53 -1.71
C ARG B 250 -15.14 -43.84 -1.85
N LEU B 251 -14.59 -43.39 -0.73
CA LEU B 251 -13.28 -42.76 -0.76
C LEU B 251 -12.21 -43.73 -1.19
N TYR B 252 -12.32 -44.99 -0.76
CA TYR B 252 -11.34 -46.01 -1.15
C TYR B 252 -11.38 -46.23 -2.65
N ALA B 253 -12.57 -46.25 -3.24
CA ALA B 253 -12.68 -46.43 -4.69
C ALA B 253 -12.08 -45.26 -5.45
N VAL B 254 -12.31 -44.04 -4.96
CA VAL B 254 -11.78 -42.85 -5.63
C VAL B 254 -10.26 -42.88 -5.62
N PHE B 255 -9.65 -43.23 -4.50
CA PHE B 255 -8.20 -43.19 -4.39
C PHE B 255 -7.52 -44.38 -5.04
N THR B 256 -8.26 -45.40 -5.46
CA THR B 256 -7.69 -46.50 -6.23
C THR B 256 -8.05 -46.43 -7.70
N ASP B 257 -8.70 -45.37 -8.15
CA ASP B 257 -8.98 -45.15 -9.56
C ASP B 257 -7.84 -44.34 -10.14
N TYR B 258 -6.97 -45.01 -10.90
CA TYR B 258 -5.75 -44.39 -11.38
C TYR B 258 -5.94 -43.56 -12.63
N GLU B 259 -7.17 -43.45 -13.13
CA GLU B 259 -7.45 -42.60 -14.27
C GLU B 259 -7.66 -41.14 -13.90
N HIS B 260 -7.85 -40.84 -12.61
CA HIS B 260 -8.17 -39.48 -12.21
C HIS B 260 -7.01 -38.53 -12.47
N ASP B 261 -7.35 -37.30 -12.81
CA ASP B 261 -6.41 -36.20 -12.81
C ASP B 261 -6.68 -35.37 -11.56
N LYS B 262 -6.00 -34.23 -11.44
CA LYS B 262 -6.18 -33.40 -10.25
C LYS B 262 -7.62 -32.95 -10.09
N VAL B 263 -8.19 -32.36 -11.14
CA VAL B 263 -9.54 -31.82 -11.04
C VAL B 263 -10.56 -32.93 -10.92
N SER B 264 -10.39 -34.00 -11.69
CA SER B 264 -11.33 -35.12 -11.64
C SER B 264 -11.37 -35.76 -10.26
N ARG B 265 -10.20 -35.96 -9.65
CA ARG B 265 -10.14 -36.56 -8.32
C ARG B 265 -10.75 -35.65 -7.27
N ASP B 266 -10.45 -34.35 -7.35
CA ASP B 266 -11.02 -33.40 -6.39
C ASP B 266 -12.53 -33.36 -6.49
N GLU B 267 -13.06 -33.40 -7.71
CA GLU B 267 -14.51 -33.39 -7.89
C GLU B 267 -15.14 -34.66 -7.32
N ALA B 268 -14.51 -35.81 -7.55
CA ALA B 268 -15.08 -37.07 -7.06
C ALA B 268 -15.13 -37.09 -5.55
N VAL B 269 -14.07 -36.64 -4.88
CA VAL B 269 -14.09 -36.55 -3.43
C VAL B 269 -15.13 -35.54 -2.97
N ASN B 270 -15.28 -34.44 -3.71
CA ASN B 270 -16.26 -33.43 -3.35
C ASN B 270 -17.67 -34.00 -3.38
N LYS B 271 -17.97 -34.83 -4.38
CA LYS B 271 -19.30 -35.41 -4.46
C LYS B 271 -19.61 -36.27 -3.24
N ILE B 272 -18.63 -37.04 -2.77
CA ILE B 272 -18.82 -37.82 -1.55
C ILE B 272 -18.99 -36.88 -0.36
N ARG B 273 -18.21 -35.81 -0.31
CA ARG B 273 -18.29 -34.87 0.80
C ARG B 273 -19.68 -34.27 0.90
N LEU B 274 -20.26 -33.86 -0.23
CA LEU B 274 -21.58 -33.27 -0.21
C LEU B 274 -22.62 -34.27 0.26
N ASP B 275 -22.55 -35.51 -0.23
CA ASP B 275 -23.51 -36.54 0.17
C ASP B 275 -23.34 -36.88 1.64
N THR B 276 -22.10 -37.03 2.11
CA THR B 276 -21.85 -37.43 3.48
C THR B 276 -22.26 -36.34 4.46
N GLU B 277 -21.97 -35.09 4.13
CA GLU B 277 -22.29 -34.00 5.03
C GLU B 277 -23.78 -33.89 5.29
N GLU B 278 -24.61 -34.21 4.30
CA GLU B 278 -26.06 -34.19 4.51
C GLU B 278 -26.45 -35.21 5.57
N GLN B 279 -25.93 -36.43 5.45
CA GLN B 279 -26.30 -37.47 6.42
C GLN B 279 -25.74 -37.17 7.80
N LEU B 280 -24.54 -36.58 7.86
CA LEU B 280 -23.92 -36.28 9.14
C LEU B 280 -24.77 -35.30 9.93
N LYS B 281 -25.29 -34.27 9.27
CA LYS B 281 -26.07 -33.25 9.97
C LYS B 281 -27.32 -33.86 10.58
N GLU B 282 -28.01 -34.73 9.84
CA GLU B 282 -29.20 -35.37 10.40
C GLU B 282 -28.85 -36.26 11.58
N LYS B 283 -27.75 -37.01 11.48
CA LYS B 283 -27.35 -37.87 12.59
C LYS B 283 -26.92 -37.07 13.81
N PHE B 284 -26.27 -35.92 13.60
CA PHE B 284 -25.76 -35.09 14.69
C PHE B 284 -26.24 -33.66 14.50
N PRO B 285 -27.50 -33.39 14.78
CA PRO B 285 -28.03 -32.04 14.57
C PRO B 285 -27.34 -30.98 15.40
N GLU B 286 -26.85 -31.32 16.59
CA GLU B 286 -26.24 -30.36 17.49
C GLU B 286 -24.75 -30.18 17.26
N ALA B 287 -24.18 -30.87 16.27
CA ALA B 287 -22.76 -30.75 16.02
C ALA B 287 -22.41 -29.38 15.43
N ASP B 288 -21.21 -28.93 15.72
CA ASP B 288 -20.72 -27.69 15.15
C ASP B 288 -20.66 -27.81 13.63
N PRO B 289 -21.05 -26.76 12.89
CA PRO B 289 -20.92 -26.83 11.43
C PRO B 289 -19.52 -27.13 10.95
N TYR B 290 -18.49 -26.57 11.59
CA TYR B 290 -17.12 -26.90 11.17
C TYR B 290 -16.73 -28.30 11.61
N GLU B 291 -17.25 -28.77 12.75
CA GLU B 291 -16.94 -30.12 13.19
C GLU B 291 -17.36 -31.15 12.15
N ILE B 292 -18.45 -30.89 11.42
CA ILE B 292 -18.85 -31.77 10.34
C ILE B 292 -17.80 -31.76 9.24
N ILE B 293 -17.34 -30.58 8.86
CA ILE B 293 -16.38 -30.46 7.76
C ILE B 293 -15.08 -31.16 8.12
N GLU B 294 -14.61 -30.98 9.35
CA GLU B 294 -13.34 -31.54 9.74
C GLU B 294 -13.41 -33.06 9.89
N SER B 295 -14.57 -33.59 10.25
CA SER B 295 -14.70 -35.05 10.34
C SER B 295 -14.47 -35.71 9.00
N PHE B 296 -15.04 -35.15 7.93
CA PHE B 296 -14.82 -35.71 6.61
C PHE B 296 -13.35 -35.59 6.20
N ASN B 297 -12.72 -34.46 6.50
CA ASN B 297 -11.32 -34.29 6.14
C ASN B 297 -10.44 -35.30 6.89
N VAL B 298 -10.76 -35.55 8.15
CA VAL B 298 -9.99 -36.54 8.92
C VAL B 298 -10.19 -37.93 8.33
N VAL B 299 -11.43 -38.28 8.00
CA VAL B 299 -11.70 -39.60 7.45
C VAL B 299 -11.06 -39.75 6.07
N ALA B 300 -11.17 -38.71 5.24
CA ALA B 300 -10.57 -38.76 3.92
C ALA B 300 -9.06 -38.87 3.99
N LYS B 301 -8.44 -38.14 4.91
CA LYS B 301 -7.00 -38.21 5.07
C LYS B 301 -6.56 -39.59 5.54
N GLU B 302 -7.30 -40.17 6.48
CA GLU B 302 -6.95 -41.49 6.98
C GLU B 302 -7.07 -42.55 5.89
N VAL B 303 -8.14 -42.50 5.09
CA VAL B 303 -8.30 -43.45 4.00
C VAL B 303 -7.18 -43.28 2.99
N PHE B 304 -6.84 -42.04 2.67
CA PHE B 304 -5.79 -41.78 1.69
C PHE B 304 -4.46 -42.37 2.13
N ARG B 305 -4.12 -42.21 3.40
CA ARG B 305 -2.82 -42.67 3.89
C ARG B 305 -2.77 -44.17 4.09
N SER B 306 -3.90 -44.80 4.40
CA SER B 306 -3.90 -46.23 4.61
C SER B 306 -3.58 -46.99 3.33
N ILE B 307 -3.93 -46.44 2.17
CA ILE B 307 -3.68 -47.14 0.92
C ILE B 307 -2.19 -47.22 0.63
N VAL B 308 -1.47 -46.11 0.78
CA VAL B 308 -0.04 -46.14 0.51
C VAL B 308 0.69 -46.96 1.56
N LEU B 309 0.25 -46.90 2.82
CA LEU B 309 0.89 -47.68 3.86
C LEU B 309 0.71 -49.18 3.63
N ASN B 310 -0.51 -49.59 3.29
CA ASN B 310 -0.82 -51.01 3.19
C ASN B 310 -0.48 -51.62 1.84
N GLU B 311 -0.56 -50.84 0.77
CA GLU B 311 -0.43 -51.37 -0.57
C GLU B 311 0.79 -50.87 -1.33
N TYR B 312 1.55 -49.93 -0.76
CA TYR B 312 2.76 -49.41 -1.40
C TYR B 312 2.48 -48.83 -2.77
N LYS B 313 1.25 -48.37 -2.99
CA LYS B 313 0.85 -47.78 -4.26
C LYS B 313 0.17 -46.45 -4.00
N ARG B 314 0.26 -45.55 -4.97
CA ARG B 314 -0.26 -44.20 -4.82
C ARG B 314 -1.53 -44.00 -5.63
N CYS B 315 -2.21 -42.89 -5.36
CA CYS B 315 -3.53 -42.64 -5.91
C CYS B 315 -3.53 -42.49 -7.42
N ASP B 316 -2.38 -42.21 -8.03
CA ASP B 316 -2.26 -42.16 -9.48
C ASP B 316 -1.60 -43.41 -10.04
N GLY B 317 -1.46 -44.46 -9.25
CA GLY B 317 -0.92 -45.72 -9.71
C GLY B 317 0.58 -45.87 -9.62
N ARG B 318 1.30 -44.81 -9.28
CA ARG B 318 2.75 -44.89 -9.15
C ARG B 318 3.12 -45.70 -7.92
N ASP B 319 4.33 -46.24 -7.94
CA ASP B 319 4.91 -46.83 -6.75
C ASP B 319 5.68 -45.73 -6.01
N LEU B 320 6.37 -46.09 -4.93
CA LEU B 320 6.87 -45.08 -4.01
C LEU B 320 7.96 -44.22 -4.63
N THR B 321 8.75 -44.75 -5.54
CA THR B 321 9.91 -44.04 -6.04
C THR B 321 9.76 -43.48 -7.44
N SER B 322 8.59 -43.61 -8.05
CA SER B 322 8.42 -43.26 -9.45
C SER B 322 8.11 -41.77 -9.63
N LEU B 323 8.74 -41.16 -10.62
CA LEU B 323 8.46 -39.78 -10.98
C LEU B 323 7.18 -39.71 -11.82
N ARG B 324 6.66 -38.49 -11.95
CA ARG B 324 5.63 -38.21 -12.93
C ARG B 324 6.28 -37.99 -14.30
N ASN B 325 5.45 -37.90 -15.33
CA ASN B 325 5.96 -37.60 -16.66
C ASN B 325 6.62 -36.22 -16.69
N VAL B 326 7.75 -36.14 -17.37
CA VAL B 326 8.54 -34.91 -17.43
C VAL B 326 8.76 -34.56 -18.90
N SER B 327 8.49 -33.30 -19.25
CA SER B 327 8.69 -32.79 -20.59
C SER B 327 9.39 -31.44 -20.50
N CYS B 328 10.25 -31.15 -21.46
CA CYS B 328 11.00 -29.91 -21.48
C CYS B 328 11.04 -29.36 -22.90
N GLU B 329 10.94 -28.05 -23.01
CA GLU B 329 11.17 -27.35 -24.26
C GLU B 329 12.04 -26.14 -23.97
N VAL B 330 12.75 -25.67 -24.99
CA VAL B 330 13.54 -24.46 -24.91
C VAL B 330 13.26 -23.65 -26.16
N ASP B 331 13.54 -22.35 -26.07
CA ASP B 331 13.50 -21.45 -27.22
C ASP B 331 12.11 -21.42 -27.85
N MET B 332 11.13 -20.99 -27.06
CA MET B 332 9.75 -20.94 -27.54
C MET B 332 9.35 -19.58 -28.10
N PHE B 333 10.10 -18.52 -27.82
CA PHE B 333 9.80 -17.21 -28.35
C PHE B 333 11.09 -16.55 -28.80
N LYS B 334 11.04 -15.95 -29.99
CA LYS B 334 12.27 -15.46 -30.61
C LYS B 334 12.88 -14.31 -29.84
N THR B 335 12.07 -13.41 -29.30
CA THR B 335 12.61 -12.20 -28.71
C THR B 335 13.13 -12.41 -27.29
N LEU B 336 12.77 -13.49 -26.63
CA LEU B 336 13.26 -13.75 -25.28
C LEU B 336 14.73 -14.12 -25.32
N HIS B 337 15.50 -13.61 -24.37
CA HIS B 337 16.91 -13.96 -24.28
C HIS B 337 17.10 -15.45 -23.97
N GLY B 338 16.18 -16.03 -23.23
CA GLY B 338 16.20 -17.46 -22.99
C GLY B 338 14.85 -17.88 -22.47
N SER B 339 14.46 -19.11 -22.78
CA SER B 339 13.13 -19.55 -22.45
C SER B 339 13.11 -21.05 -22.28
N ALA B 340 12.20 -21.53 -21.45
CA ALA B 340 12.04 -22.96 -21.25
C ALA B 340 10.67 -23.22 -20.67
N LEU B 341 10.05 -24.31 -21.11
CA LEU B 341 8.76 -24.75 -20.60
C LEU B 341 8.95 -26.12 -19.99
N PHE B 342 8.89 -26.19 -18.67
CA PHE B 342 9.10 -27.44 -17.95
C PHE B 342 7.77 -27.97 -17.44
N GLN B 343 7.48 -29.22 -17.75
CA GLN B 343 6.25 -29.86 -17.32
C GLN B 343 6.59 -31.10 -16.52
N ARG B 344 6.00 -31.23 -15.34
CA ARG B 344 6.19 -32.39 -14.48
C ARG B 344 4.81 -32.80 -13.99
N GLY B 345 4.26 -33.85 -14.56
CA GLY B 345 2.89 -34.20 -14.27
C GLY B 345 1.97 -33.13 -14.82
N GLN B 346 1.07 -32.63 -13.96
CA GLN B 346 0.19 -31.54 -14.33
C GLN B 346 0.70 -30.20 -13.85
N THR B 347 1.96 -30.12 -13.44
CA THR B 347 2.59 -28.88 -13.03
C THR B 347 3.37 -28.34 -14.23
N GLN B 348 3.08 -27.10 -14.61
CA GLN B 348 3.70 -26.48 -15.76
C GLN B 348 4.30 -25.15 -15.36
N VAL B 349 5.58 -24.97 -15.62
CA VAL B 349 6.29 -23.76 -15.27
C VAL B 349 6.96 -23.22 -16.53
N LEU B 350 6.79 -21.94 -16.78
CA LEU B 350 7.40 -21.27 -17.92
C LEU B 350 8.47 -20.33 -17.40
N CYS B 351 9.71 -20.53 -17.83
CA CYS B 351 10.85 -19.80 -17.30
C CYS B 351 11.47 -18.93 -18.37
N THR B 352 11.81 -17.70 -18.01
CA THR B 352 12.38 -16.72 -18.90
C THR B 352 13.67 -16.21 -18.30
N VAL B 353 14.67 -16.01 -19.14
CA VAL B 353 15.94 -15.39 -18.75
C VAL B 353 16.03 -14.04 -19.42
N THR B 354 16.39 -13.02 -18.65
CA THR B 354 16.56 -11.67 -19.15
C THR B 354 17.93 -11.16 -18.75
N PHE B 355 18.66 -10.60 -19.69
CA PHE B 355 19.93 -9.95 -19.40
C PHE B 355 19.72 -8.45 -19.36
N ASP B 356 20.40 -7.79 -18.43
CA ASP B 356 20.39 -6.35 -18.34
C ASP B 356 21.69 -5.90 -17.72
N SER B 357 21.95 -4.60 -17.78
CA SER B 357 23.26 -4.10 -17.42
C SER B 357 23.54 -4.33 -15.95
N LEU B 358 24.82 -4.37 -15.61
CA LEU B 358 25.21 -4.55 -14.22
C LEU B 358 24.68 -3.42 -13.34
N GLU B 359 24.78 -2.18 -13.82
CA GLU B 359 24.28 -1.05 -13.05
C GLU B 359 22.76 -1.11 -12.90
N SER B 360 22.05 -1.41 -13.97
CA SER B 360 20.61 -1.43 -13.97
C SER B 360 20.04 -2.74 -13.44
N GLY B 361 20.83 -3.49 -12.68
CA GLY B 361 20.40 -4.80 -12.24
C GLY B 361 20.54 -5.07 -10.76
N ILE B 362 21.42 -4.35 -10.07
CA ILE B 362 21.64 -4.60 -8.66
C ILE B 362 21.65 -3.30 -7.86
N LYS B 363 21.77 -2.17 -8.55
CA LYS B 363 21.97 -0.87 -7.93
C LYS B 363 20.83 0.07 -8.28
N SER B 364 20.27 0.70 -7.26
CA SER B 364 19.19 1.66 -7.42
C SER B 364 19.72 3.08 -7.19
N ASP B 365 18.81 4.05 -7.28
CA ASP B 365 19.19 5.45 -7.14
C ASP B 365 19.46 5.81 -5.68
N GLN B 366 18.65 5.32 -4.75
CA GLN B 366 18.77 5.69 -3.34
C GLN B 366 19.65 4.68 -2.63
N VAL B 367 20.78 5.14 -2.08
CA VAL B 367 21.70 4.25 -1.39
C VAL B 367 21.07 3.73 -0.11
N ILE B 368 20.28 4.56 0.56
CA ILE B 368 19.71 4.18 1.87
C ILE B 368 18.86 2.93 1.74
N THR B 369 18.11 2.81 0.65
CA THR B 369 17.27 1.64 0.49
C THR B 369 17.94 0.54 -0.33
N ALA B 370 19.06 0.83 -1.01
CA ALA B 370 19.74 -0.22 -1.78
C ALA B 370 20.28 -1.33 -0.89
N ILE B 371 20.54 -1.06 0.39
CA ILE B 371 21.03 -2.10 1.29
C ILE B 371 19.95 -3.17 1.43
N ASN B 372 20.39 -4.41 1.62
CA ASN B 372 19.51 -5.57 1.52
C ASN B 372 18.85 -5.63 0.15
N GLY B 373 19.57 -5.17 -0.87
CA GLY B 373 19.10 -5.21 -2.24
C GLY B 373 20.23 -5.44 -3.22
N ILE B 374 21.29 -6.10 -2.77
CA ILE B 374 22.44 -6.42 -3.61
C ILE B 374 22.49 -7.93 -3.81
N LYS B 375 22.87 -8.33 -5.02
CA LYS B 375 23.02 -9.74 -5.38
C LYS B 375 24.48 -10.03 -5.68
N ASP B 376 24.98 -11.15 -5.15
CA ASP B 376 26.42 -11.41 -5.20
C ASP B 376 26.89 -11.67 -6.62
N LYS B 377 26.21 -12.53 -7.36
CA LYS B 377 26.61 -12.84 -8.72
C LYS B 377 25.81 -12.04 -9.74
N ASN B 378 25.16 -10.97 -9.31
CA ASN B 378 24.19 -10.24 -10.13
C ASN B 378 23.14 -11.19 -10.67
N PHE B 379 22.67 -12.07 -9.81
CA PHE B 379 21.73 -13.11 -10.20
C PHE B 379 20.54 -13.07 -9.27
N MET B 380 19.34 -13.07 -9.84
CA MET B 380 18.12 -13.13 -9.04
C MET B 380 17.07 -13.92 -9.79
N LEU B 381 16.19 -14.54 -9.02
CA LEU B 381 15.08 -15.31 -9.58
C LEU B 381 13.78 -14.77 -9.01
N HIS B 382 12.90 -14.33 -9.88
CA HIS B 382 11.57 -13.87 -9.51
C HIS B 382 10.57 -14.96 -9.82
N TYR B 383 9.76 -15.32 -8.85
CA TYR B 383 8.82 -16.42 -8.95
C TYR B 383 7.41 -15.88 -8.82
N GLU B 384 6.53 -16.29 -9.71
CA GLU B 384 5.14 -15.85 -9.71
C GLU B 384 4.21 -17.06 -9.66
N PHE B 385 3.13 -16.94 -8.92
CA PHE B 385 2.12 -17.97 -8.81
C PHE B 385 0.77 -17.35 -9.10
N PRO B 386 0.41 -17.19 -10.37
CA PRO B 386 -0.83 -16.49 -10.71
C PRO B 386 -2.03 -17.30 -10.27
N PRO B 387 -3.15 -16.63 -9.96
CA PRO B 387 -4.33 -17.37 -9.49
C PRO B 387 -4.91 -18.35 -10.49
N TYR B 388 -4.71 -18.13 -11.80
CA TYR B 388 -5.26 -19.06 -12.77
C TYR B 388 -4.50 -20.38 -12.80
N ALA B 389 -3.33 -20.45 -12.19
CA ALA B 389 -2.60 -21.71 -12.14
C ALA B 389 -3.38 -22.78 -11.40
N THR B 390 -4.30 -22.39 -10.53
CA THR B 390 -5.19 -23.34 -9.88
C THR B 390 -6.65 -23.04 -10.15
N ASN B 391 -6.94 -22.36 -11.26
CA ASN B 391 -8.32 -22.01 -11.64
C ASN B 391 -9.02 -21.23 -10.52
N GLU B 392 -8.32 -20.25 -9.96
CA GLU B 392 -8.84 -19.45 -8.87
C GLU B 392 -8.80 -17.98 -9.25
N ILE B 393 -9.45 -17.18 -8.43
CA ILE B 393 -9.47 -15.72 -8.57
C ILE B 393 -8.70 -15.13 -7.40
N GLY B 394 -7.80 -14.21 -7.68
CA GLY B 394 -7.06 -13.58 -6.61
C GLY B 394 -6.43 -12.29 -7.07
N LYS B 395 -6.04 -11.48 -6.09
CA LYS B 395 -5.34 -10.24 -6.38
C LYS B 395 -3.96 -10.54 -6.94
N VAL B 396 -3.51 -9.69 -7.85
CA VAL B 396 -2.20 -9.87 -8.47
C VAL B 396 -1.33 -8.67 -8.17
N THR B 397 -1.62 -8.00 -7.06
CA THR B 397 -0.87 -6.82 -6.64
C THR B 397 0.11 -7.25 -5.55
N GLY B 398 1.38 -7.36 -5.91
CA GLY B 398 2.41 -7.67 -4.94
C GLY B 398 2.57 -9.14 -4.64
N LEU B 399 3.81 -9.56 -4.38
CA LEU B 399 4.07 -10.95 -4.04
C LEU B 399 3.72 -11.22 -2.59
N ASN B 400 3.07 -12.36 -2.35
CA ASN B 400 2.86 -12.76 -0.98
C ASN B 400 4.14 -13.37 -0.43
N ARG B 401 4.07 -13.87 0.80
CA ARG B 401 5.25 -14.45 1.42
C ARG B 401 5.64 -15.76 0.75
N ARG B 402 4.65 -16.55 0.32
CA ARG B 402 4.94 -17.83 -0.30
C ARG B 402 5.69 -17.64 -1.61
N GLU B 403 5.28 -16.66 -2.42
CA GLU B 403 5.99 -16.40 -3.67
C GLU B 403 7.40 -15.92 -3.42
N LEU B 404 7.59 -15.14 -2.37
CA LEU B 404 8.94 -14.70 -2.01
C LEU B 404 9.78 -15.87 -1.52
N GLY B 405 9.20 -16.76 -0.73
CA GLY B 405 9.93 -17.91 -0.22
C GLY B 405 10.31 -18.88 -1.32
N HIS B 406 9.36 -19.20 -2.21
CA HIS B 406 9.66 -20.10 -3.31
C HIS B 406 10.69 -19.51 -4.26
N GLY B 407 10.61 -18.21 -4.50
CA GLY B 407 11.60 -17.58 -5.34
C GLY B 407 12.99 -17.67 -4.74
N ALA B 408 13.11 -17.48 -3.43
CA ALA B 408 14.42 -17.56 -2.80
C ALA B 408 14.94 -18.99 -2.80
N LEU B 409 14.05 -19.97 -2.67
CA LEU B 409 14.48 -21.36 -2.67
C LEU B 409 15.02 -21.78 -4.03
N ALA B 410 14.28 -21.47 -5.10
CA ALA B 410 14.75 -21.81 -6.43
C ALA B 410 15.99 -21.03 -6.80
N GLU B 411 16.11 -19.80 -6.32
CA GLU B 411 17.33 -19.03 -6.54
C GLU B 411 18.52 -19.66 -5.82
N LYS B 412 18.31 -20.15 -4.60
CA LYS B 412 19.37 -20.84 -3.88
C LYS B 412 19.81 -22.09 -4.62
N ALA B 413 18.85 -22.79 -5.23
CA ALA B 413 19.18 -24.02 -5.94
C ALA B 413 20.09 -23.75 -7.12
N LEU B 414 19.88 -22.63 -7.82
CA LEU B 414 20.64 -22.34 -9.01
C LEU B 414 21.89 -21.51 -8.75
N TYR B 415 21.98 -20.88 -7.59
CA TYR B 415 23.05 -19.92 -7.34
C TYR B 415 24.45 -20.52 -7.48
N PRO B 416 24.75 -21.71 -6.95
CA PRO B 416 26.13 -22.21 -7.06
C PRO B 416 26.61 -22.50 -8.47
N VAL B 417 25.73 -22.86 -9.41
CA VAL B 417 26.19 -23.11 -10.77
C VAL B 417 26.28 -21.86 -11.61
N ILE B 418 25.79 -20.72 -11.13
CA ILE B 418 25.86 -19.48 -11.89
C ILE B 418 27.32 -19.05 -12.01
N PRO B 419 27.80 -18.69 -13.19
CA PRO B 419 29.18 -18.24 -13.30
C PRO B 419 29.40 -16.90 -12.63
N ARG B 420 30.63 -16.68 -12.19
CA ARG B 420 31.04 -15.35 -11.77
C ARG B 420 31.26 -14.49 -13.00
N ASP B 421 31.54 -13.21 -12.76
CA ASP B 421 31.93 -12.18 -13.74
C ASP B 421 31.24 -12.34 -15.09
N PHE B 422 29.95 -12.64 -15.08
CA PHE B 422 29.17 -12.59 -16.31
C PHE B 422 28.99 -11.12 -16.72
N PRO B 423 29.02 -10.82 -18.01
CA PRO B 423 28.94 -9.41 -18.44
C PRO B 423 27.64 -8.73 -18.05
N PHE B 424 26.57 -9.47 -17.78
CA PHE B 424 25.27 -8.88 -17.55
C PHE B 424 24.67 -9.37 -16.25
N THR B 425 23.71 -8.61 -15.75
CA THR B 425 22.84 -9.06 -14.69
C THR B 425 21.89 -10.11 -15.24
N ILE B 426 21.79 -11.24 -14.56
CA ILE B 426 20.92 -12.33 -14.98
C ILE B 426 19.69 -12.33 -14.10
N ARG B 427 18.52 -12.13 -14.70
CA ARG B 427 17.27 -12.23 -13.98
C ARG B 427 16.45 -13.35 -14.59
N VAL B 428 16.03 -14.29 -13.75
CA VAL B 428 15.24 -15.43 -14.16
C VAL B 428 13.84 -15.27 -13.61
N THR B 429 12.84 -15.39 -14.46
CA THR B 429 11.45 -15.31 -14.06
C THR B 429 10.81 -16.67 -14.28
N SER B 430 10.18 -17.20 -13.25
CA SER B 430 9.43 -18.44 -13.35
C SER B 430 7.96 -18.13 -13.11
N GLU B 431 7.12 -18.51 -14.06
CA GLU B 431 5.68 -18.33 -13.94
C GLU B 431 5.04 -19.70 -13.89
N VAL B 432 4.30 -19.97 -12.83
CA VAL B 432 3.61 -21.25 -12.68
C VAL B 432 2.32 -21.14 -13.48
N LEU B 433 2.29 -21.75 -14.66
CA LEU B 433 1.07 -21.75 -15.46
C LEU B 433 0.05 -22.76 -14.96
N GLU B 434 0.51 -23.93 -14.52
CA GLU B 434 -0.34 -24.93 -13.90
C GLU B 434 0.34 -25.47 -12.66
N SER B 435 -0.44 -25.81 -11.64
CA SER B 435 0.12 -26.23 -10.37
C SER B 435 -0.58 -27.48 -9.88
N ASN B 436 0.19 -28.56 -9.71
CA ASN B 436 -0.31 -29.77 -9.08
C ASN B 436 0.77 -30.38 -8.20
N GLY B 437 1.69 -29.56 -7.73
CA GLY B 437 2.81 -30.12 -7.00
C GLY B 437 3.90 -29.07 -6.86
N SER B 438 5.13 -29.54 -6.87
CA SER B 438 6.25 -28.69 -6.54
C SER B 438 6.60 -27.83 -7.73
N SER B 439 5.97 -26.68 -7.82
CA SER B 439 6.34 -25.69 -8.82
C SER B 439 7.66 -25.01 -8.47
N SER B 440 8.01 -24.94 -7.20
CA SER B 440 9.29 -24.33 -6.83
C SER B 440 10.46 -25.17 -7.30
N MET B 441 10.36 -26.50 -7.18
CA MET B 441 11.39 -27.36 -7.73
C MET B 441 11.35 -27.37 -9.25
N ALA B 442 10.17 -27.24 -9.85
CA ALA B 442 10.09 -27.10 -11.29
C ALA B 442 10.72 -25.80 -11.76
N SER B 443 10.67 -24.76 -10.93
CA SER B 443 11.33 -23.52 -11.27
C SER B 443 12.83 -23.66 -11.28
N ALA B 444 13.37 -24.60 -10.51
CA ALA B 444 14.80 -24.84 -10.55
C ALA B 444 15.21 -25.54 -11.84
N CYS B 445 14.46 -26.57 -12.24
CA CYS B 445 14.78 -27.27 -13.47
C CYS B 445 14.56 -26.38 -14.68
N GLY B 446 13.38 -25.76 -14.77
CA GLY B 446 13.11 -24.87 -15.87
C GLY B 446 14.04 -23.69 -15.92
N GLY B 447 14.44 -23.19 -14.75
CA GLY B 447 15.44 -22.14 -14.71
C GLY B 447 16.77 -22.62 -15.23
N SER B 448 17.12 -23.87 -14.95
CA SER B 448 18.35 -24.44 -15.47
C SER B 448 18.32 -24.56 -16.99
N LEU B 449 17.21 -25.04 -17.56
CA LEU B 449 17.11 -25.15 -19.01
C LEU B 449 17.15 -23.79 -19.67
N ALA B 450 16.39 -22.83 -19.13
CA ALA B 450 16.36 -21.50 -19.74
C ALA B 450 17.72 -20.84 -19.66
N LEU B 451 18.45 -21.06 -18.58
CA LEU B 451 19.80 -20.50 -18.48
C LEU B 451 20.71 -21.09 -19.54
N MET B 452 20.60 -22.39 -19.79
CA MET B 452 21.40 -23.00 -20.85
C MET B 452 20.98 -22.51 -22.22
N ASP B 453 19.67 -22.42 -22.46
CA ASP B 453 19.17 -21.94 -23.74
C ASP B 453 19.59 -20.50 -23.98
N SER B 454 19.69 -19.70 -22.92
CA SER B 454 20.10 -18.31 -23.07
C SER B 454 21.57 -18.14 -23.33
N GLY B 455 22.38 -19.18 -23.12
CA GLY B 455 23.79 -19.08 -23.35
C GLY B 455 24.62 -18.73 -22.13
N VAL B 456 24.05 -18.78 -20.93
CA VAL B 456 24.82 -18.57 -19.71
C VAL B 456 25.64 -19.83 -19.44
N PRO B 457 26.95 -19.74 -19.30
CA PRO B 457 27.76 -20.94 -19.11
C PRO B 457 27.72 -21.44 -17.67
N ILE B 458 26.59 -22.05 -17.29
CA ILE B 458 26.48 -22.60 -15.95
C ILE B 458 27.34 -23.86 -15.87
N SER B 459 27.86 -24.12 -14.67
CA SER B 459 28.79 -25.23 -14.49
C SER B 459 28.10 -26.57 -14.70
N SER B 460 26.85 -26.70 -14.26
CA SER B 460 26.14 -27.96 -14.38
C SER B 460 24.65 -27.70 -14.34
N ALA B 461 23.89 -28.64 -14.86
CA ALA B 461 22.44 -28.56 -14.81
C ALA B 461 21.95 -28.86 -13.39
N VAL B 462 20.85 -28.20 -13.02
CA VAL B 462 20.26 -28.32 -11.68
C VAL B 462 18.86 -28.88 -11.83
N ALA B 463 18.52 -29.85 -11.00
CA ALA B 463 17.16 -30.35 -10.91
C ALA B 463 16.75 -30.46 -9.44
N GLY B 464 15.46 -30.26 -9.19
CA GLY B 464 14.94 -30.38 -7.85
C GLY B 464 13.77 -31.34 -7.84
N VAL B 465 13.44 -31.82 -6.65
CA VAL B 465 12.34 -32.76 -6.46
C VAL B 465 11.82 -32.62 -5.03
N ALA B 466 10.57 -33.00 -4.84
CA ALA B 466 9.94 -32.96 -3.53
C ALA B 466 9.64 -34.38 -3.08
N ILE B 467 10.01 -34.69 -1.84
CA ILE B 467 9.80 -36.01 -1.27
C ILE B 467 8.75 -35.89 -0.19
N GLY B 468 7.69 -36.67 -0.29
CA GLY B 468 6.67 -36.72 0.73
C GLY B 468 6.91 -37.83 1.73
N LEU B 469 6.00 -37.91 2.70
CA LEU B 469 6.14 -38.87 3.78
C LEU B 469 4.77 -39.20 4.34
N VAL B 470 4.51 -40.48 4.54
CA VAL B 470 3.30 -40.93 5.23
C VAL B 470 3.75 -41.87 6.35
N THR B 471 3.34 -41.57 7.58
CA THR B 471 3.75 -42.34 8.74
C THR B 471 2.55 -42.95 9.41
N LYS B 472 2.81 -43.99 10.20
CA LYS B 472 1.82 -44.62 11.06
C LYS B 472 2.29 -44.49 12.50
N THR B 473 1.52 -43.75 13.29
CA THR B 473 1.88 -43.44 14.67
C THR B 473 0.74 -43.84 15.59
N ASP B 474 1.06 -44.56 16.65
CA ASP B 474 0.05 -44.90 17.64
C ASP B 474 -0.12 -43.75 18.63
N PRO B 475 -1.34 -43.28 18.88
CA PRO B 475 -1.53 -42.16 19.81
C PRO B 475 -1.08 -42.45 21.22
N GLU B 476 -1.04 -43.73 21.62
CA GLU B 476 -0.68 -44.06 23.00
C GLU B 476 0.80 -43.88 23.28
N LYS B 477 1.63 -43.79 22.25
CA LYS B 477 3.07 -43.64 22.43
C LYS B 477 3.62 -42.42 21.70
N GLY B 478 3.09 -42.10 20.53
CA GLY B 478 3.59 -41.00 19.73
C GLY B 478 4.76 -41.34 18.84
N GLU B 479 5.20 -42.59 18.82
CA GLU B 479 6.36 -43.00 18.03
C GLU B 479 5.92 -43.40 16.62
N ILE B 480 6.88 -43.33 15.70
CA ILE B 480 6.64 -43.71 14.31
C ILE B 480 6.93 -45.19 14.16
N GLU B 481 5.90 -45.96 13.82
CA GLU B 481 6.09 -47.39 13.61
C GLU B 481 6.70 -47.66 12.24
N ASP B 482 5.96 -47.31 11.18
CA ASP B 482 6.46 -47.49 9.83
C ASP B 482 6.05 -46.30 8.99
N TYR B 483 6.75 -46.10 7.89
CA TYR B 483 6.60 -44.91 7.08
C TYR B 483 6.91 -45.24 5.64
N ARG B 484 6.41 -44.41 4.74
CA ARG B 484 6.72 -44.50 3.33
C ARG B 484 7.18 -43.16 2.84
N LEU B 485 8.28 -43.13 2.12
CA LEU B 485 8.76 -41.92 1.47
C LEU B 485 8.31 -41.94 0.01
N LEU B 486 7.66 -40.87 -0.43
CA LEU B 486 7.09 -40.78 -1.76
C LEU B 486 7.90 -39.81 -2.60
N THR B 487 8.22 -40.22 -3.82
CA THR B 487 9.00 -39.40 -4.73
C THR B 487 8.07 -38.55 -5.59
N ASP B 488 8.33 -37.25 -5.68
CA ASP B 488 7.63 -36.35 -6.59
C ASP B 488 6.13 -36.35 -6.32
N ILE B 489 5.79 -35.84 -5.13
CA ILE B 489 4.43 -35.96 -4.65
C ILE B 489 3.48 -35.04 -5.42
N LEU B 490 2.23 -35.47 -5.54
CA LEU B 490 1.16 -34.63 -6.00
C LEU B 490 0.74 -33.66 -4.90
N GLY B 491 -0.07 -32.68 -5.27
CA GLY B 491 -0.58 -31.75 -4.28
C GLY B 491 -1.37 -32.44 -3.19
N ILE B 492 -2.14 -33.46 -3.55
CA ILE B 492 -2.94 -34.17 -2.57
C ILE B 492 -2.05 -34.95 -1.59
N GLU B 493 -0.93 -35.48 -2.07
CA GLU B 493 -0.01 -36.18 -1.18
C GLU B 493 0.69 -35.22 -0.22
N ASP B 494 0.94 -34.00 -0.66
CA ASP B 494 1.44 -32.98 0.26
C ASP B 494 0.37 -32.58 1.27
N TYR B 495 -0.86 -32.40 0.80
CA TYR B 495 -1.94 -31.96 1.68
C TYR B 495 -2.24 -33.00 2.73
N ASN B 496 -2.25 -34.28 2.36
CA ASN B 496 -2.55 -35.36 3.29
C ASN B 496 -1.31 -35.98 3.90
N GLY B 497 -0.12 -35.47 3.57
CA GLY B 497 1.12 -36.07 4.00
C GLY B 497 1.66 -35.47 5.28
N ASP B 498 2.93 -35.76 5.53
CA ASP B 498 3.59 -35.33 6.74
C ASP B 498 4.75 -34.37 6.52
N MET B 499 5.22 -34.21 5.30
CA MET B 499 6.34 -33.32 5.04
C MET B 499 6.39 -33.02 3.55
N ASP B 500 7.04 -31.90 3.23
CA ASP B 500 7.26 -31.46 1.85
C ASP B 500 8.77 -31.21 1.73
N PHE B 501 9.50 -32.28 1.48
CA PHE B 501 10.96 -32.29 1.53
C PHE B 501 11.52 -31.93 0.18
N LYS B 502 11.69 -30.64 -0.08
CA LYS B 502 12.18 -30.17 -1.37
C LYS B 502 13.69 -30.05 -1.33
N ILE B 503 14.37 -30.73 -2.26
CA ILE B 503 15.82 -30.70 -2.32
C ILE B 503 16.23 -30.62 -3.78
N ALA B 504 17.28 -29.84 -4.06
CA ALA B 504 17.75 -29.64 -5.40
C ALA B 504 19.26 -29.76 -5.44
N GLY B 505 19.79 -30.10 -6.60
CA GLY B 505 21.22 -30.12 -6.77
C GLY B 505 21.59 -30.60 -8.16
N THR B 506 22.89 -30.59 -8.42
CA THR B 506 23.44 -31.13 -9.65
C THR B 506 23.53 -32.65 -9.53
N ASN B 507 24.06 -33.28 -10.57
CA ASN B 507 24.17 -34.73 -10.55
C ASN B 507 25.24 -35.23 -9.59
N LYS B 508 26.07 -34.34 -9.05
CA LYS B 508 27.13 -34.75 -8.13
C LYS B 508 27.12 -33.98 -6.82
N GLY B 509 26.00 -33.38 -6.43
CA GLY B 509 25.99 -32.62 -5.20
C GLY B 509 24.63 -32.04 -4.90
N ILE B 510 24.56 -31.36 -3.76
CA ILE B 510 23.35 -30.75 -3.25
C ILE B 510 23.55 -29.25 -3.19
N THR B 511 22.57 -28.50 -3.68
CA THR B 511 22.65 -27.05 -3.67
C THR B 511 21.65 -26.38 -2.75
N ALA B 512 20.48 -26.98 -2.54
CA ALA B 512 19.49 -26.33 -1.70
C ALA B 512 18.56 -27.39 -1.12
N LEU B 513 17.97 -27.06 0.03
CA LEU B 513 17.07 -27.96 0.71
C LEU B 513 16.13 -27.14 1.56
N GLN B 514 14.86 -27.52 1.59
CA GLN B 514 13.89 -26.89 2.46
C GLN B 514 12.89 -27.96 2.88
N ALA B 515 13.01 -28.42 4.12
CA ALA B 515 12.11 -29.43 4.66
C ALA B 515 11.00 -28.74 5.44
N ASP B 516 9.77 -28.90 4.98
CA ASP B 516 8.60 -28.32 5.63
C ASP B 516 7.85 -29.47 6.29
N ILE B 517 8.18 -29.73 7.55
CA ILE B 517 7.65 -30.87 8.28
C ILE B 517 6.39 -30.45 9.00
N LYS B 518 5.31 -31.21 8.79
CA LYS B 518 4.07 -30.96 9.49
C LYS B 518 3.91 -31.77 10.77
N LEU B 519 4.72 -32.81 10.94
CA LEU B 519 4.72 -33.55 12.18
C LEU B 519 5.46 -32.78 13.26
N PRO B 520 5.21 -33.09 14.52
CA PRO B 520 6.01 -32.47 15.60
C PRO B 520 7.39 -33.11 15.75
N GLY B 521 8.15 -33.09 14.65
CA GLY B 521 9.47 -33.68 14.64
C GLY B 521 9.50 -35.03 13.97
N ILE B 522 10.60 -35.33 13.26
CA ILE B 522 10.79 -36.63 12.64
C ILE B 522 12.20 -37.10 12.94
N PRO B 523 12.45 -38.41 12.99
CA PRO B 523 13.79 -38.89 13.30
C PRO B 523 14.79 -38.57 12.21
N ILE B 524 16.06 -38.53 12.59
CA ILE B 524 17.12 -38.23 11.65
C ILE B 524 17.20 -39.30 10.56
N LYS B 525 16.91 -40.56 10.90
CA LYS B 525 16.98 -41.63 9.92
C LYS B 525 16.04 -41.39 8.76
N ILE B 526 14.83 -40.91 9.03
CA ILE B 526 13.89 -40.60 7.95
C ILE B 526 14.43 -39.51 7.06
N VAL B 527 15.04 -38.48 7.65
CA VAL B 527 15.63 -37.41 6.86
C VAL B 527 16.75 -37.94 5.99
N MET B 528 17.57 -38.84 6.53
CA MET B 528 18.69 -39.39 5.77
C MET B 528 18.21 -40.17 4.56
N GLU B 529 17.18 -40.98 4.74
CA GLU B 529 16.66 -41.76 3.63
C GLU B 529 15.97 -40.89 2.60
N ALA B 530 15.33 -39.80 3.02
CA ALA B 530 14.71 -38.88 2.08
C ALA B 530 15.75 -38.21 1.21
N ILE B 531 16.90 -37.86 1.79
CA ILE B 531 17.98 -37.26 0.99
C ILE B 531 18.50 -38.27 -0.02
N GLN B 532 18.64 -39.53 0.38
CA GLN B 532 19.12 -40.54 -0.55
C GLN B 532 18.09 -40.83 -1.63
N GLN B 533 16.83 -40.99 -1.25
CA GLN B 533 15.79 -41.29 -2.23
C GLN B 533 15.66 -40.15 -3.23
N ALA B 534 15.74 -38.92 -2.77
CA ALA B 534 15.69 -37.78 -3.67
C ALA B 534 16.91 -37.72 -4.58
N SER B 535 18.03 -38.31 -4.18
CA SER B 535 19.19 -38.34 -5.06
C SER B 535 18.94 -39.18 -6.30
N VAL B 536 18.26 -40.32 -6.14
CA VAL B 536 17.95 -41.16 -7.29
C VAL B 536 16.98 -40.45 -8.22
N ALA B 537 15.94 -39.84 -7.67
CA ALA B 537 14.98 -39.12 -8.51
C ALA B 537 15.66 -37.97 -9.25
N LYS B 538 16.58 -37.28 -8.59
CA LYS B 538 17.24 -36.15 -9.23
C LYS B 538 18.04 -36.59 -10.45
N LYS B 539 18.71 -37.74 -10.36
CA LYS B 539 19.50 -38.20 -11.50
C LYS B 539 18.60 -38.54 -12.69
N GLU B 540 17.43 -39.13 -12.43
CA GLU B 540 16.51 -39.41 -13.52
C GLU B 540 16.02 -38.15 -14.20
N ILE B 541 15.68 -37.13 -13.41
CA ILE B 541 15.22 -35.87 -13.98
C ILE B 541 16.31 -35.24 -14.82
N LEU B 542 17.55 -35.27 -14.35
CA LEU B 542 18.65 -34.70 -15.11
C LEU B 542 18.87 -35.44 -16.43
N GLN B 543 18.55 -36.73 -16.48
CA GLN B 543 18.66 -37.46 -17.74
C GLN B 543 17.63 -36.96 -18.76
N ILE B 544 16.40 -36.74 -18.33
CA ILE B 544 15.38 -36.23 -19.22
C ILE B 544 15.72 -34.82 -19.67
N MET B 545 16.15 -33.96 -18.76
CA MET B 545 16.50 -32.60 -19.13
C MET B 545 17.67 -32.57 -20.10
N ASN B 546 18.62 -33.49 -19.96
CA ASN B 546 19.79 -33.45 -20.82
C ASN B 546 19.45 -33.79 -22.26
N LYS B 547 18.37 -34.55 -22.49
CA LYS B 547 17.94 -34.81 -23.85
C LYS B 547 17.47 -33.55 -24.54
N THR B 548 16.74 -32.69 -23.83
CA THR B 548 16.28 -31.44 -24.43
C THR B 548 17.45 -30.49 -24.71
N ILE B 549 18.30 -30.27 -23.72
CA ILE B 549 19.52 -29.50 -23.90
C ILE B 549 20.52 -29.96 -22.85
N SER B 550 21.75 -30.21 -23.27
CA SER B 550 22.76 -30.75 -22.36
C SER B 550 23.87 -29.78 -22.03
N LYS B 551 24.19 -28.86 -22.92
CA LYS B 551 25.22 -27.87 -22.65
C LYS B 551 24.73 -26.50 -23.06
N PRO B 552 25.23 -25.45 -22.43
CA PRO B 552 24.81 -24.10 -22.80
C PRO B 552 25.12 -23.79 -24.24
N ARG B 553 24.24 -23.00 -24.86
CA ARG B 553 24.45 -22.60 -26.24
C ARG B 553 25.76 -21.82 -26.35
N ALA B 554 26.43 -22.01 -27.49
CA ALA B 554 27.79 -21.50 -27.67
C ALA B 554 27.86 -20.00 -27.51
N SER B 555 26.75 -19.30 -27.75
CA SER B 555 26.72 -17.85 -27.60
C SER B 555 25.31 -17.43 -27.26
N ARG B 556 25.18 -16.20 -26.80
CA ARG B 556 23.87 -15.63 -26.56
C ARG B 556 23.17 -15.40 -27.89
N LYS B 557 21.84 -15.27 -27.83
CA LYS B 557 21.07 -15.01 -29.03
C LYS B 557 21.51 -13.70 -29.69
N GLU B 558 21.48 -13.69 -31.02
CA GLU B 558 21.98 -12.53 -31.76
C GLU B 558 21.16 -11.29 -31.51
N ASN B 559 19.89 -11.43 -31.12
CA ASN B 559 19.04 -10.30 -30.80
C ASN B 559 19.04 -9.98 -29.31
N GLY B 560 20.08 -10.38 -28.58
CA GLY B 560 20.19 -10.07 -27.18
C GLY B 560 20.83 -8.73 -26.95
N PRO B 561 21.12 -8.41 -25.69
CA PRO B 561 21.67 -7.09 -25.37
C PRO B 561 23.09 -6.94 -25.86
N VAL B 562 23.47 -5.68 -26.08
CA VAL B 562 24.80 -5.34 -26.55
C VAL B 562 25.31 -4.16 -25.73
N VAL B 563 26.61 -4.16 -25.45
CA VAL B 563 27.27 -3.07 -24.73
C VAL B 563 28.42 -2.58 -25.58
N GLU B 564 28.46 -1.28 -25.82
CA GLU B 564 29.68 -0.69 -26.36
C GLU B 564 29.70 0.79 -26.02
N THR B 565 30.90 1.36 -26.11
CA THR B 565 31.13 2.72 -25.68
C THR B 565 30.99 3.70 -26.84
N VAL B 566 30.79 4.96 -26.48
CA VAL B 566 30.74 6.06 -27.44
C VAL B 566 31.63 7.17 -26.91
N GLN B 567 32.49 7.68 -27.78
CA GLN B 567 33.37 8.79 -27.40
C GLN B 567 32.62 10.11 -27.54
N VAL B 568 32.64 10.91 -26.47
CA VAL B 568 32.01 12.21 -26.46
C VAL B 568 33.08 13.26 -26.16
N PRO B 569 33.34 14.20 -27.05
CA PRO B 569 34.31 15.25 -26.75
C PRO B 569 33.84 16.14 -25.61
N LEU B 570 34.80 16.83 -24.99
CA LEU B 570 34.46 17.71 -23.88
C LEU B 570 33.54 18.84 -24.32
N SER B 571 33.77 19.38 -25.51
CA SER B 571 32.91 20.45 -26.01
C SER B 571 31.48 19.98 -26.16
N LYS B 572 31.29 18.78 -26.70
CA LYS B 572 29.96 18.21 -26.89
C LYS B 572 29.35 17.68 -25.60
N ARG B 573 30.15 17.57 -24.53
CA ARG B 573 29.71 16.89 -23.32
C ARG B 573 28.48 17.56 -22.72
N ALA B 574 28.49 18.89 -22.63
CA ALA B 574 27.38 19.59 -22.01
C ALA B 574 26.08 19.40 -22.79
N LYS B 575 26.14 19.55 -24.10
CA LYS B 575 24.94 19.40 -24.91
C LYS B 575 24.47 17.97 -24.95
N PHE B 576 25.41 17.02 -24.94
CA PHE B 576 25.03 15.61 -24.99
C PHE B 576 24.30 15.18 -23.72
N VAL B 577 24.88 15.48 -22.56
CA VAL B 577 24.27 15.07 -21.30
C VAL B 577 23.05 15.92 -20.99
N GLY B 578 23.13 17.21 -21.25
CA GLY B 578 22.04 18.12 -20.97
C GLY B 578 22.10 18.67 -19.56
N PRO B 579 21.21 19.61 -19.25
CA PRO B 579 21.23 20.22 -17.91
C PRO B 579 20.81 19.24 -16.84
N GLY B 580 21.74 18.88 -15.96
CA GLY B 580 21.47 17.89 -14.94
C GLY B 580 21.31 16.49 -15.47
N GLY B 581 21.88 16.20 -16.64
CA GLY B 581 21.69 14.91 -17.26
C GLY B 581 20.32 14.69 -17.85
N TYR B 582 19.61 15.76 -18.19
CA TYR B 582 18.24 15.62 -18.67
C TYR B 582 18.17 14.84 -19.96
N ASN B 583 19.10 15.09 -20.88
CA ASN B 583 19.06 14.41 -22.18
C ASN B 583 19.26 12.92 -22.03
N LEU B 584 20.22 12.50 -21.20
CA LEU B 584 20.43 11.08 -20.98
C LEU B 584 19.22 10.44 -20.33
N LYS B 585 18.62 11.12 -19.35
CA LYS B 585 17.43 10.57 -18.71
C LYS B 585 16.28 10.46 -19.68
N LYS B 586 16.16 11.43 -20.59
CA LYS B 586 15.12 11.35 -21.62
C LYS B 586 15.34 10.17 -22.54
N LEU B 587 16.58 9.95 -22.97
CA LEU B 587 16.86 8.83 -23.87
C LEU B 587 16.57 7.50 -23.19
N GLN B 588 16.91 7.38 -21.91
CA GLN B 588 16.64 6.15 -21.18
C GLN B 588 15.16 5.88 -21.01
N ALA B 589 14.32 6.88 -21.24
CA ALA B 589 12.88 6.71 -21.03
C ALA B 589 12.16 6.28 -22.30
N GLU B 590 12.36 7.01 -23.40
CA GLU B 590 11.69 6.65 -24.65
C GLU B 590 12.21 5.31 -25.18
N THR B 591 13.52 5.11 -25.17
CA THR B 591 14.12 3.84 -25.52
C THR B 591 14.69 3.20 -24.26
N GLY B 592 14.83 1.89 -24.28
CA GLY B 592 15.34 1.22 -23.11
C GLY B 592 16.81 1.37 -22.89
N VAL B 593 17.49 2.15 -23.73
CA VAL B 593 18.94 2.26 -23.68
C VAL B 593 19.35 3.08 -22.48
N THR B 594 20.27 2.55 -21.68
CA THR B 594 20.83 3.25 -20.53
C THR B 594 22.27 3.62 -20.83
N ILE B 595 22.63 4.88 -20.58
CA ILE B 595 23.96 5.40 -20.83
C ILE B 595 24.59 5.77 -19.50
N SER B 596 25.67 5.09 -19.14
CA SER B 596 26.40 5.35 -17.90
C SER B 596 27.80 5.80 -18.25
N GLN B 597 28.23 6.91 -17.66
CA GLN B 597 29.57 7.41 -17.93
C GLN B 597 30.60 6.58 -17.18
N VAL B 598 31.67 6.20 -17.88
CA VAL B 598 32.75 5.43 -17.26
C VAL B 598 34.06 6.18 -17.26
N ASP B 599 34.15 7.30 -17.95
CA ASP B 599 35.40 8.05 -18.05
C ASP B 599 35.02 9.45 -18.51
N GLU B 600 35.94 10.40 -18.29
CA GLU B 600 35.64 11.80 -18.57
C GLU B 600 35.27 12.05 -20.03
N GLU B 601 35.66 11.17 -20.95
CA GLU B 601 35.36 11.33 -22.36
C GLU B 601 34.55 10.20 -22.97
N THR B 602 34.35 9.10 -22.26
CA THR B 602 33.68 7.94 -22.82
C THR B 602 32.45 7.59 -22.01
N PHE B 603 31.38 7.20 -22.71
CA PHE B 603 30.15 6.75 -22.10
C PHE B 603 29.87 5.32 -22.53
N SER B 604 29.46 4.48 -21.59
CA SER B 604 29.08 3.12 -21.91
C SER B 604 27.59 3.08 -22.19
N VAL B 605 27.23 2.53 -23.35
CA VAL B 605 25.84 2.44 -23.77
C VAL B 605 25.40 0.99 -23.68
N PHE B 606 24.35 0.74 -22.91
CA PHE B 606 23.75 -0.57 -22.83
C PHE B 606 22.43 -0.53 -23.57
N ALA B 607 22.21 -1.50 -24.45
CA ALA B 607 20.98 -1.57 -25.23
C ALA B 607 20.38 -2.95 -25.08
N PRO B 608 19.14 -3.07 -24.62
CA PRO B 608 18.56 -4.41 -24.43
C PRO B 608 18.43 -5.21 -25.69
N THR B 609 18.24 -4.58 -26.84
CA THR B 609 18.14 -5.26 -28.12
C THR B 609 18.95 -4.48 -29.15
N PRO B 610 19.41 -5.15 -30.21
CA PRO B 610 20.11 -4.42 -31.28
C PRO B 610 19.25 -3.36 -31.93
N SER B 611 17.94 -3.59 -32.03
CA SER B 611 17.06 -2.58 -32.59
C SER B 611 17.00 -1.34 -31.71
N ALA B 612 16.90 -1.55 -30.40
CA ALA B 612 16.91 -0.42 -29.47
C ALA B 612 18.22 0.33 -29.53
N MET B 613 19.30 -0.35 -29.90
CA MET B 613 20.57 0.35 -30.04
C MET B 613 20.58 1.21 -31.30
N HIS B 614 19.86 0.80 -32.34
CA HIS B 614 19.77 1.62 -33.53
C HIS B 614 19.16 2.98 -33.20
N GLU B 615 18.05 2.99 -32.46
CA GLU B 615 17.41 4.25 -32.11
C GLU B 615 18.33 5.11 -31.25
N ALA B 616 19.03 4.49 -30.30
CA ALA B 616 19.95 5.25 -29.46
C ALA B 616 21.08 5.85 -30.28
N ARG B 617 21.59 5.09 -31.25
CA ARG B 617 22.64 5.64 -32.10
C ARG B 617 22.13 6.80 -32.94
N ASP B 618 20.89 6.72 -33.42
CA ASP B 618 20.30 7.84 -34.14
C ASP B 618 20.15 9.05 -33.23
N PHE B 619 19.72 8.82 -31.99
CA PHE B 619 19.55 9.93 -31.04
C PHE B 619 20.89 10.58 -30.73
N ILE B 620 21.94 9.78 -30.55
CA ILE B 620 23.22 10.36 -30.17
C ILE B 620 23.96 10.96 -31.37
N THR B 621 23.65 10.53 -32.59
CA THR B 621 24.33 11.11 -33.75
C THR B 621 23.83 12.52 -34.03
N GLU B 622 22.52 12.72 -34.00
CA GLU B 622 21.97 14.05 -34.21
C GLU B 622 22.33 14.99 -33.06
N ILE B 623 22.38 14.47 -31.83
CA ILE B 623 22.85 15.27 -30.71
C ILE B 623 24.30 15.69 -30.94
N CYS B 624 25.13 14.77 -31.43
CA CYS B 624 26.52 15.10 -31.71
C CYS B 624 26.64 16.13 -32.83
N LYS B 625 25.77 16.04 -33.83
CA LYS B 625 25.78 16.95 -34.98
C LYS B 625 27.14 16.95 -35.68
N ALA C 2 -20.61 36.17 2.94
CA ALA C 2 -19.22 36.57 3.12
C ALA C 2 -19.05 37.48 4.33
N VAL C 3 -18.23 37.06 5.29
CA VAL C 3 -17.97 37.80 6.51
C VAL C 3 -16.47 37.93 6.67
N ALA C 4 -16.01 39.13 7.02
CA ALA C 4 -14.61 39.38 7.28
C ALA C 4 -14.41 39.55 8.78
N VAL C 5 -13.38 38.90 9.31
CA VAL C 5 -13.02 38.97 10.71
C VAL C 5 -11.64 39.60 10.81
N ASP C 6 -11.51 40.64 11.62
CA ASP C 6 -10.24 41.31 11.80
C ASP C 6 -9.56 40.79 13.06
N LEU C 7 -8.33 40.32 12.91
CA LEU C 7 -7.49 39.85 14.01
C LEU C 7 -6.21 40.67 13.96
N GLY C 8 -6.21 41.81 14.64
CA GLY C 8 -5.06 42.69 14.57
C GLY C 8 -4.81 43.13 13.14
N ASN C 9 -3.58 42.93 12.67
CA ASN C 9 -3.23 43.27 11.30
C ASN C 9 -3.62 42.19 10.31
N ARG C 10 -4.07 41.04 10.77
CA ARG C 10 -4.52 39.96 9.92
C ARG C 10 -6.02 40.06 9.67
N LYS C 11 -6.45 39.58 8.52
CA LYS C 11 -7.85 39.60 8.14
C LYS C 11 -8.27 38.22 7.66
N LEU C 12 -9.43 37.77 8.11
CA LEU C 12 -9.97 36.47 7.78
C LEU C 12 -11.24 36.64 6.96
N GLU C 13 -11.27 36.01 5.80
CA GLU C 13 -12.43 36.05 4.91
C GLU C 13 -13.11 34.69 4.94
N ILE C 14 -14.41 34.69 5.23
CA ILE C 14 -15.18 33.46 5.30
C ILE C 14 -16.38 33.59 4.38
N SER C 15 -16.61 32.58 3.56
CA SER C 15 -17.69 32.65 2.59
C SER C 15 -18.19 31.24 2.31
N SER C 16 -19.37 31.17 1.72
CA SER C 16 -19.99 29.88 1.41
C SER C 16 -21.03 30.10 0.32
N GLY C 17 -21.46 29.00 -0.28
CA GLY C 17 -22.52 29.03 -1.26
C GLY C 17 -22.09 29.08 -2.70
N LYS C 18 -20.80 28.99 -2.99
CA LYS C 18 -20.30 29.04 -4.36
C LYS C 18 -19.77 27.71 -4.86
N LEU C 19 -18.94 27.04 -4.07
CA LEU C 19 -18.28 25.82 -4.47
C LEU C 19 -18.82 24.63 -3.70
N ALA C 20 -18.92 23.49 -4.37
CA ALA C 20 -19.28 22.21 -3.76
C ALA C 20 -20.61 22.31 -3.02
N ARG C 21 -21.65 22.62 -3.78
CA ARG C 21 -22.97 22.84 -3.19
C ARG C 21 -23.71 21.56 -2.88
N PHE C 22 -23.17 20.40 -3.24
CA PHE C 22 -23.84 19.15 -2.90
C PHE C 22 -23.49 18.68 -1.50
N ALA C 23 -22.34 19.08 -0.98
CA ALA C 23 -21.93 18.66 0.36
C ALA C 23 -22.86 19.23 1.41
N ASP C 24 -23.02 18.49 2.50
CA ASP C 24 -23.90 18.95 3.58
C ASP C 24 -23.48 20.32 4.08
N GLY C 25 -22.19 20.54 4.21
CA GLY C 25 -21.68 21.86 4.53
C GLY C 25 -20.39 22.11 3.78
N SER C 26 -20.17 23.37 3.44
CA SER C 26 -18.99 23.76 2.69
C SER C 26 -18.68 25.21 3.02
N ALA C 27 -17.38 25.53 3.02
CA ALA C 27 -16.96 26.86 3.36
C ALA C 27 -15.61 27.12 2.71
N VAL C 28 -15.34 28.39 2.44
CA VAL C 28 -14.05 28.82 1.94
C VAL C 28 -13.51 29.85 2.91
N VAL C 29 -12.32 29.60 3.44
CA VAL C 29 -11.66 30.50 4.36
C VAL C 29 -10.41 31.03 3.67
N GLN C 30 -10.28 32.34 3.64
CA GLN C 30 -9.18 32.98 2.93
C GLN C 30 -8.49 33.96 3.84
N SER C 31 -7.17 33.91 3.86
CA SER C 31 -6.35 34.91 4.52
C SER C 31 -5.24 35.29 3.57
N GLY C 32 -5.13 36.57 3.26
CA GLY C 32 -4.20 36.98 2.22
C GLY C 32 -4.60 36.34 0.91
N ASP C 33 -3.66 35.68 0.25
CA ASP C 33 -3.92 34.97 -0.98
C ASP C 33 -4.03 33.47 -0.80
N THR C 34 -4.03 32.98 0.44
CA THR C 34 -4.23 31.57 0.71
C THR C 34 -5.72 31.32 0.93
N ALA C 35 -6.27 30.38 0.18
CA ALA C 35 -7.67 30.01 0.33
C ALA C 35 -7.78 28.51 0.56
N VAL C 36 -8.61 28.13 1.52
CA VAL C 36 -8.82 26.73 1.85
C VAL C 36 -10.31 26.47 1.84
N MET C 37 -10.72 25.43 1.13
CA MET C 37 -12.12 25.03 1.08
C MET C 37 -12.27 23.77 1.92
N VAL C 38 -13.27 23.75 2.78
CA VAL C 38 -13.53 22.63 3.67
C VAL C 38 -14.97 22.20 3.46
N THR C 39 -15.18 20.89 3.35
CA THR C 39 -16.50 20.31 3.21
C THR C 39 -16.77 19.35 4.35
N ALA C 40 -18.04 19.14 4.66
CA ALA C 40 -18.44 18.23 5.72
C ALA C 40 -19.62 17.41 5.21
N VAL C 41 -19.52 16.10 5.34
CA VAL C 41 -20.56 15.18 4.90
C VAL C 41 -20.87 14.23 6.03
N SER C 42 -22.14 14.08 6.35
CA SER C 42 -22.57 13.16 7.39
C SER C 42 -23.74 12.33 6.87
N LYS C 43 -23.65 11.02 7.03
CA LYS C 43 -24.70 10.13 6.58
C LYS C 43 -25.90 10.18 7.52
N THR C 44 -27.07 9.93 6.96
CA THR C 44 -28.29 9.87 7.76
C THR C 44 -28.56 8.48 8.30
N LYS C 45 -27.96 7.47 7.75
CA LYS C 45 -28.12 6.12 8.25
C LYS C 45 -27.12 5.85 9.36
N PRO C 46 -27.57 5.42 10.54
CA PRO C 46 -26.62 5.18 11.64
C PRO C 46 -25.63 4.09 11.29
N SER C 47 -24.40 4.29 11.67
CA SER C 47 -23.38 3.31 11.38
C SER C 47 -23.41 2.19 12.41
N PRO C 48 -22.96 0.98 12.05
CA PRO C 48 -22.88 -0.11 13.01
C PRO C 48 -21.64 -0.10 13.88
N SER C 49 -20.88 1.00 13.90
CA SER C 49 -19.61 1.03 14.61
C SER C 49 -19.78 1.15 16.12
N GLN C 50 -20.93 1.59 16.60
CA GLN C 50 -21.18 1.82 18.03
C GLN C 50 -20.26 2.88 18.62
N PHE C 51 -19.69 3.73 17.77
CA PHE C 51 -19.03 4.96 18.20
C PHE C 51 -19.22 5.98 17.10
N MET C 52 -18.64 7.17 17.28
CA MET C 52 -18.74 8.20 16.25
C MET C 52 -17.64 8.00 15.23
N PRO C 53 -17.95 7.64 14.00
CA PRO C 53 -16.93 7.46 12.97
C PRO C 53 -16.64 8.78 12.25
N LEU C 54 -15.82 9.60 12.87
CA LEU C 54 -15.41 10.87 12.28
C LEU C 54 -14.00 10.73 11.73
N VAL C 55 -13.83 11.10 10.47
CA VAL C 55 -12.51 11.09 9.85
C VAL C 55 -12.28 12.46 9.23
N VAL C 56 -11.07 12.98 9.41
CA VAL C 56 -10.66 14.26 8.88
C VAL C 56 -9.49 14.01 7.95
N ASP C 57 -9.57 14.54 6.73
CA ASP C 57 -8.51 14.36 5.75
C ASP C 57 -8.09 15.72 5.22
N TYR C 58 -6.97 16.22 5.72
CA TYR C 58 -6.38 17.45 5.22
C TYR C 58 -5.37 17.07 4.13
N ARG C 59 -5.52 17.67 2.96
CA ARG C 59 -4.70 17.31 1.82
C ARG C 59 -4.13 18.57 1.20
N GLN C 60 -2.86 18.50 0.80
CA GLN C 60 -2.21 19.59 0.09
C GLN C 60 -1.85 19.13 -1.30
N LYS C 61 -1.86 20.05 -2.25
CA LYS C 61 -1.51 19.76 -3.63
C LYS C 61 -0.04 20.03 -3.92
N ALA C 62 0.72 20.53 -2.95
CA ALA C 62 2.13 20.80 -3.19
C ALA C 62 2.85 20.79 -1.85
N ALA C 63 4.17 20.71 -1.93
CA ALA C 63 5.03 20.73 -0.76
C ALA C 63 5.86 22.00 -0.76
N ALA C 64 6.56 22.22 0.36
CA ALA C 64 7.43 23.38 0.53
C ALA C 64 6.66 24.69 0.31
N ALA C 65 5.67 24.90 1.16
CA ALA C 65 4.82 26.10 1.10
C ALA C 65 4.13 26.22 -0.25
N GLY C 66 3.65 25.09 -0.77
CA GLY C 66 2.93 25.06 -2.03
C GLY C 66 3.76 25.43 -3.24
N ARG C 67 5.03 25.02 -3.28
CA ARG C 67 5.90 25.36 -4.38
C ARG C 67 6.30 24.17 -5.24
N ILE C 68 6.17 22.95 -4.73
CA ILE C 68 6.50 21.76 -5.50
C ILE C 68 5.26 20.89 -5.64
N PRO C 69 4.63 20.85 -6.82
CA PRO C 69 3.41 20.06 -6.98
C PRO C 69 3.64 18.60 -6.67
N THR C 70 2.72 18.01 -5.90
CA THR C 70 2.83 16.63 -5.49
C THR C 70 1.52 15.85 -5.62
N ASN C 71 0.41 16.49 -5.97
CA ASN C 71 -0.87 15.80 -5.95
C ASN C 71 -0.96 14.72 -7.01
N TYR C 72 -0.20 14.86 -8.10
CA TYR C 72 -0.20 13.83 -9.13
C TYR C 72 0.47 12.54 -8.68
N LEU C 73 1.21 12.58 -7.58
CA LEU C 73 1.92 11.42 -7.07
C LEU C 73 1.19 10.72 -5.94
N ARG C 74 -0.05 11.10 -5.65
CA ARG C 74 -0.71 10.56 -4.47
C ARG C 74 -1.04 9.08 -4.63
N ARG C 75 -1.27 8.62 -5.86
CA ARG C 75 -1.64 7.22 -6.07
C ARG C 75 -0.57 6.28 -5.56
N GLU C 76 0.70 6.65 -5.69
CA GLU C 76 1.81 5.84 -5.20
C GLU C 76 2.48 6.39 -3.96
N ILE C 77 2.54 7.71 -3.80
CA ILE C 77 3.24 8.33 -2.68
C ILE C 77 2.28 8.83 -1.62
N GLY C 78 1.06 8.30 -1.57
CA GLY C 78 0.22 8.40 -0.39
C GLY C 78 0.07 9.81 0.14
N THR C 79 0.16 9.94 1.46
CA THR C 79 -0.01 11.23 2.15
C THR C 79 1.14 11.47 3.11
N SER C 80 1.59 12.71 3.19
CA SER C 80 2.78 13.06 3.94
C SER C 80 2.50 13.08 5.44
N ASP C 81 3.55 13.30 6.22
CA ASP C 81 3.42 13.32 7.67
C ASP C 81 2.75 14.60 8.15
N LYS C 82 3.11 15.73 7.57
CA LYS C 82 2.51 17.00 7.95
C LYS C 82 1.03 17.03 7.65
N GLU C 83 0.61 16.36 6.58
CA GLU C 83 -0.83 16.24 6.33
C GLU C 83 -1.51 15.45 7.43
N ILE C 84 -0.88 14.37 7.89
CA ILE C 84 -1.46 13.55 8.94
C ILE C 84 -1.52 14.34 10.26
N LEU C 85 -0.47 15.07 10.58
CA LEU C 85 -0.47 15.83 11.82
C LEU C 85 -1.52 16.94 11.78
N THR C 86 -1.63 17.63 10.64
CA THR C 86 -2.65 18.66 10.51
C THR C 86 -4.04 18.08 10.63
N SER C 87 -4.28 16.91 10.04
CA SER C 87 -5.58 16.27 10.16
C SER C 87 -5.91 15.96 11.60
N ARG C 88 -4.91 15.67 12.41
CA ARG C 88 -5.20 15.27 13.82
C ARG C 88 -5.52 16.53 14.61
N ILE C 89 -4.88 17.64 14.30
CA ILE C 89 -5.18 18.89 14.99
C ILE C 89 -6.60 19.33 14.68
N ILE C 90 -7.01 19.25 13.41
CA ILE C 90 -8.38 19.58 13.04
C ILE C 90 -9.35 18.65 13.73
N ASP C 91 -9.02 17.37 13.79
CA ASP C 91 -9.89 16.39 14.42
C ASP C 91 -10.10 16.70 15.89
N ARG C 92 -9.03 17.07 16.59
CA ARG C 92 -9.15 17.36 18.01
C ARG C 92 -9.91 18.64 18.28
N SER C 93 -9.94 19.56 17.31
CA SER C 93 -10.66 20.82 17.50
C SER C 93 -12.16 20.66 17.36
N ILE C 94 -12.62 19.68 16.60
CA ILE C 94 -14.04 19.56 16.31
C ILE C 94 -14.68 18.33 16.95
N ARG C 95 -13.92 17.30 17.26
CA ARG C 95 -14.54 16.07 17.78
C ARG C 95 -15.25 16.29 19.11
N PRO C 96 -14.75 17.03 20.09
CA PRO C 96 -15.50 17.14 21.36
C PRO C 96 -16.83 17.87 21.25
N LEU C 97 -17.08 18.61 20.18
CA LEU C 97 -18.30 19.39 20.06
C LEU C 97 -19.45 18.62 19.44
N PHE C 98 -19.24 17.41 18.99
CA PHE C 98 -20.36 16.64 18.49
C PHE C 98 -21.20 16.14 19.66
N PRO C 99 -22.52 16.05 19.47
CA PRO C 99 -23.37 15.54 20.56
C PRO C 99 -23.08 14.07 20.85
N ALA C 100 -23.37 13.69 22.09
CA ALA C 100 -23.19 12.30 22.50
C ALA C 100 -24.18 11.39 21.79
N GLY C 101 -23.70 10.22 21.37
CA GLY C 101 -24.53 9.27 20.69
C GLY C 101 -24.73 9.53 19.21
N TYR C 102 -23.95 10.43 18.62
CA TYR C 102 -24.07 10.76 17.20
C TYR C 102 -23.26 9.76 16.40
N PHE C 103 -23.80 8.55 16.26
CA PHE C 103 -23.08 7.45 15.63
C PHE C 103 -23.36 7.43 14.12
N TYR C 104 -22.85 8.44 13.44
CA TYR C 104 -23.08 8.63 12.02
C TYR C 104 -21.77 8.92 11.33
N ASP C 105 -21.51 8.19 10.24
CA ASP C 105 -20.28 8.38 9.51
C ASP C 105 -20.17 9.81 9.04
N THR C 106 -19.04 10.44 9.33
CA THR C 106 -18.84 11.85 9.05
C THR C 106 -17.43 12.05 8.53
N GLN C 107 -17.28 12.83 7.48
CA GLN C 107 -15.98 13.09 6.90
C GLN C 107 -15.85 14.57 6.65
N VAL C 108 -14.71 15.13 7.04
CA VAL C 108 -14.37 16.52 6.80
C VAL C 108 -13.15 16.53 5.91
N LEU C 109 -13.26 17.17 4.75
CA LEU C 109 -12.19 17.18 3.76
C LEU C 109 -11.74 18.62 3.53
N CYS C 110 -10.44 18.83 3.51
CA CYS C 110 -9.87 20.15 3.30
C CYS C 110 -9.14 20.16 1.96
N ASN C 111 -9.45 21.16 1.14
CA ASN C 111 -8.94 21.31 -0.22
C ASN C 111 -8.24 22.66 -0.29
N LEU C 112 -6.92 22.66 -0.45
CA LEU C 112 -6.17 23.91 -0.50
C LEU C 112 -6.30 24.49 -1.90
N LEU C 113 -7.25 25.39 -2.09
CA LEU C 113 -7.47 25.99 -3.40
C LEU C 113 -6.24 26.76 -3.86
N ALA C 114 -5.65 27.55 -2.97
CA ALA C 114 -4.46 28.30 -3.31
C ALA C 114 -3.65 28.55 -2.05
N VAL C 115 -2.33 28.58 -2.19
CA VAL C 115 -1.43 28.90 -1.09
C VAL C 115 -0.44 29.94 -1.59
N ASP C 116 -0.27 31.01 -0.84
CA ASP C 116 0.62 32.08 -1.27
C ASP C 116 2.02 31.96 -0.71
N GLY C 117 2.31 30.92 0.06
CA GLY C 117 3.62 30.80 0.68
C GLY C 117 3.90 31.83 1.74
N VAL C 118 2.86 32.49 2.25
CA VAL C 118 3.02 33.51 3.27
C VAL C 118 2.12 33.18 4.45
N ASN C 119 0.84 32.94 4.17
CA ASN C 119 -0.14 32.62 5.20
C ASN C 119 -0.31 31.11 5.28
N GLU C 120 -0.20 30.58 6.48
CA GLU C 120 -0.24 29.13 6.68
C GLU C 120 -1.67 28.63 6.54
N PRO C 121 -1.91 27.64 5.69
CA PRO C 121 -3.28 27.16 5.48
C PRO C 121 -3.81 26.25 6.58
N ASP C 122 -2.97 25.72 7.45
CA ASP C 122 -3.47 24.75 8.43
C ASP C 122 -4.44 25.39 9.41
N VAL C 123 -4.14 26.61 9.87
CA VAL C 123 -5.04 27.29 10.79
C VAL C 123 -6.35 27.63 10.10
N LEU C 124 -6.28 28.06 8.84
CA LEU C 124 -7.50 28.31 8.09
C LEU C 124 -8.33 27.06 7.92
N ALA C 125 -7.69 25.90 7.87
CA ALA C 125 -8.44 24.65 7.71
C ALA C 125 -9.24 24.33 8.97
N ILE C 126 -8.71 24.66 10.13
CA ILE C 126 -9.47 24.45 11.36
C ILE C 126 -10.71 25.34 11.39
N ASN C 127 -10.53 26.61 11.02
CA ASN C 127 -11.66 27.51 10.97
C ASN C 127 -12.64 27.10 9.88
N GLY C 128 -12.13 26.63 8.75
CA GLY C 128 -13.01 26.17 7.68
C GLY C 128 -13.85 24.99 8.09
N ALA C 129 -13.27 24.06 8.86
CA ALA C 129 -14.05 22.95 9.38
C ALA C 129 -15.12 23.45 10.35
N SER C 130 -14.83 24.52 11.08
CA SER C 130 -15.83 25.10 11.97
C SER C 130 -16.97 25.73 11.20
N VAL C 131 -16.65 26.52 10.17
CA VAL C 131 -17.69 27.16 9.38
C VAL C 131 -18.51 26.12 8.62
N ALA C 132 -17.85 25.12 8.04
CA ALA C 132 -18.55 24.12 7.26
C ALA C 132 -19.53 23.33 8.11
N LEU C 133 -19.12 22.97 9.33
CA LEU C 133 -20.04 22.29 10.23
C LEU C 133 -21.13 23.23 10.71
N SER C 134 -20.79 24.49 10.96
CA SER C 134 -21.78 25.44 11.46
C SER C 134 -22.90 25.69 10.46
N LEU C 135 -22.55 25.82 9.18
CA LEU C 135 -23.54 26.09 8.14
C LEU C 135 -24.28 24.83 7.70
N SER C 136 -23.80 23.65 8.03
CA SER C 136 -24.41 22.43 7.57
C SER C 136 -25.62 22.08 8.44
N ASP C 137 -26.32 21.02 8.06
CA ASP C 137 -27.38 20.47 8.87
C ASP C 137 -26.87 19.41 9.84
N ILE C 138 -25.57 19.27 9.95
CA ILE C 138 -24.98 18.27 10.86
C ILE C 138 -25.11 18.78 12.29
N PRO C 139 -25.66 18.00 13.21
CA PRO C 139 -25.74 18.45 14.61
C PRO C 139 -24.36 18.65 15.20
N TRP C 140 -24.02 19.89 15.49
CA TRP C 140 -22.70 20.24 15.99
C TRP C 140 -22.86 21.43 16.90
N ASN C 141 -22.09 21.46 17.98
CA ASN C 141 -22.22 22.52 18.95
C ASN C 141 -21.48 23.75 18.43
N GLY C 142 -21.36 24.77 19.26
CA GLY C 142 -21.04 26.11 18.82
C GLY C 142 -19.81 26.20 17.95
N PRO C 143 -19.66 27.30 17.23
CA PRO C 143 -18.51 27.44 16.35
C PRO C 143 -17.21 27.47 17.12
N VAL C 144 -16.15 27.02 16.46
CA VAL C 144 -14.80 27.00 17.02
C VAL C 144 -13.98 28.01 16.25
N GLY C 145 -13.22 28.83 16.96
CA GLY C 145 -12.23 29.70 16.36
C GLY C 145 -10.85 29.18 16.70
N ALA C 146 -9.94 29.26 15.74
CA ALA C 146 -8.59 28.80 15.96
C ALA C 146 -7.62 29.85 15.47
N VAL C 147 -6.57 30.08 16.26
CA VAL C 147 -5.49 30.96 15.88
C VAL C 147 -4.17 30.30 16.21
N ARG C 148 -3.11 30.79 15.60
CA ARG C 148 -1.75 30.48 16.00
C ARG C 148 -1.17 31.72 16.66
N ILE C 149 -0.52 31.54 17.80
CA ILE C 149 0.16 32.62 18.49
C ILE C 149 1.66 32.34 18.43
N GLY C 150 2.42 33.31 17.95
CA GLY C 150 3.86 33.28 18.02
C GLY C 150 4.36 34.35 18.97
N ILE C 151 5.66 34.29 19.25
CA ILE C 151 6.34 35.31 20.03
C ILE C 151 7.57 35.73 19.24
N ILE C 152 7.55 36.95 18.72
CA ILE C 152 8.66 37.48 17.94
C ILE C 152 9.17 38.73 18.63
N ASP C 153 10.43 38.69 19.08
CA ASP C 153 11.05 39.80 19.81
C ASP C 153 10.23 40.19 21.03
N GLY C 154 9.70 39.19 21.73
CA GLY C 154 8.91 39.45 22.91
C GLY C 154 7.52 39.96 22.65
N GLU C 155 7.05 39.93 21.41
CA GLU C 155 5.74 40.42 21.05
C GLU C 155 4.85 39.28 20.60
N TYR C 156 3.63 39.24 21.10
CA TYR C 156 2.70 38.18 20.75
C TYR C 156 2.04 38.50 19.42
N VAL C 157 2.18 37.59 18.45
CA VAL C 157 1.71 37.79 17.09
C VAL C 157 0.63 36.74 16.83
N VAL C 158 -0.49 37.16 16.29
CA VAL C 158 -1.57 36.25 15.94
C VAL C 158 -1.43 35.87 14.47
N ASN C 159 -1.57 34.58 14.19
CA ASN C 159 -1.41 34.01 12.86
C ASN C 159 -0.15 34.51 12.15
N PRO C 160 1.03 34.23 12.69
CA PRO C 160 2.26 34.73 12.07
C PRO C 160 2.45 34.13 10.68
N THR C 161 3.12 34.90 9.82
CA THR C 161 3.43 34.42 8.49
C THR C 161 4.53 33.38 8.55
N ARG C 162 4.85 32.81 7.40
CA ARG C 162 5.93 31.83 7.35
C ARG C 162 7.26 32.45 7.74
N LYS C 163 7.52 33.68 7.29
CA LYS C 163 8.75 34.36 7.67
C LYS C 163 8.79 34.64 9.17
N GLU C 164 7.66 35.04 9.74
CA GLU C 164 7.61 35.31 11.18
C GLU C 164 7.81 34.05 11.99
N MET C 165 7.22 32.93 11.55
CA MET C 165 7.29 31.69 12.31
C MET C 165 8.72 31.18 12.43
N SER C 166 9.56 31.45 11.43
CA SER C 166 10.94 31.00 11.50
C SER C 166 11.75 31.74 12.54
N SER C 167 11.30 32.93 12.96
CA SER C 167 11.98 33.70 13.98
C SER C 167 11.30 33.61 15.34
N SER C 168 10.27 32.80 15.46
CA SER C 168 9.47 32.76 16.67
C SER C 168 10.05 31.79 17.68
N THR C 169 9.87 32.09 18.96
CA THR C 169 10.18 31.18 20.05
C THR C 169 8.96 30.40 20.52
N LEU C 170 7.82 30.57 19.87
CA LEU C 170 6.62 29.84 20.27
C LEU C 170 5.78 29.57 19.04
N ASN C 171 5.25 28.35 18.96
CA ASN C 171 4.32 27.93 17.92
C ASN C 171 3.15 27.30 18.67
N LEU C 172 2.17 28.12 19.01
CA LEU C 172 1.04 27.69 19.81
C LEU C 172 -0.23 27.82 18.97
N VAL C 173 -1.03 26.77 18.94
CA VAL C 173 -2.30 26.76 18.24
C VAL C 173 -3.39 26.57 19.27
N VAL C 174 -4.35 27.48 19.30
CA VAL C 174 -5.46 27.46 20.26
C VAL C 174 -6.75 27.34 19.47
N ALA C 175 -7.60 26.40 19.86
CA ALA C 175 -8.97 26.35 19.38
C ALA C 175 -9.89 26.67 20.55
N GLY C 176 -10.76 27.65 20.35
CA GLY C 176 -11.65 28.10 21.39
C GLY C 176 -13.11 27.93 21.02
N ALA C 177 -13.92 27.64 22.00
CA ALA C 177 -15.37 27.53 21.90
C ALA C 177 -16.02 28.77 22.49
N PRO C 178 -17.34 28.92 22.35
CA PRO C 178 -17.99 30.10 22.92
C PRO C 178 -17.81 30.18 24.43
N LYS C 179 -17.76 31.42 24.93
CA LYS C 179 -17.57 31.73 26.35
C LYS C 179 -16.14 31.43 26.79
N SER C 180 -15.19 31.65 25.89
CA SER C 180 -13.76 31.56 26.20
C SER C 180 -13.36 30.18 26.72
N GLN C 181 -14.05 29.14 26.28
CA GLN C 181 -13.63 27.80 26.60
C GLN C 181 -12.52 27.36 25.65
N ILE C 182 -11.62 26.52 26.14
CA ILE C 182 -10.51 26.01 25.35
C ILE C 182 -10.84 24.59 24.94
N VAL C 183 -10.77 24.32 23.65
CA VAL C 183 -11.11 23.02 23.10
C VAL C 183 -9.86 22.22 22.76
N MET C 184 -8.86 22.85 22.14
CA MET C 184 -7.64 22.17 21.77
C MET C 184 -6.46 23.08 22.03
N LEU C 185 -5.38 22.52 22.53
CA LEU C 185 -4.13 23.23 22.66
C LEU C 185 -3.01 22.37 22.10
N GLU C 186 -2.11 23.00 21.37
CA GLU C 186 -0.99 22.29 20.78
C GLU C 186 0.14 23.28 20.60
N ALA C 187 1.30 23.00 21.18
CA ALA C 187 2.36 23.98 21.17
C ALA C 187 3.72 23.31 21.11
N SER C 188 4.66 24.00 20.50
CA SER C 188 6.07 23.75 20.67
C SER C 188 6.72 25.08 20.98
N ALA C 189 7.54 25.12 22.03
CA ALA C 189 8.19 26.34 22.45
C ALA C 189 9.68 26.10 22.55
N GLU C 190 10.43 27.19 22.45
CA GLU C 190 11.88 27.12 22.54
C GLU C 190 12.34 27.34 23.98
N ASN C 191 11.84 26.49 24.88
CA ASN C 191 12.21 26.48 26.28
C ASN C 191 11.94 27.85 26.94
N ILE C 192 10.69 28.27 26.86
CA ILE C 192 10.30 29.60 27.28
C ILE C 192 9.69 29.52 28.67
N LEU C 193 9.61 30.68 29.33
CA LEU C 193 9.12 30.73 30.70
C LEU C 193 7.65 30.38 30.77
N GLN C 194 7.25 29.84 31.91
CA GLN C 194 5.87 29.42 32.08
C GLN C 194 4.91 30.61 32.01
N GLN C 195 5.28 31.75 32.59
CA GLN C 195 4.41 32.92 32.57
C GLN C 195 4.21 33.43 31.15
N ASP C 196 5.29 33.48 30.36
CA ASP C 196 5.16 33.89 28.97
C ASP C 196 4.26 32.93 28.21
N PHE C 197 4.39 31.63 28.48
CA PHE C 197 3.53 30.65 27.84
C PHE C 197 2.08 30.86 28.21
N CYS C 198 1.82 31.17 29.48
CA CYS C 198 0.44 31.33 29.93
C CYS C 198 -0.20 32.57 29.34
N HIS C 199 0.57 33.63 29.14
CA HIS C 199 0.02 34.84 28.53
C HIS C 199 -0.38 34.61 27.08
N ALA C 200 0.41 33.82 26.35
CA ALA C 200 0.08 33.54 24.96
C ALA C 200 -1.25 32.81 24.84
N ILE C 201 -1.53 31.91 25.78
CA ILE C 201 -2.83 31.24 25.77
C ILE C 201 -3.95 32.23 26.01
N LYS C 202 -3.76 33.19 26.91
CA LYS C 202 -4.78 34.21 27.14
C LYS C 202 -5.01 35.05 25.90
N VAL C 203 -3.93 35.44 25.23
CA VAL C 203 -4.06 36.23 24.01
C VAL C 203 -4.77 35.43 22.92
N GLY C 204 -4.41 34.15 22.78
CA GLY C 204 -5.02 33.33 21.76
C GLY C 204 -6.51 33.13 21.97
N VAL C 205 -6.93 32.87 23.20
CA VAL C 205 -8.34 32.63 23.45
C VAL C 205 -9.16 33.87 23.14
N LYS C 206 -8.60 35.05 23.39
CA LYS C 206 -9.32 36.29 23.10
C LYS C 206 -9.58 36.42 21.61
N TYR C 207 -8.60 36.06 20.77
CA TYR C 207 -8.78 36.18 19.34
C TYR C 207 -9.76 35.16 18.79
N THR C 208 -9.83 33.96 19.38
CA THR C 208 -10.77 32.96 18.89
C THR C 208 -12.20 33.41 19.15
N GLN C 209 -12.42 34.23 20.17
CA GLN C 209 -13.76 34.74 20.41
C GLN C 209 -14.21 35.65 19.28
N GLN C 210 -13.31 36.44 18.72
CA GLN C 210 -13.66 37.30 17.61
C GLN C 210 -14.05 36.48 16.39
N ILE C 211 -13.32 35.39 16.13
CA ILE C 211 -13.66 34.52 15.02
C ILE C 211 -15.03 33.90 15.23
N ILE C 212 -15.31 33.46 16.46
CA ILE C 212 -16.62 32.87 16.76
C ILE C 212 -17.73 33.89 16.53
N GLN C 213 -17.47 35.15 16.86
CA GLN C 213 -18.45 36.19 16.61
C GLN C 213 -18.73 36.36 15.13
N GLY C 214 -17.69 36.32 14.31
CA GLY C 214 -17.89 36.43 12.87
C GLY C 214 -18.63 35.24 12.29
N ILE C 215 -18.31 34.03 12.75
CA ILE C 215 -18.97 32.84 12.23
C ILE C 215 -20.44 32.85 12.61
N GLN C 216 -20.76 33.31 13.81
CA GLN C 216 -22.15 33.35 14.24
C GLN C 216 -22.96 34.32 13.38
N GLN C 217 -22.35 35.43 12.97
CA GLN C 217 -23.02 36.36 12.07
C GLN C 217 -23.32 35.71 10.73
N LEU C 218 -22.35 34.98 10.17
CA LEU C 218 -22.57 34.30 8.90
C LEU C 218 -23.65 33.23 9.03
N VAL C 219 -23.68 32.52 10.14
CA VAL C 219 -24.70 31.50 10.35
C VAL C 219 -26.08 32.15 10.40
N LYS C 220 -26.19 33.28 11.08
CA LYS C 220 -27.49 33.96 11.19
C LYS C 220 -27.96 34.47 9.84
N GLU C 221 -27.04 35.05 9.04
CA GLU C 221 -27.41 35.52 7.71
C GLU C 221 -27.85 34.38 6.82
N THR C 222 -27.15 33.26 6.86
CA THR C 222 -27.45 32.14 5.98
C THR C 222 -28.77 31.48 6.35
N GLY C 223 -29.06 31.37 7.64
CA GLY C 223 -30.28 30.72 8.06
C GLY C 223 -30.17 29.20 8.08
N VAL C 224 -29.29 28.70 8.92
CA VAL C 224 -29.01 27.28 9.01
C VAL C 224 -30.09 26.59 9.82
N THR C 225 -30.53 25.43 9.36
CA THR C 225 -31.44 24.57 10.11
C THR C 225 -30.82 23.18 10.22
N LYS C 226 -30.72 22.69 11.45
CA LYS C 226 -30.05 21.41 11.68
C LYS C 226 -31.00 20.25 11.45
N ARG C 227 -30.43 19.14 10.99
CA ARG C 227 -31.19 17.93 10.80
C ARG C 227 -31.60 17.34 12.14
N THR C 228 -32.59 16.47 12.10
CA THR C 228 -32.98 15.72 13.28
C THR C 228 -32.50 14.30 13.11
N PRO C 229 -31.43 13.88 13.80
CA PRO C 229 -30.89 12.54 13.57
C PRO C 229 -31.91 11.48 13.93
N GLN C 230 -31.85 10.36 13.22
CA GLN C 230 -32.83 9.31 13.39
C GLN C 230 -32.85 8.81 14.83
N LYS C 231 -31.67 8.67 15.44
CA LYS C 231 -31.58 8.25 16.82
C LYS C 231 -30.27 8.74 17.41
N LEU C 232 -30.31 9.17 18.66
CA LEU C 232 -29.09 9.43 19.43
C LEU C 232 -28.89 8.27 20.39
N PHE C 233 -27.70 7.68 20.36
CA PHE C 233 -27.46 6.39 20.98
C PHE C 233 -26.96 6.49 22.42
N THR C 234 -27.38 7.51 23.15
CA THR C 234 -27.10 7.56 24.57
C THR C 234 -28.02 6.59 25.32
N PRO C 235 -27.51 5.87 26.31
CA PRO C 235 -28.35 4.91 27.03
C PRO C 235 -29.46 5.60 27.81
N SER C 236 -30.58 4.91 27.91
CA SER C 236 -31.74 5.48 28.59
C SER C 236 -31.46 5.62 30.08
N PRO C 237 -31.95 6.68 30.72
CA PRO C 237 -31.71 6.85 32.16
C PRO C 237 -32.26 5.72 33.00
N GLU C 238 -33.33 5.08 32.56
CA GLU C 238 -33.92 4.00 33.34
C GLU C 238 -32.95 2.84 33.50
N ILE C 239 -32.29 2.45 32.41
CA ILE C 239 -31.35 1.34 32.48
C ILE C 239 -30.11 1.74 33.27
N VAL C 240 -29.66 2.98 33.11
CA VAL C 240 -28.47 3.44 33.82
C VAL C 240 -28.69 3.39 35.32
N LYS C 241 -29.85 3.85 35.78
CA LYS C 241 -30.13 3.83 37.21
C LYS C 241 -30.18 2.41 37.75
N TYR C 242 -30.73 1.47 36.98
CA TYR C 242 -30.75 0.09 37.41
C TYR C 242 -29.34 -0.49 37.42
N THR C 243 -28.50 -0.09 36.47
CA THR C 243 -27.11 -0.53 36.49
C THR C 243 -26.39 -0.03 37.73
N HIS C 244 -26.66 1.22 38.12
CA HIS C 244 -26.04 1.77 39.31
C HIS C 244 -26.41 0.97 40.55
N LYS C 245 -27.69 0.60 40.66
CA LYS C 245 -28.12 -0.20 41.79
C LYS C 245 -27.45 -1.55 41.82
N LEU C 246 -27.10 -2.10 40.66
CA LEU C 246 -26.54 -3.44 40.63
C LEU C 246 -25.04 -3.47 40.88
N ALA C 247 -24.31 -2.47 40.38
CA ALA C 247 -22.86 -2.59 40.33
C ALA C 247 -22.10 -1.49 41.05
N MET C 248 -22.78 -0.54 41.70
CA MET C 248 -22.06 0.58 42.30
C MET C 248 -21.14 0.11 43.43
N GLU C 249 -21.67 -0.74 44.31
CA GLU C 249 -20.91 -1.18 45.47
C GLU C 249 -19.71 -2.01 45.05
N ARG C 250 -19.89 -2.94 44.11
CA ARG C 250 -18.79 -3.80 43.68
C ARG C 250 -17.73 -2.99 42.95
N LEU C 251 -18.16 -2.07 42.08
CA LEU C 251 -17.20 -1.21 41.39
C LEU C 251 -16.46 -0.34 42.37
N TYR C 252 -17.16 0.17 43.40
CA TYR C 252 -16.51 1.01 44.39
C TYR C 252 -15.41 0.26 45.12
N ALA C 253 -15.67 -1.02 45.45
CA ALA C 253 -14.66 -1.82 46.13
C ALA C 253 -13.43 -2.02 45.25
N VAL C 254 -13.64 -2.26 43.95
CA VAL C 254 -12.53 -2.47 43.04
C VAL C 254 -11.67 -1.23 42.95
N PHE C 255 -12.31 -0.06 42.85
CA PHE C 255 -11.57 1.17 42.66
C PHE C 255 -10.94 1.70 43.94
N THR C 256 -11.32 1.16 45.10
CA THR C 256 -10.66 1.49 46.35
C THR C 256 -9.64 0.44 46.78
N ASP C 257 -9.52 -0.65 46.02
CA ASP C 257 -8.50 -1.66 46.28
C ASP C 257 -7.19 -1.18 45.68
N TYR C 258 -6.26 -0.77 46.52
CA TYR C 258 -5.02 -0.17 46.06
C TYR C 258 -3.96 -1.19 45.69
N GLU C 259 -4.24 -2.48 45.82
CA GLU C 259 -3.28 -3.51 45.44
C GLU C 259 -3.37 -3.90 43.98
N HIS C 260 -4.34 -3.37 43.24
CA HIS C 260 -4.50 -3.75 41.85
C HIS C 260 -3.40 -3.16 40.97
N ASP C 261 -3.02 -3.91 39.96
CA ASP C 261 -2.22 -3.40 38.87
C ASP C 261 -3.14 -3.19 37.67
N LYS C 262 -2.58 -2.82 36.52
CA LYS C 262 -3.41 -2.53 35.36
C LYS C 262 -4.25 -3.73 34.98
N VAL C 263 -3.64 -4.91 34.92
CA VAL C 263 -4.34 -6.09 34.42
C VAL C 263 -5.36 -6.57 35.43
N SER C 264 -4.98 -6.66 36.71
CA SER C 264 -5.89 -7.21 37.70
C SER C 264 -7.11 -6.32 37.89
N ARG C 265 -6.92 -5.00 37.88
CA ARG C 265 -8.06 -4.09 38.01
C ARG C 265 -8.99 -4.21 36.83
N ASP C 266 -8.45 -4.28 35.61
CA ASP C 266 -9.29 -4.44 34.43
C ASP C 266 -10.04 -5.76 34.47
N GLU C 267 -9.36 -6.82 34.90
CA GLU C 267 -10.02 -8.12 35.00
C GLU C 267 -11.12 -8.09 36.05
N ALA C 268 -10.88 -7.41 37.18
CA ALA C 268 -11.90 -7.31 38.22
C ALA C 268 -13.13 -6.56 37.70
N VAL C 269 -12.92 -5.47 36.97
CA VAL C 269 -14.04 -4.72 36.41
C VAL C 269 -14.78 -5.58 35.40
N ASN C 270 -14.04 -6.33 34.59
CA ASN C 270 -14.68 -7.21 33.61
C ASN C 270 -15.53 -8.27 34.29
N LYS C 271 -15.09 -8.75 35.44
CA LYS C 271 -15.88 -9.73 36.17
C LYS C 271 -17.22 -9.16 36.59
N ILE C 272 -17.24 -7.92 37.07
CA ILE C 272 -18.49 -7.27 37.43
C ILE C 272 -19.32 -7.01 36.18
N ARG C 273 -18.66 -6.60 35.09
CA ARG C 273 -19.39 -6.30 33.86
C ARG C 273 -20.11 -7.54 33.34
N LEU C 274 -19.43 -8.69 33.35
CA LEU C 274 -20.06 -9.90 32.84
C LEU C 274 -21.30 -10.28 33.64
N ASP C 275 -21.22 -10.17 34.97
CA ASP C 275 -22.37 -10.50 35.79
C ASP C 275 -23.48 -9.47 35.64
N THR C 276 -23.14 -8.19 35.63
CA THR C 276 -24.15 -7.15 35.51
C THR C 276 -24.80 -7.17 34.14
N GLU C 277 -24.00 -7.27 33.09
CA GLU C 277 -24.56 -7.26 31.73
C GLU C 277 -25.49 -8.44 31.52
N GLU C 278 -25.25 -9.56 32.21
CA GLU C 278 -26.19 -10.66 32.14
C GLU C 278 -27.53 -10.28 32.77
N GLN C 279 -27.49 -9.75 34.00
CA GLN C 279 -28.72 -9.41 34.70
C GLN C 279 -29.49 -8.30 34.01
N LEU C 280 -28.79 -7.41 33.31
CA LEU C 280 -29.47 -6.31 32.62
C LEU C 280 -30.40 -6.82 31.54
N LYS C 281 -30.13 -8.00 31.00
CA LYS C 281 -30.90 -8.50 29.87
C LYS C 281 -32.29 -8.98 30.30
N GLU C 282 -32.39 -9.66 31.43
CA GLU C 282 -33.71 -10.09 31.89
C GLU C 282 -34.58 -8.88 32.24
N LYS C 283 -34.00 -7.86 32.86
CA LYS C 283 -34.78 -6.68 33.21
C LYS C 283 -35.23 -5.95 31.96
N PHE C 284 -34.38 -5.85 30.95
CA PHE C 284 -34.68 -5.13 29.71
C PHE C 284 -34.37 -6.01 28.51
N PRO C 285 -35.20 -7.02 28.24
CA PRO C 285 -34.95 -7.88 27.08
C PRO C 285 -35.01 -7.14 25.75
N GLU C 286 -35.75 -6.04 25.67
CA GLU C 286 -35.93 -5.33 24.42
C GLU C 286 -34.87 -4.25 24.19
N ALA C 287 -33.94 -4.08 25.13
CA ALA C 287 -32.94 -3.03 24.99
C ALA C 287 -31.91 -3.40 23.94
N ASP C 288 -31.34 -2.37 23.32
CA ASP C 288 -30.26 -2.56 22.37
C ASP C 288 -29.08 -3.23 23.06
N PRO C 289 -28.50 -4.28 22.48
CA PRO C 289 -27.31 -4.88 23.08
C PRO C 289 -26.18 -3.90 23.30
N TYR C 290 -26.02 -2.91 22.42
CA TYR C 290 -25.03 -1.87 22.67
C TYR C 290 -25.43 -1.01 23.86
N GLU C 291 -26.73 -0.72 23.99
CA GLU C 291 -27.19 0.08 25.12
C GLU C 291 -26.87 -0.59 26.44
N ILE C 292 -26.88 -1.93 26.49
CA ILE C 292 -26.45 -2.63 27.69
C ILE C 292 -24.98 -2.38 27.96
N ILE C 293 -24.16 -2.43 26.92
CA ILE C 293 -22.72 -2.21 27.10
C ILE C 293 -22.46 -0.79 27.56
N GLU C 294 -23.14 0.19 26.95
CA GLU C 294 -22.88 1.58 27.27
C GLU C 294 -23.39 1.95 28.66
N SER C 295 -24.50 1.35 29.10
CA SER C 295 -25.03 1.68 30.42
C SER C 295 -24.06 1.29 31.52
N PHE C 296 -23.41 0.13 31.38
CA PHE C 296 -22.40 -0.24 32.36
C PHE C 296 -21.21 0.70 32.30
N ASN C 297 -20.79 1.09 31.10
CA ASN C 297 -19.65 1.98 30.96
C ASN C 297 -19.93 3.33 31.62
N VAL C 298 -21.16 3.83 31.47
CA VAL C 298 -21.52 5.09 32.10
C VAL C 298 -21.45 4.98 33.61
N VAL C 299 -22.00 3.90 34.16
CA VAL C 299 -22.01 3.71 35.60
C VAL C 299 -20.60 3.57 36.13
N ALA C 300 -19.78 2.76 35.46
CA ALA C 300 -18.41 2.54 35.93
C ALA C 300 -17.62 3.83 35.90
N LYS C 301 -17.79 4.63 34.85
CA LYS C 301 -17.11 5.91 34.77
C LYS C 301 -17.57 6.84 35.89
N GLU C 302 -18.86 6.85 36.18
CA GLU C 302 -19.39 7.72 37.21
C GLU C 302 -18.87 7.34 38.59
N VAL C 303 -18.83 6.04 38.89
CA VAL C 303 -18.31 5.60 40.18
C VAL C 303 -16.82 5.94 40.30
N PHE C 304 -16.08 5.77 39.21
CA PHE C 304 -14.65 6.07 39.23
C PHE C 304 -14.39 7.53 39.56
N ARG C 305 -15.16 8.44 38.96
CA ARG C 305 -14.92 9.86 39.19
C ARG C 305 -15.37 10.30 40.57
N SER C 306 -16.45 9.70 41.08
CA SER C 306 -16.97 10.12 42.37
C SER C 306 -15.96 9.90 43.49
N ILE C 307 -15.15 8.85 43.38
CA ILE C 307 -14.14 8.59 44.41
C ILE C 307 -13.09 9.69 44.40
N VAL C 308 -12.65 10.11 43.22
CA VAL C 308 -11.67 11.19 43.15
C VAL C 308 -12.25 12.50 43.66
N LEU C 309 -13.50 12.79 43.30
CA LEU C 309 -14.11 14.05 43.71
C LEU C 309 -14.35 14.09 45.21
N ASN C 310 -14.94 13.02 45.76
CA ASN C 310 -15.32 13.02 47.17
C ASN C 310 -14.13 12.82 48.10
N GLU C 311 -13.19 11.95 47.73
CA GLU C 311 -12.18 11.49 48.66
C GLU C 311 -10.77 11.94 48.32
N TYR C 312 -10.56 12.58 47.18
CA TYR C 312 -9.25 13.10 46.79
C TYR C 312 -8.20 12.00 46.73
N LYS C 313 -8.60 10.79 46.39
CA LYS C 313 -7.69 9.66 46.29
C LYS C 313 -7.87 8.96 44.96
N ARG C 314 -6.76 8.59 44.33
CA ARG C 314 -6.81 7.89 43.06
C ARG C 314 -7.06 6.41 43.28
N CYS C 315 -7.34 5.70 42.18
CA CYS C 315 -7.69 4.29 42.27
C CYS C 315 -6.53 3.41 42.67
N ASP C 316 -5.30 3.90 42.57
CA ASP C 316 -4.13 3.16 43.01
C ASP C 316 -3.59 3.65 44.34
N GLY C 317 -4.31 4.54 45.02
CA GLY C 317 -4.01 4.91 46.38
C GLY C 317 -3.28 6.22 46.56
N ARG C 318 -2.66 6.76 45.52
CA ARG C 318 -1.89 7.98 45.73
C ARG C 318 -2.82 9.19 45.74
N ASP C 319 -2.26 10.35 46.02
CA ASP C 319 -3.05 11.58 46.08
C ASP C 319 -2.99 12.29 44.73
N LEU C 320 -3.55 13.48 44.66
CA LEU C 320 -3.74 14.13 43.37
C LEU C 320 -2.45 14.57 42.73
N THR C 321 -1.38 14.73 43.50
CA THR C 321 -0.15 15.30 42.98
C THR C 321 1.01 14.32 42.98
N SER C 322 0.79 13.07 43.33
CA SER C 322 1.88 12.11 43.46
C SER C 322 2.18 11.46 42.13
N LEU C 323 3.48 11.31 41.85
CA LEU C 323 3.91 10.57 40.68
C LEU C 323 3.91 9.07 40.96
N ARG C 324 3.87 8.29 39.88
CA ARG C 324 4.17 6.88 39.98
C ARG C 324 5.66 6.67 40.20
N ASN C 325 6.04 5.45 40.56
CA ASN C 325 7.45 5.13 40.74
C ASN C 325 8.19 5.27 39.42
N VAL C 326 9.34 5.93 39.47
CA VAL C 326 10.15 6.18 38.28
C VAL C 326 11.48 5.47 38.44
N SER C 327 11.85 4.68 37.45
CA SER C 327 13.14 4.01 37.41
C SER C 327 13.80 4.31 36.08
N CYS C 328 15.08 4.62 36.12
CA CYS C 328 15.85 4.93 34.93
C CYS C 328 17.06 4.01 34.86
N GLU C 329 17.58 3.87 33.65
CA GLU C 329 18.73 3.01 33.40
C GLU C 329 19.28 3.38 32.03
N VAL C 330 20.60 3.43 31.91
CA VAL C 330 21.23 3.77 30.65
C VAL C 330 22.30 2.74 30.33
N ASP C 331 22.72 2.74 29.06
CA ASP C 331 23.83 1.91 28.60
C ASP C 331 23.58 0.44 28.86
N MET C 332 22.53 -0.08 28.25
CA MET C 332 22.16 -1.47 28.43
C MET C 332 22.78 -2.41 27.41
N PHE C 333 23.09 -1.91 26.22
CA PHE C 333 23.65 -2.74 25.16
C PHE C 333 24.89 -2.06 24.61
N LYS C 334 25.97 -2.83 24.51
CA LYS C 334 27.28 -2.27 24.21
C LYS C 334 27.33 -1.64 22.83
N THR C 335 26.68 -2.25 21.84
CA THR C 335 26.84 -1.79 20.47
C THR C 335 25.97 -0.59 20.13
N LEU C 336 24.96 -0.27 20.93
CA LEU C 336 24.13 0.88 20.65
C LEU C 336 24.89 2.16 20.95
N HIS C 337 24.73 3.16 20.08
CA HIS C 337 25.39 4.44 20.32
C HIS C 337 24.89 5.10 21.59
N GLY C 338 23.65 4.84 21.97
CA GLY C 338 23.10 5.33 23.21
C GLY C 338 21.79 4.63 23.48
N SER C 339 21.53 4.30 24.73
CA SER C 339 20.30 3.60 25.04
C SER C 339 19.87 3.94 26.46
N ALA C 340 18.58 3.86 26.70
CA ALA C 340 18.01 4.12 28.01
C ALA C 340 16.73 3.35 28.15
N LEU C 341 16.48 2.86 29.35
CA LEU C 341 15.22 2.20 29.68
C LEU C 341 14.54 3.02 30.75
N PHE C 342 13.45 3.68 30.39
CA PHE C 342 12.71 4.53 31.31
C PHE C 342 11.44 3.82 31.75
N GLN C 343 11.24 3.71 33.04
CA GLN C 343 10.07 3.07 33.62
C GLN C 343 9.31 4.08 34.47
N ARG C 344 7.99 4.08 34.33
CA ARG C 344 7.12 4.97 35.10
C ARG C 344 5.85 4.19 35.39
N GLY C 345 5.75 3.68 36.62
CA GLY C 345 4.67 2.78 36.92
C GLY C 345 4.79 1.51 36.10
N GLN C 346 3.74 1.17 35.36
CA GLN C 346 3.78 0.04 34.46
C GLN C 346 3.98 0.45 33.01
N THR C 347 4.49 1.65 32.77
CA THR C 347 4.83 2.11 31.43
C THR C 347 6.33 2.00 31.26
N GLN C 348 6.76 1.21 30.30
CA GLN C 348 8.17 0.94 30.06
C GLN C 348 8.50 1.34 28.63
N VAL C 349 9.54 2.16 28.48
CA VAL C 349 9.93 2.64 27.17
C VAL C 349 11.43 2.44 27.04
N LEU C 350 11.85 1.90 25.91
CA LEU C 350 13.26 1.72 25.59
C LEU C 350 13.63 2.69 24.48
N CYS C 351 14.64 3.50 24.71
CA CYS C 351 15.03 4.55 23.78
C CYS C 351 16.43 4.29 23.27
N THR C 352 16.62 4.44 21.97
CA THR C 352 17.88 4.18 21.31
C THR C 352 18.29 5.42 20.52
N VAL C 353 19.58 5.73 20.52
CA VAL C 353 20.14 6.81 19.73
C VAL C 353 21.02 6.19 18.66
N THR C 354 20.83 6.61 17.42
CA THR C 354 21.63 6.16 16.30
C THR C 354 22.20 7.36 15.58
N PHE C 355 23.52 7.39 15.43
CA PHE C 355 24.16 8.42 14.63
C PHE C 355 24.27 7.92 13.19
N ASP C 356 23.94 8.80 12.25
CA ASP C 356 24.03 8.49 10.84
C ASP C 356 24.71 9.65 10.13
N SER C 357 25.01 9.45 8.85
CA SER C 357 25.65 10.50 8.09
C SER C 357 24.69 11.65 7.86
N LEU C 358 25.25 12.85 7.70
CA LEU C 358 24.41 14.01 7.44
C LEU C 358 23.64 13.87 6.13
N GLU C 359 24.20 13.15 5.16
CA GLU C 359 23.55 12.94 3.88
C GLU C 359 22.38 11.97 3.96
N SER C 360 22.20 11.28 5.08
CA SER C 360 21.09 10.36 5.22
C SER C 360 19.76 11.05 5.45
N GLY C 361 19.76 12.36 5.71
CA GLY C 361 18.54 13.10 5.89
C GLY C 361 17.84 13.54 4.62
N ILE C 362 18.39 13.20 3.46
CA ILE C 362 17.80 13.53 2.16
C ILE C 362 17.58 12.25 1.39
N LYS C 363 16.61 12.29 0.47
CA LYS C 363 16.19 11.11 -0.27
C LYS C 363 16.74 11.06 -1.69
N SER C 364 17.62 12.00 -2.06
CA SER C 364 18.30 11.98 -3.35
C SER C 364 17.34 12.16 -4.52
N ASP C 365 16.06 12.42 -4.24
CA ASP C 365 15.06 12.69 -5.24
C ASP C 365 14.23 13.89 -4.81
N GLN C 366 14.03 14.82 -5.74
CA GLN C 366 13.50 16.14 -5.38
C GLN C 366 12.14 16.03 -4.69
N VAL C 367 11.20 15.31 -5.30
CA VAL C 367 9.82 15.37 -4.84
C VAL C 367 9.66 14.70 -3.48
N ILE C 368 10.21 13.51 -3.32
CA ILE C 368 10.07 12.82 -2.04
C ILE C 368 10.86 13.53 -0.94
N THR C 369 12.01 14.12 -1.27
CA THR C 369 12.74 14.90 -0.27
C THR C 369 11.91 16.09 0.19
N ALA C 370 11.24 16.76 -0.75
CA ALA C 370 10.40 17.89 -0.37
C ALA C 370 9.15 17.43 0.39
N ILE C 371 8.64 16.23 0.09
CA ILE C 371 7.41 15.77 0.74
C ILE C 371 7.63 15.59 2.23
N ASN C 372 8.69 14.86 2.60
CA ASN C 372 8.96 14.63 4.01
C ASN C 372 9.74 15.76 4.65
N GLY C 373 10.28 16.68 3.86
CA GLY C 373 11.03 17.80 4.41
C GLY C 373 12.39 17.37 4.91
N ILE C 374 13.08 18.34 5.49
CA ILE C 374 14.37 18.11 6.12
C ILE C 374 14.31 18.68 7.54
N LYS C 375 14.76 17.89 8.51
CA LYS C 375 14.74 18.32 9.90
C LYS C 375 15.78 19.41 10.11
N ASP C 376 15.46 20.36 11.00
CA ASP C 376 16.29 21.55 11.13
C ASP C 376 17.67 21.22 11.67
N LYS C 377 17.74 20.47 12.78
CA LYS C 377 19.02 20.17 13.39
C LYS C 377 19.52 18.78 13.02
N ASN C 378 19.03 18.22 11.92
CA ASN C 378 19.29 16.84 11.55
C ASN C 378 18.90 15.90 12.69
N PHE C 379 17.76 16.18 13.30
CA PHE C 379 17.30 15.43 14.46
C PHE C 379 15.90 14.95 14.20
N MET C 380 15.64 13.68 14.47
CA MET C 380 14.29 13.15 14.34
C MET C 380 14.07 12.09 15.40
N LEU C 381 12.82 11.89 15.75
CA LEU C 381 12.43 10.89 16.72
C LEU C 381 11.38 9.99 16.09
N HIS C 382 11.58 8.69 16.19
CA HIS C 382 10.64 7.71 15.68
C HIS C 382 10.04 6.97 16.86
N TYR C 383 8.71 6.92 16.91
CA TYR C 383 7.99 6.38 18.05
C TYR C 383 7.20 5.16 17.58
N GLU C 384 7.39 4.04 18.28
CA GLU C 384 6.72 2.80 17.94
C GLU C 384 5.90 2.32 19.11
N PHE C 385 4.72 1.81 18.82
CA PHE C 385 3.80 1.28 19.83
C PHE C 385 3.40 -0.13 19.41
N PRO C 386 4.22 -1.12 19.68
CA PRO C 386 3.92 -2.47 19.22
C PRO C 386 2.70 -3.03 19.94
N PRO C 387 1.98 -3.95 19.31
CA PRO C 387 0.77 -4.51 19.94
C PRO C 387 1.03 -5.28 21.22
N TYR C 388 2.20 -5.87 21.39
CA TYR C 388 2.45 -6.59 22.63
C TYR C 388 2.60 -5.68 23.83
N ALA C 389 2.75 -4.37 23.62
CA ALA C 389 2.82 -3.44 24.73
C ALA C 389 1.56 -3.44 25.56
N THR C 390 0.44 -3.85 24.99
CA THR C 390 -0.80 -4.01 25.73
C THR C 390 -1.33 -5.44 25.65
N ASN C 391 -0.45 -6.41 25.37
CA ASN C 391 -0.84 -7.81 25.25
C ASN C 391 -1.94 -7.97 24.20
N GLU C 392 -1.76 -7.33 23.06
CA GLU C 392 -2.72 -7.36 21.98
C GLU C 392 -2.07 -7.89 20.71
N ILE C 393 -2.90 -8.17 19.72
CA ILE C 393 -2.45 -8.58 18.40
C ILE C 393 -2.82 -7.48 17.42
N GLY C 394 -1.85 -7.06 16.61
CA GLY C 394 -2.12 -5.99 15.68
C GLY C 394 -1.17 -5.99 14.51
N LYS C 395 -1.57 -5.28 13.47
CA LYS C 395 -0.73 -5.11 12.30
C LYS C 395 0.55 -4.39 12.68
N VAL C 396 1.68 -4.90 12.20
CA VAL C 396 2.97 -4.39 12.65
C VAL C 396 3.63 -3.47 11.63
N THR C 397 3.21 -3.50 10.37
CA THR C 397 3.80 -2.62 9.38
C THR C 397 3.02 -1.32 9.29
N GLY C 398 3.75 -0.22 9.11
CA GLY C 398 3.14 1.10 9.05
C GLY C 398 2.81 1.68 10.40
N LEU C 399 2.86 3.00 10.51
CA LEU C 399 2.53 3.71 11.74
C LEU C 399 1.15 4.32 11.61
N ASN C 400 0.30 4.10 12.61
CA ASN C 400 -1.00 4.73 12.61
C ASN C 400 -0.86 6.21 12.96
N ARG C 401 -2.00 6.89 13.05
CA ARG C 401 -1.96 8.32 13.30
C ARG C 401 -1.47 8.64 14.71
N ARG C 402 -1.81 7.82 15.71
CA ARG C 402 -1.30 8.08 17.07
C ARG C 402 0.24 7.99 17.07
N GLU C 403 0.80 6.98 16.44
CA GLU C 403 2.26 6.86 16.46
C GLU C 403 2.92 8.06 15.80
N LEU C 404 2.34 8.57 14.72
CA LEU C 404 2.85 9.77 14.10
C LEU C 404 2.70 10.97 15.02
N GLY C 405 1.56 11.09 15.70
CA GLY C 405 1.36 12.22 16.59
C GLY C 405 2.26 12.19 17.81
N HIS C 406 2.36 11.03 18.45
CA HIS C 406 3.20 10.91 19.65
C HIS C 406 4.66 11.09 19.31
N GLY C 407 5.08 10.62 18.14
CA GLY C 407 6.46 10.80 17.75
C GLY C 407 6.81 12.26 17.53
N ALA C 408 5.92 13.02 16.90
CA ALA C 408 6.18 14.43 16.70
C ALA C 408 6.11 15.20 18.02
N LEU C 409 5.23 14.79 18.93
CA LEU C 409 5.14 15.43 20.23
C LEU C 409 6.42 15.25 21.02
N ALA C 410 6.93 14.01 21.08
CA ALA C 410 8.18 13.77 21.78
C ALA C 410 9.35 14.46 21.10
N GLU C 411 9.34 14.50 19.77
CA GLU C 411 10.42 15.19 19.06
C GLU C 411 10.40 16.68 19.34
N LYS C 412 9.21 17.28 19.42
CA LYS C 412 9.11 18.69 19.76
C LYS C 412 9.62 18.94 21.18
N ALA C 413 9.34 18.02 22.10
CA ALA C 413 9.79 18.18 23.47
C ALA C 413 11.31 18.21 23.55
N LEU C 414 11.99 17.37 22.78
CA LEU C 414 13.44 17.29 22.84
C LEU C 414 14.14 18.23 21.90
N TYR C 415 13.43 18.81 20.95
CA TYR C 415 14.09 19.63 19.93
C TYR C 415 14.84 20.83 20.48
N PRO C 416 14.29 21.62 21.41
CA PRO C 416 15.01 22.84 21.83
C PRO C 416 16.36 22.59 22.45
N VAL C 417 16.56 21.46 23.13
CA VAL C 417 17.84 21.21 23.77
C VAL C 417 18.86 20.57 22.86
N ILE C 418 18.48 20.18 21.65
CA ILE C 418 19.42 19.53 20.73
C ILE C 418 20.45 20.56 20.27
N PRO C 419 21.73 20.24 20.30
CA PRO C 419 22.74 21.18 19.82
C PRO C 419 22.66 21.35 18.31
N ARG C 420 23.14 22.48 17.85
CA ARG C 420 23.31 22.67 16.41
C ARG C 420 24.66 22.14 15.97
N ASP C 421 24.85 22.11 14.65
CA ASP C 421 26.12 21.76 14.01
C ASP C 421 26.73 20.46 14.54
N PHE C 422 25.89 19.53 14.96
CA PHE C 422 26.40 18.21 15.31
C PHE C 422 26.91 17.51 14.06
N PRO C 423 28.02 16.76 14.16
CA PRO C 423 28.58 16.13 12.96
C PRO C 423 27.72 15.04 12.35
N PHE C 424 26.75 14.48 13.07
CA PHE C 424 25.98 13.35 12.57
C PHE C 424 24.49 13.63 12.68
N THR C 425 23.72 12.95 11.83
CA THR C 425 22.28 12.92 11.99
C THR C 425 21.92 12.14 13.23
N ILE C 426 21.05 12.69 14.06
CA ILE C 426 20.64 12.06 15.31
C ILE C 426 19.25 11.47 15.11
N ARG C 427 19.14 10.16 15.22
CA ARG C 427 17.85 9.48 15.19
C ARG C 427 17.61 8.87 16.56
N VAL C 428 16.49 9.19 17.16
CA VAL C 428 16.07 8.62 18.42
C VAL C 428 14.89 7.71 18.15
N THR C 429 14.99 6.47 18.60
CA THR C 429 13.91 5.51 18.45
C THR C 429 13.38 5.18 19.84
N SER C 430 12.09 5.39 20.04
CA SER C 430 11.43 5.05 21.29
C SER C 430 10.44 3.93 21.04
N GLU C 431 10.58 2.84 21.77
CA GLU C 431 9.71 1.69 21.65
C GLU C 431 9.01 1.45 22.97
N VAL C 432 7.69 1.42 22.93
CA VAL C 432 6.88 1.21 24.13
C VAL C 432 6.79 -0.29 24.36
N LEU C 433 7.54 -0.78 25.35
CA LEU C 433 7.47 -2.20 25.67
C LEU C 433 6.25 -2.52 26.53
N GLU C 434 5.88 -1.62 27.44
CA GLU C 434 4.67 -1.74 28.24
C GLU C 434 4.01 -0.38 28.32
N SER C 435 2.69 -0.35 28.34
CA SER C 435 1.96 0.90 28.39
C SER C 435 0.85 0.83 29.41
N ASN C 436 0.83 1.80 30.33
CA ASN C 436 -0.27 2.01 31.26
C ASN C 436 -0.49 3.50 31.46
N GLY C 437 -0.07 4.30 30.52
CA GLY C 437 -0.09 5.72 30.80
C GLY C 437 0.57 6.48 29.66
N SER C 438 1.33 7.50 30.02
CA SER C 438 1.90 8.39 29.04
C SER C 438 3.24 7.85 28.57
N SER C 439 3.20 6.98 27.57
CA SER C 439 4.42 6.53 26.93
C SER C 439 5.03 7.59 26.05
N SER C 440 4.23 8.53 25.53
CA SER C 440 4.79 9.60 24.72
C SER C 440 5.63 10.54 25.58
N MET C 441 5.19 10.83 26.80
CA MET C 441 6.03 11.62 27.70
C MET C 441 7.20 10.81 28.25
N ALA C 442 7.01 9.51 28.48
CA ALA C 442 8.14 8.67 28.84
C ALA C 442 9.15 8.60 27.71
N SER C 443 8.71 8.80 26.47
CA SER C 443 9.64 8.84 25.35
C SER C 443 10.51 10.08 25.38
N ALA C 444 9.98 11.19 25.89
CA ALA C 444 10.79 12.39 26.02
C ALA C 444 11.81 12.27 27.14
N CYS C 445 11.40 11.67 28.27
CA CYS C 445 12.33 11.44 29.36
C CYS C 445 13.39 10.41 28.97
N GLY C 446 12.95 9.27 28.44
CA GLY C 446 13.90 8.26 28.02
C GLY C 446 14.79 8.72 26.89
N GLY C 447 14.23 9.49 25.96
CA GLY C 447 15.04 10.06 24.91
C GLY C 447 16.09 11.01 25.44
N SER C 448 15.75 11.75 26.48
CA SER C 448 16.72 12.65 27.11
C SER C 448 17.86 11.88 27.74
N LEU C 449 17.55 10.77 28.43
CA LEU C 449 18.59 9.95 29.04
C LEU C 449 19.48 9.32 27.98
N ALA C 450 18.88 8.76 26.93
CA ALA C 450 19.67 8.12 25.89
C ALA C 450 20.54 9.10 25.14
N LEU C 451 20.09 10.34 24.99
CA LEU C 451 20.91 11.34 24.34
C LEU C 451 22.14 11.68 25.16
N MET C 452 21.98 11.78 26.48
CA MET C 452 23.15 12.00 27.34
C MET C 452 24.05 10.77 27.34
N ASP C 453 23.46 9.58 27.41
CA ASP C 453 24.26 8.36 27.37
C ASP C 453 25.02 8.22 26.06
N SER C 454 24.49 8.77 24.99
CA SER C 454 25.18 8.67 23.71
C SER C 454 26.22 9.75 23.52
N GLY C 455 26.35 10.68 24.45
CA GLY C 455 27.34 11.72 24.33
C GLY C 455 26.93 12.93 23.53
N VAL C 456 25.66 13.09 23.19
CA VAL C 456 25.19 14.31 22.54
C VAL C 456 25.10 15.41 23.58
N PRO C 457 25.75 16.55 23.37
CA PRO C 457 25.76 17.61 24.39
C PRO C 457 24.48 18.44 24.40
N ILE C 458 23.40 17.85 24.91
CA ILE C 458 22.15 18.58 24.98
C ILE C 458 22.24 19.66 26.04
N SER C 459 21.44 20.71 25.87
CA SER C 459 21.48 21.86 26.77
C SER C 459 21.04 21.48 28.17
N SER C 460 19.98 20.69 28.28
CA SER C 460 19.45 20.35 29.59
C SER C 460 18.62 19.09 29.45
N ALA C 461 18.39 18.42 30.57
CA ALA C 461 17.50 17.27 30.57
C ALA C 461 16.06 17.71 30.35
N VAL C 462 15.30 16.85 29.68
CA VAL C 462 13.90 17.13 29.35
C VAL C 462 13.05 16.04 29.98
N ALA C 463 11.97 16.45 30.63
CA ALA C 463 11.01 15.52 31.19
C ALA C 463 9.61 15.96 30.79
N GLY C 464 8.72 14.99 30.64
CA GLY C 464 7.34 15.28 30.36
C GLY C 464 6.45 14.57 31.35
N VAL C 465 5.21 15.02 31.43
CA VAL C 465 4.22 14.44 32.32
C VAL C 465 2.85 14.70 31.72
N ALA C 466 1.88 13.88 32.10
CA ALA C 466 0.51 14.03 31.65
C ALA C 466 -0.37 14.34 32.84
N ILE C 467 -1.18 15.39 32.72
CA ILE C 467 -2.10 15.82 33.77
C ILE C 467 -3.51 15.46 33.34
N GLY C 468 -4.22 14.76 34.21
CA GLY C 468 -5.62 14.46 33.99
C GLY C 468 -6.53 15.49 34.62
N LEU C 469 -7.83 15.22 34.52
CA LEU C 469 -8.84 16.14 35.04
C LEU C 469 -10.12 15.38 35.26
N VAL C 470 -10.74 15.59 36.42
CA VAL C 470 -12.07 15.05 36.71
C VAL C 470 -12.93 16.22 37.17
N THR C 471 -14.08 16.41 36.54
CA THR C 471 -14.95 17.52 36.82
C THR C 471 -16.33 17.03 37.22
N LYS C 472 -17.06 17.88 37.92
CA LYS C 472 -18.48 17.70 38.20
C LYS C 472 -19.22 18.90 37.64
N THR C 473 -20.01 18.70 36.61
CA THR C 473 -20.69 19.78 35.92
C THR C 473 -22.18 19.76 36.21
N ASP C 474 -22.79 20.93 36.06
CA ASP C 474 -24.24 21.02 36.19
C ASP C 474 -24.91 20.25 35.06
N PRO C 475 -25.88 19.40 35.35
CA PRO C 475 -26.50 18.61 34.27
C PRO C 475 -27.14 19.44 33.19
N GLU C 476 -27.75 20.57 33.55
CA GLU C 476 -28.42 21.43 32.59
C GLU C 476 -27.65 22.71 32.31
N LYS C 477 -27.16 23.37 33.36
CA LYS C 477 -26.40 24.61 33.14
C LYS C 477 -25.11 24.34 32.39
N GLY C 478 -24.42 23.24 32.71
CA GLY C 478 -23.20 22.88 32.05
C GLY C 478 -21.94 23.49 32.64
N GLU C 479 -22.07 24.32 33.66
CA GLU C 479 -20.88 24.90 34.28
C GLU C 479 -20.16 23.89 35.14
N ILE C 480 -18.85 24.07 35.27
CA ILE C 480 -18.02 23.18 36.09
C ILE C 480 -18.13 23.62 37.54
N GLU C 481 -18.80 22.82 38.36
CA GLU C 481 -18.93 23.13 39.77
C GLU C 481 -17.60 22.98 40.50
N ASP C 482 -16.93 21.86 40.30
CA ASP C 482 -15.64 21.62 40.95
C ASP C 482 -14.88 20.57 40.16
N TYR C 483 -13.57 20.54 40.38
CA TYR C 483 -12.70 19.69 39.56
C TYR C 483 -11.48 19.30 40.36
N ARG C 484 -10.83 18.22 39.94
CA ARG C 484 -9.57 17.75 40.48
C ARG C 484 -8.59 17.57 39.34
N LEU C 485 -7.38 18.10 39.51
CA LEU C 485 -6.30 17.88 38.57
C LEU C 485 -5.41 16.75 39.08
N LEU C 486 -5.16 15.77 38.22
CA LEU C 486 -4.42 14.57 38.59
C LEU C 486 -3.06 14.56 37.92
N THR C 487 -2.03 14.22 38.68
CA THR C 487 -0.67 14.20 38.19
C THR C 487 -0.30 12.78 37.77
N ASP C 488 0.24 12.64 36.55
CA ASP C 488 0.79 11.38 36.06
C ASP C 488 -0.27 10.28 36.01
N ILE C 489 -1.28 10.50 35.16
CA ILE C 489 -2.47 9.66 35.20
C ILE C 489 -2.19 8.27 34.63
N LEU C 490 -2.95 7.30 35.12
CA LEU C 490 -2.95 5.97 34.55
C LEU C 490 -3.82 5.95 33.30
N GLY C 491 -3.82 4.83 32.60
CA GLY C 491 -4.67 4.69 31.43
C GLY C 491 -6.14 4.80 31.77
N ILE C 492 -6.55 4.18 32.88
CA ILE C 492 -7.96 4.22 33.26
C ILE C 492 -8.38 5.64 33.63
N GLU C 493 -7.47 6.42 34.21
CA GLU C 493 -7.79 7.81 34.53
C GLU C 493 -7.88 8.66 33.27
N ASP C 494 -7.12 8.32 32.24
CA ASP C 494 -7.28 9.01 30.96
C ASP C 494 -8.59 8.59 30.28
N TYR C 495 -8.94 7.32 30.39
CA TYR C 495 -10.15 6.82 29.75
C TYR C 495 -11.40 7.39 30.42
N ASN C 496 -11.41 7.46 31.74
CA ASN C 496 -12.55 7.97 32.49
C ASN C 496 -12.44 9.45 32.80
N GLY C 497 -11.37 10.11 32.41
CA GLY C 497 -11.15 11.50 32.73
C GLY C 497 -11.75 12.44 31.71
N ASP C 498 -11.29 13.68 31.75
CA ASP C 498 -11.77 14.72 30.84
C ASP C 498 -10.68 15.35 30.00
N MET C 499 -9.42 14.98 30.21
CA MET C 499 -8.32 15.71 29.62
C MET C 499 -7.07 14.87 29.70
N ASP C 500 -6.27 14.91 28.65
CA ASP C 500 -4.94 14.29 28.63
C ASP C 500 -3.97 15.42 28.32
N PHE C 501 -3.53 16.09 29.37
CA PHE C 501 -2.74 17.32 29.27
C PHE C 501 -1.27 16.96 29.34
N LYS C 502 -0.67 16.70 28.19
CA LYS C 502 0.73 16.29 28.13
C LYS C 502 1.60 17.52 27.93
N ILE C 503 2.55 17.73 28.83
CA ILE C 503 3.44 18.87 28.76
C ILE C 503 4.84 18.45 29.16
N ALA C 504 5.84 18.98 28.46
CA ALA C 504 7.22 18.63 28.70
C ALA C 504 8.07 19.88 28.71
N GLY C 505 9.20 19.81 29.39
CA GLY C 505 10.12 20.93 29.38
C GLY C 505 11.33 20.60 30.22
N THR C 506 12.23 21.57 30.29
CA THR C 506 13.40 21.47 31.14
C THR C 506 13.04 21.97 32.55
N ASN C 507 14.04 22.08 33.41
CA ASN C 507 13.78 22.57 34.75
C ASN C 507 13.46 24.05 34.79
N LYS C 508 13.69 24.78 33.70
CA LYS C 508 13.47 26.22 33.69
C LYS C 508 12.53 26.69 32.59
N GLY C 509 11.88 25.78 31.87
CA GLY C 509 11.03 26.23 30.78
C GLY C 509 10.16 25.11 30.26
N ILE C 510 9.37 25.46 29.25
CA ILE C 510 8.43 24.55 28.61
C ILE C 510 8.85 24.40 27.15
N THR C 511 8.89 23.16 26.66
CA THR C 511 9.28 22.92 25.29
C THR C 511 8.14 22.38 24.42
N ALA C 512 7.14 21.72 25.00
CA ALA C 512 6.07 21.18 24.19
C ALA C 512 4.85 20.98 25.06
N LEU C 513 3.69 20.95 24.41
CA LEU C 513 2.42 20.79 25.09
C LEU C 513 1.40 20.26 24.10
N GLN C 514 0.51 19.40 24.58
CA GLN C 514 -0.58 18.90 23.75
C GLN C 514 -1.74 18.57 24.67
N ALA C 515 -2.81 19.33 24.58
CA ALA C 515 -3.98 19.16 25.43
C ALA C 515 -5.09 18.48 24.63
N ASP C 516 -5.41 17.26 25.01
CA ASP C 516 -6.50 16.49 24.41
C ASP C 516 -7.70 16.59 25.34
N ILE C 517 -8.63 17.48 25.04
CA ILE C 517 -9.76 17.76 25.91
C ILE C 517 -10.97 16.97 25.41
N LYS C 518 -11.54 16.14 26.29
CA LYS C 518 -12.75 15.42 25.96
C LYS C 518 -14.02 16.22 26.25
N LEU C 519 -13.95 17.21 27.13
CA LEU C 519 -15.08 18.07 27.38
C LEU C 519 -15.26 19.04 26.22
N PRO C 520 -16.46 19.61 26.07
CA PRO C 520 -16.67 20.66 25.06
C PRO C 520 -16.10 22.02 25.47
N GLY C 521 -14.82 22.04 25.75
CA GLY C 521 -14.16 23.23 26.25
C GLY C 521 -14.01 23.21 27.76
N ILE C 522 -12.93 23.81 28.24
CA ILE C 522 -12.68 23.95 29.67
C ILE C 522 -12.27 25.38 29.95
N PRO C 523 -12.52 25.89 31.15
CA PRO C 523 -12.12 27.27 31.46
C PRO C 523 -10.62 27.43 31.43
N ILE C 524 -10.18 28.65 31.12
CA ILE C 524 -8.75 28.92 31.06
C ILE C 524 -8.08 28.82 32.42
N LYS C 525 -8.83 28.99 33.51
CA LYS C 525 -8.21 28.85 34.84
C LYS C 525 -7.73 27.43 35.07
N ILE C 526 -8.49 26.44 34.62
CA ILE C 526 -8.10 25.06 34.76
C ILE C 526 -6.83 24.77 33.96
N VAL C 527 -6.71 25.36 32.78
CA VAL C 527 -5.51 25.18 31.98
C VAL C 527 -4.30 25.75 32.68
N MET C 528 -4.43 26.93 33.27
CA MET C 528 -3.31 27.55 33.97
C MET C 528 -2.89 26.71 35.16
N GLU C 529 -3.84 26.19 35.92
CA GLU C 529 -3.51 25.37 37.08
C GLU C 529 -2.85 24.06 36.66
N ALA C 530 -3.27 23.48 35.54
CA ALA C 530 -2.66 22.25 35.06
C ALA C 530 -1.21 22.48 34.67
N ILE C 531 -0.92 23.62 34.04
CA ILE C 531 0.45 23.93 33.68
C ILE C 531 1.31 24.08 34.92
N GLN C 532 0.78 24.75 35.95
CA GLN C 532 1.54 24.90 37.17
C GLN C 532 1.73 23.57 37.89
N GLN C 533 0.67 22.75 37.96
CA GLN C 533 0.78 21.46 38.63
C GLN C 533 1.80 20.57 37.93
N ALA C 534 1.87 20.66 36.61
CA ALA C 534 2.83 19.87 35.86
C ALA C 534 4.26 20.34 36.08
N SER C 535 4.45 21.62 36.36
CA SER C 535 5.80 22.12 36.59
C SER C 535 6.38 21.53 37.87
N VAL C 536 5.56 21.35 38.90
CA VAL C 536 6.03 20.71 40.12
C VAL C 536 6.38 19.26 39.86
N ALA C 537 5.53 18.54 39.14
CA ALA C 537 5.80 17.14 38.84
C ALA C 537 7.05 16.99 38.00
N LYS C 538 7.24 17.88 37.03
CA LYS C 538 8.39 17.80 36.16
C LYS C 538 9.69 17.96 36.93
N LYS C 539 9.69 18.79 37.98
CA LYS C 539 10.89 18.95 38.78
C LYS C 539 11.28 17.65 39.48
N GLU C 540 10.29 16.95 40.04
CA GLU C 540 10.57 15.70 40.72
C GLU C 540 11.13 14.65 39.77
N ILE C 541 10.55 14.56 38.57
CA ILE C 541 11.02 13.57 37.61
C ILE C 541 12.45 13.87 37.19
N LEU C 542 12.78 15.15 37.01
CA LEU C 542 14.14 15.51 36.63
C LEU C 542 15.13 15.19 37.72
N GLN C 543 14.73 15.28 38.99
CA GLN C 543 15.63 14.91 40.07
C GLN C 543 15.95 13.43 40.03
N ILE C 544 14.95 12.59 39.80
CA ILE C 544 15.17 11.16 39.66
C ILE C 544 16.05 10.88 38.44
N MET C 545 15.78 11.57 37.33
CA MET C 545 16.56 11.35 36.11
C MET C 545 18.01 11.71 36.31
N ASN C 546 18.28 12.78 37.07
CA ASN C 546 19.65 13.25 37.21
C ASN C 546 20.50 12.29 38.02
N LYS C 547 19.89 11.49 38.89
CA LYS C 547 20.66 10.51 39.64
C LYS C 547 21.24 9.44 38.73
N THR C 548 20.46 8.99 37.73
CA THR C 548 20.96 8.02 36.77
C THR C 548 22.05 8.62 35.91
N ILE C 549 21.79 9.78 35.31
CA ILE C 549 22.81 10.50 34.57
C ILE C 549 22.43 11.96 34.56
N SER C 550 23.38 12.83 34.90
CA SER C 550 23.11 14.25 35.04
C SER C 550 23.67 15.09 33.92
N LYS C 551 24.75 14.65 33.29
CA LYS C 551 25.37 15.39 32.20
C LYS C 551 25.73 14.41 31.10
N PRO C 552 25.82 14.88 29.86
CA PRO C 552 26.23 13.99 28.77
C PRO C 552 27.64 13.47 28.99
N ARG C 553 27.88 12.25 28.51
CA ARG C 553 29.21 11.69 28.59
C ARG C 553 30.18 12.50 27.75
N ALA C 554 31.43 12.54 28.21
CA ALA C 554 32.41 13.48 27.65
C ALA C 554 32.68 13.23 26.17
N SER C 555 32.41 12.03 25.68
CA SER C 555 32.63 11.72 24.27
C SER C 555 31.68 10.62 23.87
N ARG C 556 31.50 10.48 22.55
CA ARG C 556 30.70 9.39 22.04
C ARG C 556 31.40 8.06 22.33
N LYS C 557 30.66 6.97 22.19
CA LYS C 557 31.22 5.66 22.41
C LYS C 557 32.33 5.37 21.41
N GLU C 558 33.34 4.62 21.86
CA GLU C 558 34.50 4.36 21.02
C GLU C 558 34.15 3.55 19.78
N ASN C 559 33.08 2.74 19.85
CA ASN C 559 32.63 1.94 18.72
C ASN C 559 31.53 2.64 17.93
N GLY C 560 31.49 3.97 17.96
CA GLY C 560 30.50 4.72 17.22
C GLY C 560 30.98 5.09 15.84
N PRO C 561 30.16 5.84 15.11
CA PRO C 561 30.51 6.18 13.74
C PRO C 561 31.73 7.08 13.66
N VAL C 562 32.41 6.99 12.52
CA VAL C 562 33.57 7.82 12.23
C VAL C 562 33.42 8.38 10.83
N VAL C 563 34.05 9.54 10.60
CA VAL C 563 34.07 10.17 9.29
C VAL C 563 35.52 10.46 8.95
N GLU C 564 35.97 9.93 7.82
CA GLU C 564 37.35 10.10 7.40
C GLU C 564 37.40 10.55 5.94
N THR C 565 38.55 11.07 5.55
CA THR C 565 38.77 11.61 4.22
C THR C 565 39.84 10.78 3.52
N VAL C 566 39.56 10.37 2.29
CA VAL C 566 40.50 9.59 1.49
C VAL C 566 40.76 10.35 0.20
N GLN C 567 42.02 10.35 -0.22
CA GLN C 567 42.45 11.04 -1.44
C GLN C 567 42.67 10.02 -2.54
N VAL C 568 42.00 10.23 -3.67
CA VAL C 568 42.23 9.39 -4.84
C VAL C 568 42.67 10.29 -5.99
N PRO C 569 43.67 9.90 -6.77
CA PRO C 569 44.12 10.74 -7.89
C PRO C 569 43.10 10.70 -9.02
N LEU C 570 43.29 11.62 -9.97
CA LEU C 570 42.44 11.63 -11.15
C LEU C 570 42.63 10.37 -11.96
N SER C 571 43.85 9.87 -12.04
CA SER C 571 44.12 8.66 -12.83
C SER C 571 43.37 7.46 -12.28
N LYS C 572 43.35 7.32 -10.95
CA LYS C 572 42.67 6.21 -10.32
C LYS C 572 41.19 6.49 -10.08
N ARG C 573 40.73 7.70 -10.39
CA ARG C 573 39.36 8.08 -10.08
C ARG C 573 38.35 7.22 -10.85
N ALA C 574 38.59 6.99 -12.13
CA ALA C 574 37.65 6.22 -12.93
C ALA C 574 37.55 4.79 -12.44
N LYS C 575 38.70 4.17 -12.14
CA LYS C 575 38.69 2.82 -11.62
C LYS C 575 38.03 2.76 -10.25
N PHE C 576 38.30 3.75 -9.40
CA PHE C 576 37.78 3.74 -8.04
C PHE C 576 36.27 3.86 -8.03
N VAL C 577 35.73 4.86 -8.72
CA VAL C 577 34.29 5.08 -8.72
C VAL C 577 33.59 3.98 -9.52
N GLY C 578 34.14 3.63 -10.67
CA GLY C 578 33.56 2.60 -11.50
C GLY C 578 32.62 3.17 -12.54
N PRO C 579 32.04 2.29 -13.35
CA PRO C 579 31.05 2.75 -14.35
C PRO C 579 29.77 3.24 -13.72
N GLY C 580 29.49 4.53 -13.84
CA GLY C 580 28.30 5.12 -13.24
C GLY C 580 28.28 5.01 -11.73
N GLY C 581 29.44 5.13 -11.10
CA GLY C 581 29.52 4.98 -9.65
C GLY C 581 29.17 3.58 -9.18
N TYR C 582 29.53 2.56 -9.95
CA TYR C 582 29.14 1.21 -9.59
C TYR C 582 29.91 0.71 -8.38
N ASN C 583 31.22 0.94 -8.34
CA ASN C 583 32.03 0.41 -7.25
C ASN C 583 31.66 1.06 -5.93
N LEU C 584 31.35 2.36 -5.94
CA LEU C 584 30.97 3.03 -4.71
C LEU C 584 29.70 2.44 -4.13
N LYS C 585 28.72 2.15 -4.97
CA LYS C 585 27.47 1.60 -4.48
C LYS C 585 27.61 0.14 -4.07
N LYS C 586 28.47 -0.62 -4.75
CA LYS C 586 28.72 -1.99 -4.31
C LYS C 586 29.39 -2.01 -2.94
N LEU C 587 30.36 -1.13 -2.72
CA LEU C 587 30.97 -1.02 -1.41
C LEU C 587 29.96 -0.54 -0.37
N GLN C 588 29.11 0.41 -0.76
CA GLN C 588 28.09 0.92 0.15
C GLN C 588 27.12 -0.15 0.60
N ALA C 589 27.03 -1.26 -0.13
CA ALA C 589 26.09 -2.32 0.19
C ALA C 589 26.72 -3.50 0.90
N GLU C 590 28.01 -3.75 0.67
CA GLU C 590 28.68 -4.87 1.31
C GLU C 590 29.30 -4.51 2.65
N THR C 591 29.44 -3.22 2.96
CA THR C 591 29.99 -2.79 4.25
C THR C 591 29.14 -1.77 4.97
N GLY C 592 28.23 -1.08 4.29
CA GLY C 592 27.41 -0.07 4.92
C GLY C 592 28.01 1.31 4.98
N VAL C 593 29.24 1.49 4.54
CA VAL C 593 29.87 2.80 4.57
C VAL C 593 29.37 3.62 3.39
N THR C 594 29.32 4.93 3.57
CA THR C 594 28.85 5.86 2.54
C THR C 594 30.01 6.72 2.10
N ILE C 595 30.29 6.73 0.80
CA ILE C 595 31.37 7.52 0.22
C ILE C 595 30.74 8.62 -0.61
N SER C 596 31.08 9.87 -0.30
CA SER C 596 30.54 11.02 -1.00
C SER C 596 31.70 11.87 -1.50
N GLN C 597 31.64 12.26 -2.77
CA GLN C 597 32.65 13.13 -3.33
C GLN C 597 32.59 14.51 -2.69
N VAL C 598 33.77 15.04 -2.35
CA VAL C 598 33.88 16.39 -1.82
C VAL C 598 34.40 17.36 -2.86
N ASP C 599 35.48 16.99 -3.54
CA ASP C 599 35.97 17.75 -4.67
C ASP C 599 36.64 16.78 -5.63
N GLU C 600 37.45 17.29 -6.56
CA GLU C 600 38.07 16.44 -7.58
C GLU C 600 39.01 15.41 -6.98
N GLU C 601 39.54 15.66 -5.78
CA GLU C 601 40.55 14.79 -5.19
C GLU C 601 40.10 14.10 -3.91
N THR C 602 38.99 14.52 -3.32
CA THR C 602 38.61 14.11 -1.98
C THR C 602 37.32 13.31 -2.00
N PHE C 603 37.32 12.21 -1.25
CA PHE C 603 36.11 11.45 -0.99
C PHE C 603 35.93 11.33 0.51
N SER C 604 34.75 11.62 0.99
CA SER C 604 34.46 11.57 2.42
C SER C 604 33.75 10.27 2.74
N VAL C 605 34.31 9.50 3.65
CA VAL C 605 33.80 8.18 4.00
C VAL C 605 33.15 8.28 5.37
N PHE C 606 31.90 7.86 5.46
CA PHE C 606 31.21 7.72 6.73
C PHE C 606 31.05 6.23 7.01
N ALA C 607 31.44 5.80 8.20
CA ALA C 607 31.37 4.40 8.55
C ALA C 607 30.63 4.25 9.87
N PRO C 608 29.61 3.37 9.92
CA PRO C 608 28.86 3.22 11.18
C PRO C 608 29.71 2.75 12.35
N THR C 609 30.72 1.93 12.11
CA THR C 609 31.60 1.42 13.15
C THR C 609 33.04 1.55 12.69
N PRO C 610 34.00 1.60 13.62
CA PRO C 610 35.41 1.60 13.21
C PRO C 610 35.80 0.34 12.46
N SER C 611 35.15 -0.79 12.74
CA SER C 611 35.42 -2.00 11.97
C SER C 611 34.99 -1.85 10.52
N ALA C 612 33.82 -1.25 10.29
CA ALA C 612 33.36 -1.02 8.92
C ALA C 612 34.27 -0.05 8.20
N MET C 613 34.80 0.95 8.91
CA MET C 613 35.79 1.82 8.30
C MET C 613 37.04 1.06 7.93
N HIS C 614 37.44 0.12 8.77
CA HIS C 614 38.67 -0.63 8.50
C HIS C 614 38.53 -1.48 7.25
N GLU C 615 37.46 -2.26 7.16
CA GLU C 615 37.29 -3.13 5.99
C GLU C 615 37.06 -2.30 4.73
N ALA C 616 36.32 -1.19 4.83
CA ALA C 616 36.19 -0.30 3.69
C ALA C 616 37.54 0.28 3.28
N ARG C 617 38.36 0.64 4.26
CA ARG C 617 39.68 1.18 3.94
C ARG C 617 40.54 0.14 3.24
N ASP C 618 40.32 -1.14 3.53
CA ASP C 618 41.00 -2.19 2.77
C ASP C 618 40.51 -2.23 1.34
N PHE C 619 39.22 -1.97 1.13
CA PHE C 619 38.67 -1.96 -0.22
C PHE C 619 39.28 -0.84 -1.05
N ILE C 620 39.44 0.35 -0.47
CA ILE C 620 39.98 1.48 -1.23
C ILE C 620 41.41 1.20 -1.66
N THR C 621 42.25 0.72 -0.75
CA THR C 621 43.67 0.60 -1.06
C THR C 621 43.93 -0.48 -2.10
N GLU C 622 43.21 -1.61 -2.02
CA GLU C 622 43.40 -2.66 -3.02
C GLU C 622 42.93 -2.22 -4.40
N ILE C 623 41.80 -1.50 -4.45
CA ILE C 623 41.29 -1.03 -5.73
C ILE C 623 42.07 0.15 -6.25
N CYS C 624 42.87 0.80 -5.42
CA CYS C 624 43.71 1.90 -5.85
C CYS C 624 45.17 1.45 -5.92
P PO4 E . -18.77 11.27 -15.88
O1 PO4 E . -18.81 11.97 -14.49
O2 PO4 E . -18.48 9.74 -15.67
O3 PO4 E . -20.14 11.42 -16.59
O4 PO4 E . -17.65 11.90 -16.74
P PO4 F . 4.79 -26.11 -4.12
O1 PO4 F . 3.63 -25.76 -5.11
O2 PO4 F . 4.85 -27.64 -3.90
O3 PO4 F . 6.14 -25.62 -4.73
O4 PO4 F . 4.54 -25.40 -2.76
P PO4 G . -0.07 8.00 25.83
O1 PO4 G . 1.08 8.98 25.73
O2 PO4 G . -1.00 8.18 24.66
O3 PO4 G . 0.47 6.60 25.83
O4 PO4 G . -0.84 8.26 27.10
#